data_7H2V
# 
_entry.id   7H2V 
# 
_audit_conform.dict_name       mmcif_pdbx.dic 
_audit_conform.dict_version    5.397 
_audit_conform.dict_location   http://mmcif.pdb.org/dictionaries/ascii/mmcif_pdbx.dic 
# 
loop_
_database_2.database_id 
_database_2.database_code 
_database_2.pdbx_database_accession 
_database_2.pdbx_DOI 
PDB   7H2V         pdb_00007h2v 10.2210/pdb7h2v/pdb 
WWPDB D_1001406954 ?            ?                   
# 
loop_
_pdbx_audit_revision_history.ordinal 
_pdbx_audit_revision_history.data_content_type 
_pdbx_audit_revision_history.major_revision 
_pdbx_audit_revision_history.minor_revision 
_pdbx_audit_revision_history.revision_date 
1 'Structure model' 1 0 2024-04-24 
2 'Structure model' 1 1 2024-10-16 
# 
_pdbx_audit_revision_details.ordinal             1 
_pdbx_audit_revision_details.revision_ordinal    1 
_pdbx_audit_revision_details.data_content_type   'Structure model' 
_pdbx_audit_revision_details.provider            repository 
_pdbx_audit_revision_details.type                'Initial release' 
_pdbx_audit_revision_details.description         ? 
_pdbx_audit_revision_details.details             ? 
# 
loop_
_pdbx_audit_revision_group.ordinal 
_pdbx_audit_revision_group.revision_ordinal 
_pdbx_audit_revision_group.data_content_type 
_pdbx_audit_revision_group.group 
1 2 'Structure model' 'Database references' 
2 2 'Structure model' 'Structure summary'   
# 
loop_
_pdbx_audit_revision_category.ordinal 
_pdbx_audit_revision_category.revision_ordinal 
_pdbx_audit_revision_category.data_content_type 
_pdbx_audit_revision_category.category 
1 2 'Structure model' citation           
2 2 'Structure model' citation_author    
3 2 'Structure model' pdbx_entry_details 
# 
loop_
_pdbx_audit_revision_item.ordinal 
_pdbx_audit_revision_item.revision_ordinal 
_pdbx_audit_revision_item.data_content_type 
_pdbx_audit_revision_item.item 
1 2 'Structure model' '_citation.country'                 
2 2 'Structure model' '_citation.journal_abbrev'          
3 2 'Structure model' '_citation.journal_id_CSD'          
4 2 'Structure model' '_citation.journal_id_ISSN'         
5 2 'Structure model' '_citation.pdbx_database_id_DOI'    
6 2 'Structure model' '_citation.pdbx_database_id_PubMed' 
7 2 'Structure model' '_citation.title'                   
8 2 'Structure model' '_citation.year'                    
# 
_pdbx_database_status.entry_id                        7H2V 
_pdbx_database_status.status_code                     REL 
_pdbx_database_status.status_code_sf                  REL 
_pdbx_database_status.status_code_mr                  ? 
_pdbx_database_status.status_code_cs                  ? 
_pdbx_database_status.recvd_initial_deposition_date   2024-04-04 
_pdbx_database_status.status_code_nmr_data            ? 
_pdbx_database_status.deposit_site                    RCSB 
_pdbx_database_status.process_site                    RCSB 
_pdbx_database_status.SG_entry                        ? 
_pdbx_database_status.pdb_format_compatible           N 
_pdbx_database_status.methods_development_category    ? 
# 
_pdbx_contact_author.id                 1 
_pdbx_contact_author.email              frank.von-delft@diamond.ac.uk 
_pdbx_contact_author.name_first         Frank 
_pdbx_contact_author.name_last          'von Delft' 
_pdbx_contact_author.role               'principal investigator/group leader' 
_pdbx_contact_author.identifier_ORCID   0000-0003-0378-0017 
_pdbx_contact_author.name_mi            ? 
# 
loop_
_audit_author.name 
_audit_author.pdbx_ordinal 
'Lithgo, R.M.'        1  
'Fairhead, M.'        2  
'Koekemoer, L.'       3  
'Balcomb, B.H.'       4  
'Capkin, E.'          5  
'Chandran, A.V.'      6  
'Golding, M.'         7  
'Godoy, A.S.'         8  
'Aschenbrenner, J.C.' 9  
'Marples, P.G.'       10 
'Ni, X.'              11 
'Thompson, W.'        12 
'Tomlinson, C.W.E.'   13 
'Wild, C.'            14 
'Winokan, M.'         15 
'Xavier, M.-A.E.'     16 
'Fearon, D.'          17 
'von Delft, F.'       18 
# 
_citation.id                        primary 
_citation.title                     
;Crystallographic Fragment Screen of Coxsackievirus A16 2A Protease identifies new opportunities for the development of broad-spectrum anti-enterovirals.
;
_citation.journal_abbrev            Biorxiv 
_citation.journal_volume            ? 
_citation.page_first                ? 
_citation.page_last                 ? 
_citation.year                      2024 
_citation.journal_id_ASTM           ? 
_citation.country                   US 
_citation.journal_id_ISSN           2692-8205 
_citation.journal_id_CSD            ? 
_citation.book_publisher            ? 
_citation.pdbx_database_id_PubMed   38746446 
_citation.pdbx_database_id_DOI      10.1101/2024.04.29.591684 
# 
loop_
_citation_author.citation_id 
_citation_author.name 
_citation_author.identifier_ORCID 
_citation_author.ordinal 
primary 'Lithgo, R.M.'        0000-0002-4706-9916 1  
primary 'Tomlinson, C.W.E.'   0000-0002-1845-6028 2  
primary 'Fairhead, M.'        0000-0001-5361-3933 3  
primary 'Winokan, M.'         ?                   4  
primary 'Thompson, W.'        0000-0003-1474-7810 5  
primary 'Wild, C.'            0000-0003-0654-8141 6  
primary 'Aschenbrenner, J.C.' 0000-0002-4318-0481 7  
primary 'Balcomb, B.H.'       0000-0001-7599-8467 8  
primary 'Marples, P.G.'       0000-0002-8787-7969 9  
primary 'Chandran, A.V.'      0000-0001-9942-2614 10 
primary 'Golding, M.'         0009-0004-7472-8333 11 
primary 'Koekemoer, L.'       0000-0001-9226-9127 12 
primary 'Williams, E.P.'      0000-0002-1331-9518 13 
primary 'Wang, S.'            ?                   14 
primary 'Ni, X.'              0000-0002-7769-8297 15 
primary 'MacLean, E.'         0000-0003-1680-4292 16 
primary 'Giroud, C.'          0000-0002-1629-1581 17 
primary 'Godoy, A.S.'         0000-0002-0613-9164 18 
primary 'Xavier, M.A.'        0000-0002-1709-9479 19 
primary 'Walsh, M.'           0000-0001-5683-1151 20 
primary 'Fearon, D.'          0000-0003-3529-7863 21 
primary 'von Delft, F.'       0000-0003-0378-0017 22 
# 
loop_
_entity.id 
_entity.type 
_entity.src_method 
_entity.pdbx_description 
_entity.formula_weight 
_entity.pdbx_number_of_molecules 
_entity.pdbx_ec 
_entity.pdbx_mutation 
_entity.pdbx_fragment 
_entity.details 
1 polymer     man 'Protease 2A'                            16493.311 1   3.4.22.29 ? ? ? 
2 non-polymer man 'N-[(2-fluorophenyl)methyl]oxan-4-amine' 209.260   1   ?         ? ? ? 
3 non-polymer syn 'ZINC ION'                               65.409    1   ?         ? ? ? 
4 non-polymer syn 'DIMETHYL SULFOXIDE'                     78.133    4   ?         ? ? ? 
5 non-polymer syn 'SULFATE ION'                            96.063    1   ?         ? ? ? 
6 water       nat water                                    18.015    236 ?         ? ? ? 
# 
_entity_name_com.entity_id   1 
_entity_name_com.name        'P2A,Picornain 2A,Protein 2A' 
# 
_entity_poly.entity_id                      1 
_entity_poly.type                           'polypeptide(L)' 
_entity_poly.nstd_linkage                   no 
_entity_poly.nstd_monomer                   no 
_entity_poly.pdbx_seq_one_letter_code       
;QEQTGGSGAIYVGNYRVVNRHLATHNDWANLVWEDSSRDLLVSSTTAQGCDTIARCDCQTGVYYCSSRRKHYPVSFSKPS
LIFVEASEYYPARYQSHLMLAVGHSEPGDCGGILRCQHGVVGIVSTGGNGLVGFADVRDLLWLDEEAMEQ
;
_entity_poly.pdbx_seq_one_letter_code_can   
;QEQTGGSGAIYVGNYRVVNRHLATHNDWANLVWEDSSRDLLVSSTTAQGCDTIARCDCQTGVYYCSSRRKHYPVSFSKPS
LIFVEASEYYPARYQSHLMLAVGHSEPGDCGGILRCQHGVVGIVSTGGNGLVGFADVRDLLWLDEEAMEQ
;
_entity_poly.pdbx_strand_id                 A 
_entity_poly.pdbx_target_identifier         ? 
# 
loop_
_pdbx_entity_nonpoly.entity_id 
_pdbx_entity_nonpoly.name 
_pdbx_entity_nonpoly.comp_id 
2 'N-[(2-fluorophenyl)methyl]oxan-4-amine' A1AMY 
3 'ZINC ION'                               ZN    
4 'DIMETHYL SULFOXIDE'                     DMS   
5 'SULFATE ION'                            SO4   
6 water                                    HOH   
# 
loop_
_entity_poly_seq.entity_id 
_entity_poly_seq.num 
_entity_poly_seq.mon_id 
_entity_poly_seq.hetero 
1 1   GLN n 
1 2   GLU n 
1 3   GLN n 
1 4   THR n 
1 5   GLY n 
1 6   GLY n 
1 7   SER n 
1 8   GLY n 
1 9   ALA n 
1 10  ILE n 
1 11  TYR n 
1 12  VAL n 
1 13  GLY n 
1 14  ASN n 
1 15  TYR n 
1 16  ARG n 
1 17  VAL n 
1 18  VAL n 
1 19  ASN n 
1 20  ARG n 
1 21  HIS n 
1 22  LEU n 
1 23  ALA n 
1 24  THR n 
1 25  HIS n 
1 26  ASN n 
1 27  ASP n 
1 28  TRP n 
1 29  ALA n 
1 30  ASN n 
1 31  LEU n 
1 32  VAL n 
1 33  TRP n 
1 34  GLU n 
1 35  ASP n 
1 36  SER n 
1 37  SER n 
1 38  ARG n 
1 39  ASP n 
1 40  LEU n 
1 41  LEU n 
1 42  VAL n 
1 43  SER n 
1 44  SER n 
1 45  THR n 
1 46  THR n 
1 47  ALA n 
1 48  GLN n 
1 49  GLY n 
1 50  CYS n 
1 51  ASP n 
1 52  THR n 
1 53  ILE n 
1 54  ALA n 
1 55  ARG n 
1 56  CYS n 
1 57  ASP n 
1 58  CYS n 
1 59  GLN n 
1 60  THR n 
1 61  GLY n 
1 62  VAL n 
1 63  TYR n 
1 64  TYR n 
1 65  CYS n 
1 66  SER n 
1 67  SER n 
1 68  ARG n 
1 69  ARG n 
1 70  LYS n 
1 71  HIS n 
1 72  TYR n 
1 73  PRO n 
1 74  VAL n 
1 75  SER n 
1 76  PHE n 
1 77  SER n 
1 78  LYS n 
1 79  PRO n 
1 80  SER n 
1 81  LEU n 
1 82  ILE n 
1 83  PHE n 
1 84  VAL n 
1 85  GLU n 
1 86  ALA n 
1 87  SER n 
1 88  GLU n 
1 89  TYR n 
1 90  TYR n 
1 91  PRO n 
1 92  ALA n 
1 93  ARG n 
1 94  TYR n 
1 95  GLN n 
1 96  SER n 
1 97  HIS n 
1 98  LEU n 
1 99  MET n 
1 100 LEU n 
1 101 ALA n 
1 102 VAL n 
1 103 GLY n 
1 104 HIS n 
1 105 SER n 
1 106 GLU n 
1 107 PRO n 
1 108 GLY n 
1 109 ASP n 
1 110 CYS n 
1 111 GLY n 
1 112 GLY n 
1 113 ILE n 
1 114 LEU n 
1 115 ARG n 
1 116 CYS n 
1 117 GLN n 
1 118 HIS n 
1 119 GLY n 
1 120 VAL n 
1 121 VAL n 
1 122 GLY n 
1 123 ILE n 
1 124 VAL n 
1 125 SER n 
1 126 THR n 
1 127 GLY n 
1 128 GLY n 
1 129 ASN n 
1 130 GLY n 
1 131 LEU n 
1 132 VAL n 
1 133 GLY n 
1 134 PHE n 
1 135 ALA n 
1 136 ASP n 
1 137 VAL n 
1 138 ARG n 
1 139 ASP n 
1 140 LEU n 
1 141 LEU n 
1 142 TRP n 
1 143 LEU n 
1 144 ASP n 
1 145 GLU n 
1 146 GLU n 
1 147 ALA n 
1 148 MET n 
1 149 GLU n 
1 150 GLN n 
# 
loop_
_entity_src_gen.entity_id 
_entity_src_gen.pdbx_src_id 
_entity_src_gen.pdbx_alt_source_flag 
_entity_src_gen.pdbx_seq_type 
_entity_src_gen.pdbx_beg_seq_num 
_entity_src_gen.pdbx_end_seq_num 
_entity_src_gen.gene_src_common_name 
_entity_src_gen.gene_src_genus 
_entity_src_gen.pdbx_gene_src_gene 
_entity_src_gen.gene_src_species 
_entity_src_gen.gene_src_strain 
_entity_src_gen.gene_src_tissue 
_entity_src_gen.gene_src_tissue_fraction 
_entity_src_gen.gene_src_details 
_entity_src_gen.pdbx_gene_src_fragment 
_entity_src_gen.pdbx_gene_src_scientific_name 
_entity_src_gen.pdbx_gene_src_ncbi_taxonomy_id 
_entity_src_gen.pdbx_gene_src_variant 
_entity_src_gen.pdbx_gene_src_cell_line 
_entity_src_gen.pdbx_gene_src_atcc 
_entity_src_gen.pdbx_gene_src_organ 
_entity_src_gen.pdbx_gene_src_organelle 
_entity_src_gen.pdbx_gene_src_cell 
_entity_src_gen.pdbx_gene_src_cellular_location 
_entity_src_gen.host_org_common_name 
_entity_src_gen.pdbx_host_org_scientific_name 
_entity_src_gen.pdbx_host_org_ncbi_taxonomy_id 
_entity_src_gen.host_org_genus 
_entity_src_gen.pdbx_host_org_gene 
_entity_src_gen.pdbx_host_org_organ 
_entity_src_gen.host_org_species 
_entity_src_gen.pdbx_host_org_tissue 
_entity_src_gen.pdbx_host_org_tissue_fraction 
_entity_src_gen.pdbx_host_org_strain 
_entity_src_gen.pdbx_host_org_variant 
_entity_src_gen.pdbx_host_org_cell_line 
_entity_src_gen.pdbx_host_org_atcc 
_entity_src_gen.pdbx_host_org_culture_collection 
_entity_src_gen.pdbx_host_org_cell 
_entity_src_gen.pdbx_host_org_organelle 
_entity_src_gen.pdbx_host_org_cellular_location 
_entity_src_gen.pdbx_host_org_vector_type 
_entity_src_gen.pdbx_host_org_vector 
_entity_src_gen.host_org_details 
_entity_src_gen.expression_system_id 
_entity_src_gen.plasmid_name 
_entity_src_gen.plasmid_details 
_entity_src_gen.pdbx_description 
1 1 sample 'Biological sequence' 1 150 ? ? ? ? ? ? ? ? ? 'Coxsackievirus A16' 31704 ? ? ? ? ? ? ? ? 'Escherichia coli' 562 ? ? ? ? 
? ? ? ? ? ? ? ? ? ? ? ? ? ? ? ? ? 
2 1 sample ?                     ? ?   ? ? ? ? ? ? ? ? ? 'Coxsackievirus A16' 31704 ? ? ? ? ? ? ? ? 'Escherichia coli' 562 ? ? ? ? 
? ? ? ? ? ? ? ? ? ? ? ? ? ? ? ? ? 
# 
loop_
_chem_comp.id 
_chem_comp.type 
_chem_comp.mon_nstd_flag 
_chem_comp.name 
_chem_comp.pdbx_synonyms 
_chem_comp.formula 
_chem_comp.formula_weight 
A1AMY non-polymer         . 'N-[(2-fluorophenyl)methyl]oxan-4-amine' ? 'C12 H16 F N O'  209.260 
ALA   'L-peptide linking' y ALANINE                                  ? 'C3 H7 N O2'     89.093  
ARG   'L-peptide linking' y ARGININE                                 ? 'C6 H15 N4 O2 1' 175.209 
ASN   'L-peptide linking' y ASPARAGINE                               ? 'C4 H8 N2 O3'    132.118 
ASP   'L-peptide linking' y 'ASPARTIC ACID'                          ? 'C4 H7 N O4'     133.103 
CYS   'L-peptide linking' y CYSTEINE                                 ? 'C3 H7 N O2 S'   121.158 
DMS   non-polymer         . 'DIMETHYL SULFOXIDE'                     ? 'C2 H6 O S'      78.133  
GLN   'L-peptide linking' y GLUTAMINE                                ? 'C5 H10 N2 O3'   146.144 
GLU   'L-peptide linking' y 'GLUTAMIC ACID'                          ? 'C5 H9 N O4'     147.129 
GLY   'peptide linking'   y GLYCINE                                  ? 'C2 H5 N O2'     75.067  
HIS   'L-peptide linking' y HISTIDINE                                ? 'C6 H10 N3 O2 1' 156.162 
HOH   non-polymer         . WATER                                    ? 'H2 O'           18.015  
ILE   'L-peptide linking' y ISOLEUCINE                               ? 'C6 H13 N O2'    131.173 
LEU   'L-peptide linking' y LEUCINE                                  ? 'C6 H13 N O2'    131.173 
LYS   'L-peptide linking' y LYSINE                                   ? 'C6 H15 N2 O2 1' 147.195 
MET   'L-peptide linking' y METHIONINE                               ? 'C5 H11 N O2 S'  149.211 
PHE   'L-peptide linking' y PHENYLALANINE                            ? 'C9 H11 N O2'    165.189 
PRO   'L-peptide linking' y PROLINE                                  ? 'C5 H9 N O2'     115.130 
SER   'L-peptide linking' y SERINE                                   ? 'C3 H7 N O3'     105.093 
SO4   non-polymer         . 'SULFATE ION'                            ? 'O4 S -2'        96.063  
THR   'L-peptide linking' y THREONINE                                ? 'C4 H9 N O3'     119.119 
TRP   'L-peptide linking' y TRYPTOPHAN                               ? 'C11 H12 N2 O2'  204.225 
TYR   'L-peptide linking' y TYROSINE                                 ? 'C9 H11 N O3'    181.189 
VAL   'L-peptide linking' y VALINE                                   ? 'C5 H11 N O2'    117.146 
ZN    non-polymer         . 'ZINC ION'                               ? 'Zn 2'           65.409  
# 
loop_
_pdbx_poly_seq_scheme.asym_id 
_pdbx_poly_seq_scheme.entity_id 
_pdbx_poly_seq_scheme.seq_id 
_pdbx_poly_seq_scheme.mon_id 
_pdbx_poly_seq_scheme.ndb_seq_num 
_pdbx_poly_seq_scheme.pdb_seq_num 
_pdbx_poly_seq_scheme.auth_seq_num 
_pdbx_poly_seq_scheme.pdb_mon_id 
_pdbx_poly_seq_scheme.auth_mon_id 
_pdbx_poly_seq_scheme.pdb_strand_id 
_pdbx_poly_seq_scheme.pdb_ins_code 
_pdbx_poly_seq_scheme.hetero 
A 1 1   GLN 1   1   ?   ?   ?   A . n 
A 1 2   GLU 2   2   ?   ?   ?   A . n 
A 1 3   GLN 3   3   ?   ?   ?   A . n 
A 1 4   THR 4   4   ?   ?   ?   A . n 
A 1 5   GLY 5   5   ?   ?   ?   A . n 
A 1 6   GLY 6   6   ?   ?   ?   A . n 
A 1 7   SER 7   7   7   SER SER A . n 
A 1 8   GLY 8   8   8   GLY GLY A . n 
A 1 9   ALA 9   9   9   ALA ALA A . n 
A 1 10  ILE 10  10  10  ILE ILE A . n 
A 1 11  TYR 11  11  11  TYR TYR A . n 
A 1 12  VAL 12  12  12  VAL VAL A . n 
A 1 13  GLY 13  13  13  GLY GLY A . n 
A 1 14  ASN 14  14  14  ASN ASN A . n 
A 1 15  TYR 15  15  15  TYR TYR A . n 
A 1 16  ARG 16  16  16  ARG ARG A . n 
A 1 17  VAL 17  17  17  VAL VAL A . n 
A 1 18  VAL 18  18  18  VAL VAL A . n 
A 1 19  ASN 19  19  19  ASN ASN A . n 
A 1 20  ARG 20  20  20  ARG ARG A . n 
A 1 21  HIS 21  21  21  HIS HIS A . n 
A 1 22  LEU 22  22  22  LEU LEU A . n 
A 1 23  ALA 23  23  23  ALA ALA A . n 
A 1 24  THR 24  24  24  THR THR A . n 
A 1 25  HIS 25  25  25  HIS HIS A . n 
A 1 26  ASN 26  26  26  ASN ASN A . n 
A 1 27  ASP 27  27  27  ASP ASP A . n 
A 1 28  TRP 28  28  28  TRP TRP A . n 
A 1 29  ALA 29  29  29  ALA ALA A . n 
A 1 30  ASN 30  30  30  ASN ASN A . n 
A 1 31  LEU 31  31  31  LEU LEU A . n 
A 1 32  VAL 32  32  32  VAL VAL A . n 
A 1 33  TRP 33  33  33  TRP TRP A . n 
A 1 34  GLU 34  34  34  GLU GLU A . n 
A 1 35  ASP 35  35  35  ASP ASP A . n 
A 1 36  SER 36  36  36  SER SER A . n 
A 1 37  SER 37  37  37  SER SER A . n 
A 1 38  ARG 38  38  38  ARG ARG A . n 
A 1 39  ASP 39  39  39  ASP ASP A . n 
A 1 40  LEU 40  40  40  LEU LEU A . n 
A 1 41  LEU 41  41  41  LEU LEU A . n 
A 1 42  VAL 42  42  42  VAL VAL A . n 
A 1 43  SER 43  43  43  SER SER A . n 
A 1 44  SER 44  44  44  SER SER A . n 
A 1 45  THR 45  45  45  THR THR A . n 
A 1 46  THR 46  46  46  THR THR A . n 
A 1 47  ALA 47  47  47  ALA ALA A . n 
A 1 48  GLN 48  48  48  GLN GLN A . n 
A 1 49  GLY 49  49  49  GLY GLY A . n 
A 1 50  CYS 50  50  50  CYS CYS A . n 
A 1 51  ASP 51  51  51  ASP ASP A . n 
A 1 52  THR 52  52  52  THR THR A . n 
A 1 53  ILE 53  53  53  ILE ILE A . n 
A 1 54  ALA 54  54  54  ALA ALA A . n 
A 1 55  ARG 55  55  55  ARG ARG A . n 
A 1 56  CYS 56  56  56  CYS CYS A . n 
A 1 57  ASP 57  57  57  ASP ASP A . n 
A 1 58  CYS 58  58  58  CYS CYS A . n 
A 1 59  GLN 59  59  59  GLN GLN A . n 
A 1 60  THR 60  60  60  THR THR A . n 
A 1 61  GLY 61  61  61  GLY GLY A . n 
A 1 62  VAL 62  62  62  VAL VAL A . n 
A 1 63  TYR 63  63  63  TYR TYR A . n 
A 1 64  TYR 64  64  64  TYR TYR A . n 
A 1 65  CYS 65  65  65  CYS CYS A . n 
A 1 66  SER 66  66  66  SER SER A . n 
A 1 67  SER 67  67  67  SER SER A . n 
A 1 68  ARG 68  68  68  ARG ARG A . n 
A 1 69  ARG 69  69  69  ARG ARG A . n 
A 1 70  LYS 70  70  70  LYS LYS A . n 
A 1 71  HIS 71  71  71  HIS HIS A . n 
A 1 72  TYR 72  72  72  TYR TYR A . n 
A 1 73  PRO 73  73  73  PRO PRO A . n 
A 1 74  VAL 74  74  74  VAL VAL A . n 
A 1 75  SER 75  75  75  SER SER A . n 
A 1 76  PHE 76  76  76  PHE PHE A . n 
A 1 77  SER 77  77  77  SER SER A . n 
A 1 78  LYS 78  78  78  LYS LYS A . n 
A 1 79  PRO 79  79  79  PRO PRO A . n 
A 1 80  SER 80  80  80  SER SER A . n 
A 1 81  LEU 81  81  81  LEU LEU A . n 
A 1 82  ILE 82  82  82  ILE ILE A . n 
A 1 83  PHE 83  83  83  PHE PHE A . n 
A 1 84  VAL 84  84  84  VAL VAL A . n 
A 1 85  GLU 85  85  85  GLU GLU A . n 
A 1 86  ALA 86  86  86  ALA ALA A . n 
A 1 87  SER 87  87  87  SER SER A . n 
A 1 88  GLU 88  88  88  GLU GLU A . n 
A 1 89  TYR 89  89  89  TYR TYR A . n 
A 1 90  TYR 90  90  90  TYR TYR A . n 
A 1 91  PRO 91  91  91  PRO PRO A . n 
A 1 92  ALA 92  92  92  ALA ALA A . n 
A 1 93  ARG 93  93  93  ARG ARG A . n 
A 1 94  TYR 94  94  94  TYR TYR A . n 
A 1 95  GLN 95  95  95  GLN GLN A . n 
A 1 96  SER 96  96  96  SER SER A . n 
A 1 97  HIS 97  97  97  HIS HIS A . n 
A 1 98  LEU 98  98  98  LEU LEU A . n 
A 1 99  MET 99  99  99  MET MET A . n 
A 1 100 LEU 100 100 100 LEU LEU A . n 
A 1 101 ALA 101 101 101 ALA ALA A . n 
A 1 102 VAL 102 102 102 VAL VAL A . n 
A 1 103 GLY 103 103 103 GLY GLY A . n 
A 1 104 HIS 104 104 104 HIS HIS A . n 
A 1 105 SER 105 105 105 SER SER A . n 
A 1 106 GLU 106 106 106 GLU GLU A . n 
A 1 107 PRO 107 107 107 PRO PRO A . n 
A 1 108 GLY 108 108 108 GLY GLY A . n 
A 1 109 ASP 109 109 109 ASP ASP A . n 
A 1 110 CYS 110 110 110 CYS CYS A . n 
A 1 111 GLY 111 111 111 GLY GLY A . n 
A 1 112 GLY 112 112 112 GLY GLY A . n 
A 1 113 ILE 113 113 113 ILE ILE A . n 
A 1 114 LEU 114 114 114 LEU LEU A . n 
A 1 115 ARG 115 115 115 ARG ARG A . n 
A 1 116 CYS 116 116 116 CYS CYS A . n 
A 1 117 GLN 117 117 117 GLN GLN A . n 
A 1 118 HIS 118 118 118 HIS HIS A . n 
A 1 119 GLY 119 119 119 GLY GLY A . n 
A 1 120 VAL 120 120 120 VAL VAL A . n 
A 1 121 VAL 121 121 121 VAL VAL A . n 
A 1 122 GLY 122 122 122 GLY GLY A . n 
A 1 123 ILE 123 123 123 ILE ILE A . n 
A 1 124 VAL 124 124 124 VAL VAL A . n 
A 1 125 SER 125 125 125 SER SER A . n 
A 1 126 THR 126 126 126 THR THR A . n 
A 1 127 GLY 127 127 127 GLY GLY A . n 
A 1 128 GLY 128 128 128 GLY GLY A . n 
A 1 129 ASN 129 129 129 ASN ASN A . n 
A 1 130 GLY 130 130 130 GLY GLY A . n 
A 1 131 LEU 131 131 131 LEU LEU A . n 
A 1 132 VAL 132 132 132 VAL VAL A . n 
A 1 133 GLY 133 133 133 GLY GLY A . n 
A 1 134 PHE 134 134 134 PHE PHE A . n 
A 1 135 ALA 135 135 135 ALA ALA A . n 
A 1 136 ASP 136 136 136 ASP ASP A . n 
A 1 137 VAL 137 137 137 VAL VAL A . n 
A 1 138 ARG 138 138 138 ARG ARG A . n 
A 1 139 ASP 139 139 139 ASP ASP A . n 
A 1 140 LEU 140 140 140 LEU LEU A . n 
A 1 141 LEU 141 141 141 LEU LEU A . n 
A 1 142 TRP 142 142 142 TRP TRP A . n 
A 1 143 LEU 143 143 143 LEU LEU A . n 
A 1 144 ASP 144 144 144 ASP ASP A . n 
A 1 145 GLU 145 145 145 GLU GLU A . n 
A 1 146 GLU 146 146 146 GLU GLU A . n 
A 1 147 ALA 147 147 ?   ?   ?   A . n 
A 1 148 MET 148 148 ?   ?   ?   A . n 
A 1 149 GLU 149 149 ?   ?   ?   A . n 
A 1 150 GLN 150 150 ?   ?   ?   A . n 
# 
loop_
_pdbx_nonpoly_scheme.asym_id 
_pdbx_nonpoly_scheme.entity_id 
_pdbx_nonpoly_scheme.mon_id 
_pdbx_nonpoly_scheme.ndb_seq_num 
_pdbx_nonpoly_scheme.pdb_seq_num 
_pdbx_nonpoly_scheme.auth_seq_num 
_pdbx_nonpoly_scheme.pdb_mon_id 
_pdbx_nonpoly_scheme.auth_mon_id 
_pdbx_nonpoly_scheme.pdb_strand_id 
_pdbx_nonpoly_scheme.pdb_ins_code 
B 2 A1AMY 1   201 147 A1AMY LIG A . 
C 3 ZN    1   202 1   ZN    ZN  A . 
D 4 DMS   1   203 -1  DMS   DMS A . 
E 4 DMS   1   204 0   DMS   DMS A . 
F 4 DMS   1   205 3   DMS   DMS A . 
G 4 DMS   1   206 6   DMS   DMS A . 
H 5 SO4   1   207 1   SO4   SO4 A . 
I 6 HOH   1   301 137 HOH   HOH A . 
I 6 HOH   2   302 238 HOH   HOH A . 
I 6 HOH   3   303 227 HOH   HOH A . 
I 6 HOH   4   304 3   HOH   HOH A . 
I 6 HOH   5   305 217 HOH   HOH A . 
I 6 HOH   6   306 131 HOH   HOH A . 
I 6 HOH   7   307 94  HOH   HOH A . 
I 6 HOH   8   308 34  HOH   HOH A . 
I 6 HOH   9   309 245 HOH   HOH A . 
I 6 HOH   10  310 248 HOH   HOH A . 
I 6 HOH   11  311 186 HOH   HOH A . 
I 6 HOH   12  312 108 HOH   HOH A . 
I 6 HOH   13  313 234 HOH   HOH A . 
I 6 HOH   14  314 107 HOH   HOH A . 
I 6 HOH   15  315 79  HOH   HOH A . 
I 6 HOH   16  316 77  HOH   HOH A . 
I 6 HOH   17  317 30  HOH   HOH A . 
I 6 HOH   18  318 181 HOH   HOH A . 
I 6 HOH   19  319 72  HOH   HOH A . 
I 6 HOH   20  320 16  HOH   HOH A . 
I 6 HOH   21  321 152 HOH   HOH A . 
I 6 HOH   22  322 250 HOH   HOH A . 
I 6 HOH   23  323 249 HOH   HOH A . 
I 6 HOH   24  324 103 HOH   HOH A . 
I 6 HOH   25  325 173 HOH   HOH A . 
I 6 HOH   26  326 4   HOH   HOH A . 
I 6 HOH   27  327 59  HOH   HOH A . 
I 6 HOH   28  328 68  HOH   HOH A . 
I 6 HOH   29  329 193 HOH   HOH A . 
I 6 HOH   30  330 116 HOH   HOH A . 
I 6 HOH   31  331 211 HOH   HOH A . 
I 6 HOH   32  332 70  HOH   HOH A . 
I 6 HOH   33  333 148 HOH   HOH A . 
I 6 HOH   34  334 183 HOH   HOH A . 
I 6 HOH   35  335 109 HOH   HOH A . 
I 6 HOH   36  336 57  HOH   HOH A . 
I 6 HOH   37  337 60  HOH   HOH A . 
I 6 HOH   38  338 205 HOH   HOH A . 
I 6 HOH   39  339 124 HOH   HOH A . 
I 6 HOH   40  340 46  HOH   HOH A . 
I 6 HOH   41  341 47  HOH   HOH A . 
I 6 HOH   42  342 37  HOH   HOH A . 
I 6 HOH   43  343 191 HOH   HOH A . 
I 6 HOH   44  344 81  HOH   HOH A . 
I 6 HOH   45  345 178 HOH   HOH A . 
I 6 HOH   46  346 104 HOH   HOH A . 
I 6 HOH   47  347 219 HOH   HOH A . 
I 6 HOH   48  348 13  HOH   HOH A . 
I 6 HOH   49  349 216 HOH   HOH A . 
I 6 HOH   50  350 147 HOH   HOH A . 
I 6 HOH   51  351 24  HOH   HOH A . 
I 6 HOH   52  352 88  HOH   HOH A . 
I 6 HOH   53  353 133 HOH   HOH A . 
I 6 HOH   54  354 21  HOH   HOH A . 
I 6 HOH   55  355 121 HOH   HOH A . 
I 6 HOH   56  356 91  HOH   HOH A . 
I 6 HOH   57  357 67  HOH   HOH A . 
I 6 HOH   58  358 49  HOH   HOH A . 
I 6 HOH   59  359 33  HOH   HOH A . 
I 6 HOH   60  360 168 HOH   HOH A . 
I 6 HOH   61  361 184 HOH   HOH A . 
I 6 HOH   62  362 29  HOH   HOH A . 
I 6 HOH   63  363 43  HOH   HOH A . 
I 6 HOH   64  364 180 HOH   HOH A . 
I 6 HOH   65  365 36  HOH   HOH A . 
I 6 HOH   66  366 97  HOH   HOH A . 
I 6 HOH   67  367 2   HOH   HOH A . 
I 6 HOH   68  368 7   HOH   HOH A . 
I 6 HOH   69  369 179 HOH   HOH A . 
I 6 HOH   70  370 53  HOH   HOH A . 
I 6 HOH   71  371 28  HOH   HOH A . 
I 6 HOH   72  372 138 HOH   HOH A . 
I 6 HOH   73  373 25  HOH   HOH A . 
I 6 HOH   74  374 52  HOH   HOH A . 
I 6 HOH   75  375 71  HOH   HOH A . 
I 6 HOH   76  376 144 HOH   HOH A . 
I 6 HOH   77  377 195 HOH   HOH A . 
I 6 HOH   78  378 35  HOH   HOH A . 
I 6 HOH   79  379 82  HOH   HOH A . 
I 6 HOH   80  380 170 HOH   HOH A . 
I 6 HOH   81  381 27  HOH   HOH A . 
I 6 HOH   82  382 150 HOH   HOH A . 
I 6 HOH   83  383 113 HOH   HOH A . 
I 6 HOH   84  384 119 HOH   HOH A . 
I 6 HOH   85  385 39  HOH   HOH A . 
I 6 HOH   86  386 19  HOH   HOH A . 
I 6 HOH   87  387 45  HOH   HOH A . 
I 6 HOH   88  388 84  HOH   HOH A . 
I 6 HOH   89  389 90  HOH   HOH A . 
I 6 HOH   90  390 146 HOH   HOH A . 
I 6 HOH   91  391 63  HOH   HOH A . 
I 6 HOH   92  392 62  HOH   HOH A . 
I 6 HOH   93  393 161 HOH   HOH A . 
I 6 HOH   94  394 167 HOH   HOH A . 
I 6 HOH   95  395 9   HOH   HOH A . 
I 6 HOH   96  396 15  HOH   HOH A . 
I 6 HOH   97  397 111 HOH   HOH A . 
I 6 HOH   98  398 12  HOH   HOH A . 
I 6 HOH   99  399 50  HOH   HOH A . 
I 6 HOH   100 400 18  HOH   HOH A . 
I 6 HOH   101 401 96  HOH   HOH A . 
I 6 HOH   102 402 48  HOH   HOH A . 
I 6 HOH   103 403 169 HOH   HOH A . 
I 6 HOH   104 404 204 HOH   HOH A . 
I 6 HOH   105 405 55  HOH   HOH A . 
I 6 HOH   106 406 177 HOH   HOH A . 
I 6 HOH   107 407 14  HOH   HOH A . 
I 6 HOH   108 408 17  HOH   HOH A . 
I 6 HOH   109 409 26  HOH   HOH A . 
I 6 HOH   110 410 42  HOH   HOH A . 
I 6 HOH   111 411 136 HOH   HOH A . 
I 6 HOH   112 412 182 HOH   HOH A . 
I 6 HOH   113 413 174 HOH   HOH A . 
I 6 HOH   114 414 66  HOH   HOH A . 
I 6 HOH   115 415 141 HOH   HOH A . 
I 6 HOH   116 416 106 HOH   HOH A . 
I 6 HOH   117 417 8   HOH   HOH A . 
I 6 HOH   118 418 112 HOH   HOH A . 
I 6 HOH   119 419 214 HOH   HOH A . 
I 6 HOH   120 420 126 HOH   HOH A . 
I 6 HOH   121 421 20  HOH   HOH A . 
I 6 HOH   122 422 120 HOH   HOH A . 
I 6 HOH   123 423 54  HOH   HOH A . 
I 6 HOH   124 424 110 HOH   HOH A . 
I 6 HOH   125 425 155 HOH   HOH A . 
I 6 HOH   126 426 41  HOH   HOH A . 
I 6 HOH   127 427 198 HOH   HOH A . 
I 6 HOH   128 428 247 HOH   HOH A . 
I 6 HOH   129 429 95  HOH   HOH A . 
I 6 HOH   130 430 197 HOH   HOH A . 
I 6 HOH   131 431 38  HOH   HOH A . 
I 6 HOH   132 432 100 HOH   HOH A . 
I 6 HOH   133 433 78  HOH   HOH A . 
I 6 HOH   134 434 212 HOH   HOH A . 
I 6 HOH   135 435 5   HOH   HOH A . 
I 6 HOH   136 436 69  HOH   HOH A . 
I 6 HOH   137 437 105 HOH   HOH A . 
I 6 HOH   138 438 11  HOH   HOH A . 
I 6 HOH   139 439 76  HOH   HOH A . 
I 6 HOH   140 440 40  HOH   HOH A . 
I 6 HOH   141 441 176 HOH   HOH A . 
I 6 HOH   142 442 80  HOH   HOH A . 
I 6 HOH   143 443 31  HOH   HOH A . 
I 6 HOH   144 444 237 HOH   HOH A . 
I 6 HOH   145 445 210 HOH   HOH A . 
I 6 HOH   146 446 118 HOH   HOH A . 
I 6 HOH   147 447 132 HOH   HOH A . 
I 6 HOH   148 448 93  HOH   HOH A . 
I 6 HOH   149 449 64  HOH   HOH A . 
I 6 HOH   150 450 102 HOH   HOH A . 
I 6 HOH   151 451 58  HOH   HOH A . 
I 6 HOH   152 452 74  HOH   HOH A . 
I 6 HOH   153 453 203 HOH   HOH A . 
I 6 HOH   154 454 10  HOH   HOH A . 
I 6 HOH   155 455 51  HOH   HOH A . 
I 6 HOH   156 456 23  HOH   HOH A . 
I 6 HOH   157 457 135 HOH   HOH A . 
I 6 HOH   158 458 230 HOH   HOH A . 
I 6 HOH   159 459 89  HOH   HOH A . 
I 6 HOH   160 460 61  HOH   HOH A . 
I 6 HOH   161 461 6   HOH   HOH A . 
I 6 HOH   162 462 123 HOH   HOH A . 
I 6 HOH   163 463 156 HOH   HOH A . 
I 6 HOH   164 464 192 HOH   HOH A . 
I 6 HOH   165 465 159 HOH   HOH A . 
I 6 HOH   166 466 220 HOH   HOH A . 
I 6 HOH   167 467 224 HOH   HOH A . 
I 6 HOH   168 468 213 HOH   HOH A . 
I 6 HOH   169 469 154 HOH   HOH A . 
I 6 HOH   170 470 246 HOH   HOH A . 
I 6 HOH   171 471 128 HOH   HOH A . 
I 6 HOH   172 472 218 HOH   HOH A . 
I 6 HOH   173 473 233 HOH   HOH A . 
I 6 HOH   174 474 101 HOH   HOH A . 
I 6 HOH   175 475 171 HOH   HOH A . 
I 6 HOH   176 476 22  HOH   HOH A . 
I 6 HOH   177 477 117 HOH   HOH A . 
I 6 HOH   178 478 200 HOH   HOH A . 
I 6 HOH   179 479 199 HOH   HOH A . 
I 6 HOH   180 480 65  HOH   HOH A . 
I 6 HOH   181 481 226 HOH   HOH A . 
I 6 HOH   182 482 158 HOH   HOH A . 
I 6 HOH   183 483 157 HOH   HOH A . 
I 6 HOH   184 484 175 HOH   HOH A . 
I 6 HOH   185 485 231 HOH   HOH A . 
I 6 HOH   186 486 228 HOH   HOH A . 
I 6 HOH   187 487 87  HOH   HOH A . 
I 6 HOH   188 488 232 HOH   HOH A . 
I 6 HOH   189 489 99  HOH   HOH A . 
I 6 HOH   190 490 207 HOH   HOH A . 
I 6 HOH   191 491 162 HOH   HOH A . 
I 6 HOH   192 492 151 HOH   HOH A . 
I 6 HOH   193 493 98  HOH   HOH A . 
I 6 HOH   194 494 140 HOH   HOH A . 
I 6 HOH   195 495 201 HOH   HOH A . 
I 6 HOH   196 496 134 HOH   HOH A . 
I 6 HOH   197 497 190 HOH   HOH A . 
I 6 HOH   198 498 240 HOH   HOH A . 
I 6 HOH   199 499 239 HOH   HOH A . 
I 6 HOH   200 500 229 HOH   HOH A . 
I 6 HOH   201 501 127 HOH   HOH A . 
I 6 HOH   202 502 225 HOH   HOH A . 
I 6 HOH   203 503 83  HOH   HOH A . 
I 6 HOH   204 504 86  HOH   HOH A . 
I 6 HOH   205 505 189 HOH   HOH A . 
I 6 HOH   206 506 73  HOH   HOH A . 
I 6 HOH   207 507 32  HOH   HOH A . 
I 6 HOH   208 508 163 HOH   HOH A . 
I 6 HOH   209 509 172 HOH   HOH A . 
I 6 HOH   210 510 221 HOH   HOH A . 
I 6 HOH   211 511 223 HOH   HOH A . 
I 6 HOH   212 512 202 HOH   HOH A . 
I 6 HOH   213 513 85  HOH   HOH A . 
I 6 HOH   214 514 122 HOH   HOH A . 
I 6 HOH   215 515 185 HOH   HOH A . 
I 6 HOH   216 516 209 HOH   HOH A . 
I 6 HOH   217 517 56  HOH   HOH A . 
I 6 HOH   218 518 114 HOH   HOH A . 
I 6 HOH   219 519 129 HOH   HOH A . 
I 6 HOH   220 520 75  HOH   HOH A . 
I 6 HOH   221 521 236 HOH   HOH A . 
I 6 HOH   222 522 187 HOH   HOH A . 
I 6 HOH   223 523 241 HOH   HOH A . 
I 6 HOH   224 524 208 HOH   HOH A . 
I 6 HOH   225 525 235 HOH   HOH A . 
I 6 HOH   226 526 142 HOH   HOH A . 
I 6 HOH   227 527 153 HOH   HOH A . 
I 6 HOH   228 528 206 HOH   HOH A . 
I 6 HOH   229 529 222 HOH   HOH A . 
I 6 HOH   230 530 92  HOH   HOH A . 
I 6 HOH   231 531 243 HOH   HOH A . 
I 6 HOH   232 532 125 HOH   HOH A . 
I 6 HOH   233 533 242 HOH   HOH A . 
I 6 HOH   234 534 160 HOH   HOH A . 
I 6 HOH   235 535 164 HOH   HOH A . 
I 6 HOH   236 536 244 HOH   HOH A . 
# 
loop_
_software.classification 
_software.name 
_software.version 
_software.citation_id 
_software.pdbx_ordinal 
refinement       REFMAC  5.8.0267 ? 1 
refinement       REFMAC5 .        ? 2 
'data scaling'   Aimless .        ? 3 
phasing          PHASER  .        ? 4 
'data reduction' XDS     .        ? 5 
# 
_cell.entry_id           7H2V 
_cell.length_a           86.275 
_cell.length_b           56.489 
_cell.length_c           32.443 
_cell.angle_alpha        90.00 
_cell.angle_beta         95.44 
_cell.angle_gamma        90.00 
_cell.Z_PDB              4 
_cell.pdbx_unique_axis   ? 
# 
_symmetry.entry_id                         7H2V 
_symmetry.space_group_name_H-M             'C 1 2 1' 
_symmetry.pdbx_full_space_group_name_H-M   ? 
_symmetry.cell_setting                     ? 
_symmetry.Int_Tables_number                5 
# 
_exptl.entry_id          7H2V 
_exptl.method            'X-RAY DIFFRACTION' 
_exptl.crystals_number   1 
# 
_exptl_crystal.id                    1 
_exptl_crystal.density_meas          ? 
_exptl_crystal.density_Matthews      2.39 
_exptl_crystal.density_percent_sol   48.45 
_exptl_crystal.description           ? 
# 
_exptl_crystal_grow.crystal_id      1 
_exptl_crystal_grow.method          'VAPOR DIFFUSION, SITTING DROP' 
_exptl_crystal_grow.pH              6.05 
_exptl_crystal_grow.temp            293.15 
_exptl_crystal_grow.pdbx_details    '0.1 M MES, pH 6.05, 16 % PEG 20,000' 
_exptl_crystal_grow.temp_details    ? 
_exptl_crystal_grow.pdbx_pH_range   ? 
# 
_diffrn.id                     1 
_diffrn.ambient_temp           100 
_diffrn.crystal_id             1 
_diffrn.ambient_temp_details   ? 
# 
_diffrn_detector.detector               PIXEL 
_diffrn_detector.type                   'DECTRIS EIGER2 XE 16M' 
_diffrn_detector.pdbx_collection_date   2023-10-10 
_diffrn_detector.diffrn_id              1 
_diffrn_detector.details                ? 
# 
_diffrn_radiation.diffrn_id                        1 
_diffrn_radiation.wavelength_id                    1 
_diffrn_radiation.pdbx_diffrn_protocol             'SINGLE WAVELENGTH' 
_diffrn_radiation.pdbx_monochromatic_or_laue_m_l   ? 
_diffrn_radiation.monochromator                    ? 
_diffrn_radiation.pdbx_scattering_type             x-ray 
# 
_diffrn_radiation_wavelength.id           1 
_diffrn_radiation_wavelength.wavelength   0.94056 
_diffrn_radiation_wavelength.wt           1.0 
# 
_diffrn_source.diffrn_id                   1 
_diffrn_source.source                      SYNCHROTRON 
_diffrn_source.type                        'DIAMOND BEAMLINE I03' 
_diffrn_source.pdbx_wavelength_list        0.94056 
_diffrn_source.pdbx_synchrotron_site       Diamond 
_diffrn_source.pdbx_synchrotron_beamline   I03 
_diffrn_source.pdbx_wavelength             ? 
# 
_reflns.entry_id                     7H2V 
_reflns.pdbx_diffrn_id               1 
_reflns.pdbx_ordinal                 1 
_reflns.d_resolution_low             47.21 
_reflns.d_resolution_high            1.05 
_reflns.number_obs                   65215 
_reflns.percent_possible_obs         90.4 
_reflns.pdbx_Rmerge_I_obs            0.080 
_reflns.pdbx_netI_over_sigmaI        12.4 
_reflns.pdbx_redundancy              6.3 
_reflns.pdbx_Rrim_I_all              0.087 
_reflns.pdbx_Rpim_I_all              0.033 
_reflns.pdbx_CC_half                 0.996 
_reflns.pdbx_number_measured_all     411301 
_reflns.pdbx_chi_squared             0.72 
_reflns.observed_criterion_sigma_I   ? 
_reflns.observed_criterion_sigma_F   ? 
_reflns.number_all                   ? 
_reflns.pdbx_Rsym_value              ? 
_reflns.B_iso_Wilson_estimate        ? 
# 
_reflns_shell.pdbx_diffrn_id              1 
_reflns_shell.pdbx_ordinal                1 
_reflns_shell.d_res_high                  1.05 
_reflns_shell.d_res_low                   1.07 
_reflns_shell.number_measured_all         5288 
_reflns_shell.number_unique_obs           1430 
_reflns_shell.Rmerge_I_obs                2.190 
_reflns_shell.pdbx_chi_squared            0.31 
_reflns_shell.pdbx_redundancy             3.7 
_reflns_shell.percent_possible_obs        39.5 
_reflns_shell.pdbx_netI_over_sigmaI_obs   0.3 
_reflns_shell.pdbx_Rrim_I_all             2.535 
_reflns_shell.pdbx_Rpim_I_all             1.263 
_reflns_shell.pdbx_CC_half                0.243 
_reflns_shell.percent_possible_all        ? 
_reflns_shell.pdbx_Rsym_value             ? 
_reflns_shell.meanI_over_sigI_obs         ? 
# 
_refine.pdbx_refine_id                           'X-RAY DIFFRACTION' 
_refine.entry_id                                 7H2V 
_refine.pdbx_diffrn_id                           1 
_refine.pdbx_TLS_residual_ADP_flag               ? 
_refine.ls_number_reflns_obs                     61762 
_refine.ls_number_reflns_all                     ? 
_refine.pdbx_ls_sigma_I                          ? 
_refine.pdbx_ls_sigma_F                          ? 
_refine.pdbx_data_cutoff_high_absF               ? 
_refine.pdbx_data_cutoff_low_absF                ? 
_refine.pdbx_data_cutoff_high_rms_absF           ? 
_refine.ls_d_res_low                             47.20 
_refine.ls_d_res_high                            1.05 
_refine.ls_percent_reflns_obs                    89.91 
_refine.ls_R_factor_obs                          0.17808 
_refine.ls_R_factor_all                          ? 
_refine.ls_R_factor_R_work                       0.17736 
_refine.ls_R_factor_R_free                       0.19155 
_refine.ls_R_factor_R_free_error                 ? 
_refine.ls_R_factor_R_free_error_details         ? 
_refine.ls_percent_reflns_R_free                 4.9 
_refine.ls_number_reflns_R_free                  3179 
_refine.ls_number_parameters                     ? 
_refine.ls_number_restraints                     ? 
_refine.occupancy_min                            ? 
_refine.occupancy_max                            ? 
_refine.correlation_coeff_Fo_to_Fc               0.975 
_refine.correlation_coeff_Fo_to_Fc_free          0.970 
_refine.B_iso_mean                               14.424 
_refine.aniso_B[1][1]                            -0.08 
_refine.aniso_B[2][2]                            0.40 
_refine.aniso_B[3][3]                            -0.30 
_refine.aniso_B[1][2]                            0.00 
_refine.aniso_B[1][3]                            -0.10 
_refine.aniso_B[2][3]                            0.00 
_refine.solvent_model_details                    MASK 
_refine.solvent_model_param_ksol                 ? 
_refine.solvent_model_param_bsol                 ? 
_refine.pdbx_solvent_vdw_probe_radii             1.20 
_refine.pdbx_solvent_ion_probe_radii             0.80 
_refine.pdbx_solvent_shrinkage_radii             0.80 
_refine.pdbx_ls_cross_valid_method               THROUGHOUT 
_refine.details                                  'HYDROGENS HAVE BEEN ADDED IN THE RIDING POSITIONS' 
_refine.pdbx_starting_model                      ? 
_refine.pdbx_method_to_determine_struct          'MOLECULAR REPLACEMENT' 
_refine.pdbx_isotropic_thermal_model             ? 
_refine.pdbx_stereochemistry_target_values       'MAXIMUM LIKELIHOOD' 
_refine.pdbx_stereochem_target_val_spec_case     ? 
_refine.pdbx_R_Free_selection_details            RANDOM 
_refine.pdbx_overall_ESU_R                       0.031 
_refine.pdbx_overall_ESU_R_Free                  0.032 
_refine.overall_SU_ML                            0.031 
_refine.pdbx_overall_phase_error                 ? 
_refine.overall_SU_B                             0.685 
_refine.overall_SU_R_Cruickshank_DPI             ? 
_refine.pdbx_overall_SU_R_free_Cruickshank_DPI   ? 
_refine.pdbx_overall_SU_R_Blow_DPI               ? 
_refine.pdbx_overall_SU_R_free_Blow_DPI          ? 
# 
_refine_hist.pdbx_refine_id                   'X-RAY DIFFRACTION' 
_refine_hist.cycle_id                         1 
_refine_hist.pdbx_number_atoms_protein        1083 
_refine_hist.pdbx_number_atoms_nucleic_acid   0 
_refine_hist.pdbx_number_atoms_ligand         37 
_refine_hist.number_atoms_solvent             236 
_refine_hist.number_atoms_total               1356 
_refine_hist.d_res_high                       1.05 
_refine_hist.d_res_low                        47.20 
# 
loop_
_refine_ls_restr.type 
_refine_ls_restr.dev_ideal 
_refine_ls_restr.dev_ideal_target 
_refine_ls_restr.weight 
_refine_ls_restr.number 
_refine_ls_restr.pdbx_refine_id 
_refine_ls_restr.pdbx_restraint_function 
r_bond_refined_d             0.014  0.013  ? 1293 'X-RAY DIFFRACTION' ? 
r_bond_other_d               0.001  0.014  ? 1093 'X-RAY DIFFRACTION' ? 
r_angle_refined_deg          1.860  1.625  ? 1680 'X-RAY DIFFRACTION' ? 
r_angle_other_deg            1.532  1.622  ? 2515 'X-RAY DIFFRACTION' ? 
r_dihedral_angle_1_deg       6.702  5.000  ? 157  'X-RAY DIFFRACTION' ? 
r_dihedral_angle_2_deg       33.010 21.385 ? 65   'X-RAY DIFFRACTION' ? 
r_dihedral_angle_3_deg       12.479 15.000 ? 175  'X-RAY DIFFRACTION' ? 
r_dihedral_angle_4_deg       23.661 15.000 ? 9    'X-RAY DIFFRACTION' ? 
r_chiral_restr               0.092  0.200  ? 148  'X-RAY DIFFRACTION' ? 
r_gen_planes_refined         0.011  0.020  ? 1513 'X-RAY DIFFRACTION' ? 
r_gen_planes_other           0.001  0.020  ? 301  'X-RAY DIFFRACTION' ? 
r_nbd_refined                ?      ?      ? ?    'X-RAY DIFFRACTION' ? 
r_nbd_other                  ?      ?      ? ?    'X-RAY DIFFRACTION' ? 
r_nbtor_refined              ?      ?      ? ?    'X-RAY DIFFRACTION' ? 
r_nbtor_other                ?      ?      ? ?    'X-RAY DIFFRACTION' ? 
r_xyhbond_nbd_refined        ?      ?      ? ?    'X-RAY DIFFRACTION' ? 
r_xyhbond_nbd_other          ?      ?      ? ?    'X-RAY DIFFRACTION' ? 
r_metal_ion_refined          ?      ?      ? ?    'X-RAY DIFFRACTION' ? 
r_metal_ion_other            ?      ?      ? ?    'X-RAY DIFFRACTION' ? 
r_symmetry_vdw_refined       ?      ?      ? ?    'X-RAY DIFFRACTION' ? 
r_symmetry_vdw_other         ?      ?      ? ?    'X-RAY DIFFRACTION' ? 
r_symmetry_hbond_refined     ?      ?      ? ?    'X-RAY DIFFRACTION' ? 
r_symmetry_hbond_other       ?      ?      ? ?    'X-RAY DIFFRACTION' ? 
r_symmetry_metal_ion_refined ?      ?      ? ?    'X-RAY DIFFRACTION' ? 
r_symmetry_metal_ion_other   ?      ?      ? ?    'X-RAY DIFFRACTION' ? 
r_mcbond_it                  1.236  1.221  ? 634  'X-RAY DIFFRACTION' ? 
r_mcbond_other               1.196  1.200  ? 627  'X-RAY DIFFRACTION' ? 
r_mcangle_it                 1.865  1.809  ? 769  'X-RAY DIFFRACTION' ? 
r_mcangle_other              1.864  1.812  ? 770  'X-RAY DIFFRACTION' ? 
r_scbond_it                  1.918  1.576  ? 657  'X-RAY DIFFRACTION' ? 
r_scbond_other               1.917  1.550  ? 656  'X-RAY DIFFRACTION' ? 
r_scangle_it                 ?      ?      ? ?    'X-RAY DIFFRACTION' ? 
r_scangle_other              2.779  2.189  ? 906  'X-RAY DIFFRACTION' ? 
r_long_range_B_refined       5.109  17.012 ? 1444 'X-RAY DIFFRACTION' ? 
r_long_range_B_other         5.107  17.056 ? 1445 'X-RAY DIFFRACTION' ? 
r_rigid_bond_restr           ?      ?      ? ?    'X-RAY DIFFRACTION' ? 
r_sphericity_free            ?      ?      ? ?    'X-RAY DIFFRACTION' ? 
r_sphericity_bonded          ?      ?      ? ?    'X-RAY DIFFRACTION' ? 
# 
_refine_ls_shell.pdbx_refine_id                   'X-RAY DIFFRACTION' 
_refine_ls_shell.pdbx_total_number_of_bins_used   20 
_refine_ls_shell.d_res_high                       1.050 
_refine_ls_shell.d_res_low                        1.077 
_refine_ls_shell.number_reflns_R_work             1947 
_refine_ls_shell.R_factor_R_work                  0.373 
_refine_ls_shell.percent_reflns_obs               38.67 
_refine_ls_shell.R_factor_R_free                  0.340 
_refine_ls_shell.R_factor_R_free_error            ? 
_refine_ls_shell.percent_reflns_R_free            ? 
_refine_ls_shell.number_reflns_R_free             99 
_refine_ls_shell.number_reflns_all                ? 
_refine_ls_shell.R_factor_all                     ? 
# 
_struct.entry_id                  7H2V 
_struct.title                     
;Group deposition for crystallographic fragment screening of Coxsackievirus A16 (G-10) 2A protease -- Crystal structure of Coxsackievirus A16 (G-10) 2A protease in complex with Z3664805965 (A71EV2A-x0194)
;
_struct.pdbx_model_details        ? 
_struct.pdbx_CASP_flag            ? 
_struct.pdbx_model_type_details   ? 
# 
_struct_keywords.entry_id        7H2V 
_struct_keywords.pdbx_keywords   HYDROLASE 
_struct_keywords.text            
;Diamond Light Source, I03, ASAP, Coxsackievirus A16, crystallographic fragment screening, PanDDA, Pandda2, XChemExplorer, viral protein, HYDROLASE
;
# 
loop_
_struct_asym.id 
_struct_asym.pdbx_blank_PDB_chainid_flag 
_struct_asym.pdbx_modified 
_struct_asym.entity_id 
_struct_asym.details 
A N N 1 ? 
B N N 2 ? 
C N N 3 ? 
D N N 4 ? 
E N N 4 ? 
F N N 4 ? 
G N N 4 ? 
H N N 5 ? 
I N N 6 ? 
# 
_struct_ref.id                         1 
_struct_ref.db_name                    UNP 
_struct_ref.db_code                    POLG_CX16G 
_struct_ref.pdbx_db_accession          Q65900 
_struct_ref.pdbx_db_isoform            ? 
_struct_ref.entity_id                  1 
_struct_ref.pdbx_seq_one_letter_code   
;SGAIYVGNYRVVNRHLATHNDWANLVWEDSSRDLLVSSTTAQGCDTIARCDCQTGVYYCSSRRKHYPVSFSKPSLIFVEA
SEYYPARYQSHLMLAVGHSEPGDCGGILRCQHGVVGIVSTGGNGLVGFADVRDLLWLDEEAMEQ
;
_struct_ref.pdbx_align_begin           869 
# 
_struct_ref_seq.align_id                      1 
_struct_ref_seq.ref_id                        1 
_struct_ref_seq.pdbx_PDB_id_code              7H2V 
_struct_ref_seq.pdbx_strand_id                A 
_struct_ref_seq.seq_align_beg                 7 
_struct_ref_seq.pdbx_seq_align_beg_ins_code   ? 
_struct_ref_seq.seq_align_end                 150 
_struct_ref_seq.pdbx_seq_align_end_ins_code   ? 
_struct_ref_seq.pdbx_db_accession             Q65900 
_struct_ref_seq.db_align_beg                  869 
_struct_ref_seq.pdbx_db_align_beg_ins_code    ? 
_struct_ref_seq.db_align_end                  1012 
_struct_ref_seq.pdbx_db_align_end_ins_code    ? 
_struct_ref_seq.pdbx_auth_seq_align_beg       7 
_struct_ref_seq.pdbx_auth_seq_align_end       150 
# 
loop_
_struct_ref_seq_dif.align_id 
_struct_ref_seq_dif.pdbx_pdb_id_code 
_struct_ref_seq_dif.mon_id 
_struct_ref_seq_dif.pdbx_pdb_strand_id 
_struct_ref_seq_dif.seq_num 
_struct_ref_seq_dif.pdbx_pdb_ins_code 
_struct_ref_seq_dif.pdbx_seq_db_name 
_struct_ref_seq_dif.pdbx_seq_db_accession_code 
_struct_ref_seq_dif.db_mon_id 
_struct_ref_seq_dif.pdbx_seq_db_seq_num 
_struct_ref_seq_dif.details 
_struct_ref_seq_dif.pdbx_auth_seq_num 
_struct_ref_seq_dif.pdbx_ordinal 
1 7H2V GLN A 1 ? UNP Q65900 ? ? 'expression tag' 1 1 
1 7H2V GLU A 2 ? UNP Q65900 ? ? 'expression tag' 2 2 
1 7H2V GLN A 3 ? UNP Q65900 ? ? 'expression tag' 3 3 
1 7H2V THR A 4 ? UNP Q65900 ? ? 'expression tag' 4 4 
1 7H2V GLY A 5 ? UNP Q65900 ? ? 'expression tag' 5 5 
1 7H2V GLY A 6 ? UNP Q65900 ? ? 'expression tag' 6 6 
# 
_pdbx_struct_assembly.id                   1 
_pdbx_struct_assembly.details              author_and_software_defined_assembly 
_pdbx_struct_assembly.method_details       PISA 
_pdbx_struct_assembly.oligomeric_details   monomeric 
_pdbx_struct_assembly.oligomeric_count     1 
# 
loop_
_pdbx_struct_assembly_prop.biol_id 
_pdbx_struct_assembly_prop.type 
_pdbx_struct_assembly_prop.value 
_pdbx_struct_assembly_prop.details 
1 'ABSA (A^2)' 970  ? 
1 MORE         -5   ? 
1 'SSA (A^2)'  7500 ? 
# 
_pdbx_struct_assembly_gen.assembly_id       1 
_pdbx_struct_assembly_gen.oper_expression   1 
_pdbx_struct_assembly_gen.asym_id_list      A,B,C,D,E,F,G,H,I 
# 
_pdbx_struct_oper_list.id                   1 
_pdbx_struct_oper_list.type                 'identity operation' 
_pdbx_struct_oper_list.name                 1_555 
_pdbx_struct_oper_list.symmetry_operation   x,y,z 
_pdbx_struct_oper_list.matrix[1][1]         1.0000000000 
_pdbx_struct_oper_list.matrix[1][2]         0.0000000000 
_pdbx_struct_oper_list.matrix[1][3]         0.0000000000 
_pdbx_struct_oper_list.vector[1]            0.0000000000 
_pdbx_struct_oper_list.matrix[2][1]         0.0000000000 
_pdbx_struct_oper_list.matrix[2][2]         1.0000000000 
_pdbx_struct_oper_list.matrix[2][3]         0.0000000000 
_pdbx_struct_oper_list.vector[2]            0.0000000000 
_pdbx_struct_oper_list.matrix[3][1]         0.0000000000 
_pdbx_struct_oper_list.matrix[3][2]         0.0000000000 
_pdbx_struct_oper_list.matrix[3][3]         1.0000000000 
_pdbx_struct_oper_list.vector[3]            0.0000000000 
# 
loop_
_struct_conf.conf_type_id 
_struct_conf.id 
_struct_conf.pdbx_PDB_helix_id 
_struct_conf.beg_label_comp_id 
_struct_conf.beg_label_asym_id 
_struct_conf.beg_label_seq_id 
_struct_conf.pdbx_beg_PDB_ins_code 
_struct_conf.end_label_comp_id 
_struct_conf.end_label_asym_id 
_struct_conf.end_label_seq_id 
_struct_conf.pdbx_end_PDB_ins_code 
_struct_conf.beg_auth_comp_id 
_struct_conf.beg_auth_asym_id 
_struct_conf.beg_auth_seq_id 
_struct_conf.end_auth_comp_id 
_struct_conf.end_auth_asym_id 
_struct_conf.end_auth_seq_id 
_struct_conf.pdbx_PDB_helix_class 
_struct_conf.details 
_struct_conf.pdbx_PDB_helix_length 
HELX_P HELX_P1 AA1 HIS A 21  ? ALA A 23  ? HIS A 21  ALA A 23  5 ? 3 
HELX_P HELX_P2 AA2 THR A 24  ? ASN A 30  ? THR A 24  ASN A 30  1 ? 7 
HELX_P HELX_P3 AA3 SER A 36  ? ARG A 38  ? SER A 36  ARG A 38  5 ? 3 
HELX_P HELX_P4 AA4 SER A 66  ? ARG A 69  ? SER A 66  ARG A 69  5 ? 4 
HELX_P HELX_P5 AA5 GLU A 106 ? CYS A 110 ? GLU A 106 CYS A 110 5 ? 5 
HELX_P HELX_P6 AA6 LEU A 140 ? GLU A 145 ? LEU A 140 GLU A 145 5 ? 6 
# 
_struct_conf_type.id          HELX_P 
_struct_conf_type.criteria    ? 
_struct_conf_type.reference   ? 
# 
loop_
_struct_conn.id 
_struct_conn.conn_type_id 
_struct_conn.pdbx_leaving_atom_flag 
_struct_conn.pdbx_PDB_id 
_struct_conn.ptnr1_label_asym_id 
_struct_conn.ptnr1_label_comp_id 
_struct_conn.ptnr1_label_seq_id 
_struct_conn.ptnr1_label_atom_id 
_struct_conn.pdbx_ptnr1_label_alt_id 
_struct_conn.pdbx_ptnr1_PDB_ins_code 
_struct_conn.pdbx_ptnr1_standard_comp_id 
_struct_conn.ptnr1_symmetry 
_struct_conn.ptnr2_label_asym_id 
_struct_conn.ptnr2_label_comp_id 
_struct_conn.ptnr2_label_seq_id 
_struct_conn.ptnr2_label_atom_id 
_struct_conn.pdbx_ptnr2_label_alt_id 
_struct_conn.pdbx_ptnr2_PDB_ins_code 
_struct_conn.ptnr1_auth_asym_id 
_struct_conn.ptnr1_auth_comp_id 
_struct_conn.ptnr1_auth_seq_id 
_struct_conn.ptnr2_auth_asym_id 
_struct_conn.ptnr2_auth_comp_id 
_struct_conn.ptnr2_auth_seq_id 
_struct_conn.ptnr2_symmetry 
_struct_conn.pdbx_ptnr3_label_atom_id 
_struct_conn.pdbx_ptnr3_label_seq_id 
_struct_conn.pdbx_ptnr3_label_comp_id 
_struct_conn.pdbx_ptnr3_label_asym_id 
_struct_conn.pdbx_ptnr3_label_alt_id 
_struct_conn.pdbx_ptnr3_PDB_ins_code 
_struct_conn.details 
_struct_conn.pdbx_dist_value 
_struct_conn.pdbx_value_order 
_struct_conn.pdbx_role 
metalc1 metalc ? ? A CYS 56  SG  ? ? ? 1_555 C ZN . ZN ? ? A CYS 56  A ZN 202 1_555 ? ? ? ? ? ? ? 2.328 ? ? 
metalc2 metalc ? ? A CYS 58  SG  ? ? ? 1_555 C ZN . ZN ? ? A CYS 58  A ZN 202 1_555 ? ? ? ? ? ? ? 2.320 ? ? 
metalc3 metalc ? ? A CYS 116 SG  ? ? ? 1_555 C ZN . ZN ? ? A CYS 116 A ZN 202 1_555 ? ? ? ? ? ? ? 2.293 ? ? 
metalc4 metalc ? ? A HIS 118 ND1 ? ? ? 1_555 C ZN . ZN ? ? A HIS 118 A ZN 202 1_555 ? ? ? ? ? ? ? 2.065 ? ? 
# 
_struct_conn_type.id          metalc 
_struct_conn_type.criteria    ? 
_struct_conn_type.reference   ? 
# 
loop_
_pdbx_struct_conn_angle.id 
_pdbx_struct_conn_angle.ptnr1_label_atom_id 
_pdbx_struct_conn_angle.ptnr1_label_alt_id 
_pdbx_struct_conn_angle.ptnr1_label_asym_id 
_pdbx_struct_conn_angle.ptnr1_label_comp_id 
_pdbx_struct_conn_angle.ptnr1_label_seq_id 
_pdbx_struct_conn_angle.ptnr1_auth_atom_id 
_pdbx_struct_conn_angle.ptnr1_auth_asym_id 
_pdbx_struct_conn_angle.ptnr1_auth_comp_id 
_pdbx_struct_conn_angle.ptnr1_auth_seq_id 
_pdbx_struct_conn_angle.ptnr1_PDB_ins_code 
_pdbx_struct_conn_angle.ptnr1_symmetry 
_pdbx_struct_conn_angle.ptnr2_label_atom_id 
_pdbx_struct_conn_angle.ptnr2_label_alt_id 
_pdbx_struct_conn_angle.ptnr2_label_asym_id 
_pdbx_struct_conn_angle.ptnr2_label_comp_id 
_pdbx_struct_conn_angle.ptnr2_label_seq_id 
_pdbx_struct_conn_angle.ptnr2_auth_atom_id 
_pdbx_struct_conn_angle.ptnr2_auth_asym_id 
_pdbx_struct_conn_angle.ptnr2_auth_comp_id 
_pdbx_struct_conn_angle.ptnr2_auth_seq_id 
_pdbx_struct_conn_angle.ptnr2_PDB_ins_code 
_pdbx_struct_conn_angle.ptnr2_symmetry 
_pdbx_struct_conn_angle.ptnr3_label_atom_id 
_pdbx_struct_conn_angle.ptnr3_label_alt_id 
_pdbx_struct_conn_angle.ptnr3_label_asym_id 
_pdbx_struct_conn_angle.ptnr3_label_comp_id 
_pdbx_struct_conn_angle.ptnr3_label_seq_id 
_pdbx_struct_conn_angle.ptnr3_auth_atom_id 
_pdbx_struct_conn_angle.ptnr3_auth_asym_id 
_pdbx_struct_conn_angle.ptnr3_auth_comp_id 
_pdbx_struct_conn_angle.ptnr3_auth_seq_id 
_pdbx_struct_conn_angle.ptnr3_PDB_ins_code 
_pdbx_struct_conn_angle.ptnr3_symmetry 
_pdbx_struct_conn_angle.value 
_pdbx_struct_conn_angle.value_esd 
1 SG ? A CYS 56  ? A CYS 56  ? 1_555 ZN ? C ZN . ? A ZN 202 ? 1_555 SG  ? A CYS 58  ? A CYS 58  ? 1_555 109.2 ? 
2 SG ? A CYS 56  ? A CYS 56  ? 1_555 ZN ? C ZN . ? A ZN 202 ? 1_555 SG  ? A CYS 116 ? A CYS 116 ? 1_555 106.5 ? 
3 SG ? A CYS 58  ? A CYS 58  ? 1_555 ZN ? C ZN . ? A ZN 202 ? 1_555 SG  ? A CYS 116 ? A CYS 116 ? 1_555 118.3 ? 
4 SG ? A CYS 56  ? A CYS 56  ? 1_555 ZN ? C ZN . ? A ZN 202 ? 1_555 ND1 ? A HIS 118 ? A HIS 118 ? 1_555 105.8 ? 
5 SG ? A CYS 58  ? A CYS 58  ? 1_555 ZN ? C ZN . ? A ZN 202 ? 1_555 ND1 ? A HIS 118 ? A HIS 118 ? 1_555 100.7 ? 
6 SG ? A CYS 116 ? A CYS 116 ? 1_555 ZN ? C ZN . ? A ZN 202 ? 1_555 ND1 ? A HIS 118 ? A HIS 118 ? 1_555 115.6 ? 
# 
loop_
_struct_sheet.id 
_struct_sheet.type 
_struct_sheet.number_strands 
_struct_sheet.details 
AA1 ? 4 ? 
AA2 ? 7 ? 
# 
loop_
_struct_sheet_order.sheet_id 
_struct_sheet_order.range_id_1 
_struct_sheet_order.range_id_2 
_struct_sheet_order.offset 
_struct_sheet_order.sense 
AA1 1 2 ? anti-parallel 
AA1 2 3 ? anti-parallel 
AA1 3 4 ? anti-parallel 
AA2 1 2 ? anti-parallel 
AA2 2 3 ? anti-parallel 
AA2 3 4 ? anti-parallel 
AA2 4 5 ? anti-parallel 
AA2 5 6 ? anti-parallel 
AA2 6 7 ? anti-parallel 
# 
loop_
_struct_sheet_range.sheet_id 
_struct_sheet_range.id 
_struct_sheet_range.beg_label_comp_id 
_struct_sheet_range.beg_label_asym_id 
_struct_sheet_range.beg_label_seq_id 
_struct_sheet_range.pdbx_beg_PDB_ins_code 
_struct_sheet_range.end_label_comp_id 
_struct_sheet_range.end_label_asym_id 
_struct_sheet_range.end_label_seq_id 
_struct_sheet_range.pdbx_end_PDB_ins_code 
_struct_sheet_range.beg_auth_comp_id 
_struct_sheet_range.beg_auth_asym_id 
_struct_sheet_range.beg_auth_seq_id 
_struct_sheet_range.end_auth_comp_id 
_struct_sheet_range.end_auth_asym_id 
_struct_sheet_range.end_auth_seq_id 
AA1 1 ILE A 10  ? VAL A 12  ? ILE A 10  VAL A 12  
AA1 2 TYR A 15  ? ASN A 19  ? TYR A 15  ASN A 19  
AA1 3 LEU A 40  ? SER A 44  ? LEU A 40  SER A 44  
AA1 4 LEU A 31  ? ASP A 35  ? LEU A 31  ASP A 35  
AA2 1 LYS A 70  ? SER A 75  ? LYS A 70  SER A 75  
AA2 2 THR A 60  ? CYS A 65  ? THR A 60  CYS A 65  
AA2 3 ILE A 113 ? CYS A 116 ? ILE A 113 CYS A 116 
AA2 4 GLY A 119 ? THR A 126 ? GLY A 119 THR A 126 
AA2 5 LEU A 131 ? ASP A 136 ? LEU A 131 ASP A 136 
AA2 6 ARG A 93  ? VAL A 102 ? ARG A 93  VAL A 102 
AA2 7 SER A 80  ? VAL A 84  ? SER A 80  VAL A 84  
# 
loop_
_pdbx_struct_sheet_hbond.sheet_id 
_pdbx_struct_sheet_hbond.range_id_1 
_pdbx_struct_sheet_hbond.range_id_2 
_pdbx_struct_sheet_hbond.range_1_label_atom_id 
_pdbx_struct_sheet_hbond.range_1_label_comp_id 
_pdbx_struct_sheet_hbond.range_1_label_asym_id 
_pdbx_struct_sheet_hbond.range_1_label_seq_id 
_pdbx_struct_sheet_hbond.range_1_PDB_ins_code 
_pdbx_struct_sheet_hbond.range_1_auth_atom_id 
_pdbx_struct_sheet_hbond.range_1_auth_comp_id 
_pdbx_struct_sheet_hbond.range_1_auth_asym_id 
_pdbx_struct_sheet_hbond.range_1_auth_seq_id 
_pdbx_struct_sheet_hbond.range_2_label_atom_id 
_pdbx_struct_sheet_hbond.range_2_label_comp_id 
_pdbx_struct_sheet_hbond.range_2_label_asym_id 
_pdbx_struct_sheet_hbond.range_2_label_seq_id 
_pdbx_struct_sheet_hbond.range_2_PDB_ins_code 
_pdbx_struct_sheet_hbond.range_2_auth_atom_id 
_pdbx_struct_sheet_hbond.range_2_auth_comp_id 
_pdbx_struct_sheet_hbond.range_2_auth_asym_id 
_pdbx_struct_sheet_hbond.range_2_auth_seq_id 
AA1 1 2 N ILE A 10  ? N ILE A 10  O VAL A 17  ? O VAL A 17  
AA1 2 3 N VAL A 18  ? N VAL A 18  O LEU A 41  ? O LEU A 41  
AA1 3 4 O VAL A 42  ? O VAL A 42  N VAL A 32  ? N VAL A 32  
AA2 1 2 O LYS A 70  ? O LYS A 70  N CYS A 65  ? N CYS A 65  
AA2 2 3 N VAL A 62  ? N VAL A 62  O ARG A 115 ? O ARG A 115 
AA2 3 4 N LEU A 114 ? N LEU A 114 O VAL A 121 ? O VAL A 121 
AA2 4 5 N SER A 125 ? N SER A 125 O GLY A 133 ? O GLY A 133 
AA2 5 6 O PHE A 134 ? O PHE A 134 N MET A 99  ? N MET A 99  
AA2 6 7 O ARG A 93  ? O ARG A 93  N VAL A 84  ? N VAL A 84  
# 
_pdbx_entry_details.entry_id                   7H2V 
_pdbx_entry_details.compound_details           ? 
_pdbx_entry_details.source_details             ? 
_pdbx_entry_details.nonpolymer_details         ? 
_pdbx_entry_details.sequence_details           ? 
_pdbx_entry_details.has_ligand_of_interest     ? 
_pdbx_entry_details.has_protein_modification   N 
# 
loop_
_pdbx_validate_close_contact.id 
_pdbx_validate_close_contact.PDB_model_num 
_pdbx_validate_close_contact.auth_atom_id_1 
_pdbx_validate_close_contact.auth_asym_id_1 
_pdbx_validate_close_contact.auth_comp_id_1 
_pdbx_validate_close_contact.auth_seq_id_1 
_pdbx_validate_close_contact.PDB_ins_code_1 
_pdbx_validate_close_contact.label_alt_id_1 
_pdbx_validate_close_contact.auth_atom_id_2 
_pdbx_validate_close_contact.auth_asym_id_2 
_pdbx_validate_close_contact.auth_comp_id_2 
_pdbx_validate_close_contact.auth_seq_id_2 
_pdbx_validate_close_contact.PDB_ins_code_2 
_pdbx_validate_close_contact.label_alt_id_2 
_pdbx_validate_close_contact.dist 
1 1 OE1 A GLU 106 ? ? O A HOH 301 ? ? 1.94 
2 1 O   A HOH 310 ? ? O A HOH 463 ? ? 1.98 
3 1 O   A HOH 323 ? ? O A HOH 343 ? ? 2.10 
4 1 CB  A CYS 50  ? ? O A HOH 310 ? ? 2.16 
5 1 O   A THR 46  ? ? O A HOH 302 ? ? 2.18 
# 
loop_
_pdbx_validate_symm_contact.id 
_pdbx_validate_symm_contact.PDB_model_num 
_pdbx_validate_symm_contact.auth_atom_id_1 
_pdbx_validate_symm_contact.auth_asym_id_1 
_pdbx_validate_symm_contact.auth_comp_id_1 
_pdbx_validate_symm_contact.auth_seq_id_1 
_pdbx_validate_symm_contact.PDB_ins_code_1 
_pdbx_validate_symm_contact.label_alt_id_1 
_pdbx_validate_symm_contact.site_symmetry_1 
_pdbx_validate_symm_contact.auth_atom_id_2 
_pdbx_validate_symm_contact.auth_asym_id_2 
_pdbx_validate_symm_contact.auth_comp_id_2 
_pdbx_validate_symm_contact.auth_seq_id_2 
_pdbx_validate_symm_contact.PDB_ins_code_2 
_pdbx_validate_symm_contact.label_alt_id_2 
_pdbx_validate_symm_contact.site_symmetry_2 
_pdbx_validate_symm_contact.dist 
1 1 O3 A SO4 207 ? ? 1_555 O3 A SO4 207 ? ? 2_556 1.89 
2 1 O  A HOH 377 ? ? 1_555 O  A HOH 494 ? ? 4_556 2.09 
# 
_pdbx_distant_solvent_atoms.id                                1 
_pdbx_distant_solvent_atoms.PDB_model_num                     1 
_pdbx_distant_solvent_atoms.auth_atom_id                      O 
_pdbx_distant_solvent_atoms.label_alt_id                      ? 
_pdbx_distant_solvent_atoms.auth_asym_id                      A 
_pdbx_distant_solvent_atoms.auth_comp_id                      HOH 
_pdbx_distant_solvent_atoms.auth_seq_id                       536 
_pdbx_distant_solvent_atoms.PDB_ins_code                      ? 
_pdbx_distant_solvent_atoms.neighbor_macromolecule_distance   8.07 
_pdbx_distant_solvent_atoms.neighbor_ligand_distance          . 
# 
loop_
_pdbx_unobs_or_zero_occ_residues.id 
_pdbx_unobs_or_zero_occ_residues.PDB_model_num 
_pdbx_unobs_or_zero_occ_residues.polymer_flag 
_pdbx_unobs_or_zero_occ_residues.occupancy_flag 
_pdbx_unobs_or_zero_occ_residues.auth_asym_id 
_pdbx_unobs_or_zero_occ_residues.auth_comp_id 
_pdbx_unobs_or_zero_occ_residues.auth_seq_id 
_pdbx_unobs_or_zero_occ_residues.PDB_ins_code 
_pdbx_unobs_or_zero_occ_residues.label_asym_id 
_pdbx_unobs_or_zero_occ_residues.label_comp_id 
_pdbx_unobs_or_zero_occ_residues.label_seq_id 
1  1 Y 1 A GLN 1   ? A GLN 1   
2  1 Y 1 A GLU 2   ? A GLU 2   
3  1 Y 1 A GLN 3   ? A GLN 3   
4  1 Y 1 A THR 4   ? A THR 4   
5  1 Y 1 A GLY 5   ? A GLY 5   
6  1 Y 1 A GLY 6   ? A GLY 6   
7  1 Y 1 A ALA 147 ? A ALA 147 
8  1 Y 1 A MET 148 ? A MET 148 
9  1 Y 1 A GLU 149 ? A GLU 149 
10 1 Y 1 A GLN 150 ? A GLN 150 
# 
loop_
_chem_comp_atom.comp_id 
_chem_comp_atom.atom_id 
_chem_comp_atom.type_symbol 
_chem_comp_atom.pdbx_aromatic_flag 
_chem_comp_atom.pdbx_stereo_config 
_chem_comp_atom.pdbx_ordinal 
A1AMY C4   C  Y N 1   
A1AMY C5   C  Y N 2   
A1AMY C6   C  N N 3   
A1AMY C7   C  N N 4   
A1AMY C8   C  N N 5   
A1AMY C10  C  N N 6   
A1AMY N    N  N N 7   
A1AMY C    C  Y N 8   
A1AMY O    O  N N 9   
A1AMY C1   C  Y N 10  
A1AMY C11  C  N N 11  
A1AMY C2   C  Y N 12  
A1AMY C3   C  Y N 13  
A1AMY C9   C  N N 14  
A1AMY F    F  N N 15  
A1AMY H3   H  N N 16  
A1AMY H5   H  N N 17  
A1AMY H4   H  N N 18  
A1AMY H7   H  N N 19  
A1AMY H8   H  N N 20  
A1AMY H9   H  N N 21  
A1AMY H12  H  N N 22  
A1AMY H13  H  N N 23  
A1AMY H6   H  N N 24  
A1AMY H    H  N N 25  
A1AMY H14  H  N N 26  
A1AMY H15  H  N N 27  
A1AMY H1   H  N N 28  
A1AMY H2   H  N N 29  
A1AMY H10  H  N N 30  
A1AMY H11  H  N N 31  
ALA   N    N  N N 32  
ALA   CA   C  N S 33  
ALA   C    C  N N 34  
ALA   O    O  N N 35  
ALA   CB   C  N N 36  
ALA   OXT  O  N N 37  
ALA   H    H  N N 38  
ALA   H2   H  N N 39  
ALA   HA   H  N N 40  
ALA   HB1  H  N N 41  
ALA   HB2  H  N N 42  
ALA   HB3  H  N N 43  
ALA   HXT  H  N N 44  
ARG   N    N  N N 45  
ARG   CA   C  N S 46  
ARG   C    C  N N 47  
ARG   O    O  N N 48  
ARG   CB   C  N N 49  
ARG   CG   C  N N 50  
ARG   CD   C  N N 51  
ARG   NE   N  N N 52  
ARG   CZ   C  N N 53  
ARG   NH1  N  N N 54  
ARG   NH2  N  N N 55  
ARG   OXT  O  N N 56  
ARG   H    H  N N 57  
ARG   H2   H  N N 58  
ARG   HA   H  N N 59  
ARG   HB2  H  N N 60  
ARG   HB3  H  N N 61  
ARG   HG2  H  N N 62  
ARG   HG3  H  N N 63  
ARG   HD2  H  N N 64  
ARG   HD3  H  N N 65  
ARG   HE   H  N N 66  
ARG   HH11 H  N N 67  
ARG   HH12 H  N N 68  
ARG   HH21 H  N N 69  
ARG   HH22 H  N N 70  
ARG   HXT  H  N N 71  
ASN   N    N  N N 72  
ASN   CA   C  N S 73  
ASN   C    C  N N 74  
ASN   O    O  N N 75  
ASN   CB   C  N N 76  
ASN   CG   C  N N 77  
ASN   OD1  O  N N 78  
ASN   ND2  N  N N 79  
ASN   OXT  O  N N 80  
ASN   H    H  N N 81  
ASN   H2   H  N N 82  
ASN   HA   H  N N 83  
ASN   HB2  H  N N 84  
ASN   HB3  H  N N 85  
ASN   HD21 H  N N 86  
ASN   HD22 H  N N 87  
ASN   HXT  H  N N 88  
ASP   N    N  N N 89  
ASP   CA   C  N S 90  
ASP   C    C  N N 91  
ASP   O    O  N N 92  
ASP   CB   C  N N 93  
ASP   CG   C  N N 94  
ASP   OD1  O  N N 95  
ASP   OD2  O  N N 96  
ASP   OXT  O  N N 97  
ASP   H    H  N N 98  
ASP   H2   H  N N 99  
ASP   HA   H  N N 100 
ASP   HB2  H  N N 101 
ASP   HB3  H  N N 102 
ASP   HD2  H  N N 103 
ASP   HXT  H  N N 104 
CYS   N    N  N N 105 
CYS   CA   C  N R 106 
CYS   C    C  N N 107 
CYS   O    O  N N 108 
CYS   CB   C  N N 109 
CYS   SG   S  N N 110 
CYS   OXT  O  N N 111 
CYS   H    H  N N 112 
CYS   H2   H  N N 113 
CYS   HA   H  N N 114 
CYS   HB2  H  N N 115 
CYS   HB3  H  N N 116 
CYS   HG   H  N N 117 
CYS   HXT  H  N N 118 
DMS   S    S  N N 119 
DMS   O    O  N N 120 
DMS   C1   C  N N 121 
DMS   C2   C  N N 122 
DMS   H11  H  N N 123 
DMS   H12  H  N N 124 
DMS   H13  H  N N 125 
DMS   H21  H  N N 126 
DMS   H22  H  N N 127 
DMS   H23  H  N N 128 
GLN   N    N  N N 129 
GLN   CA   C  N S 130 
GLN   C    C  N N 131 
GLN   O    O  N N 132 
GLN   CB   C  N N 133 
GLN   CG   C  N N 134 
GLN   CD   C  N N 135 
GLN   OE1  O  N N 136 
GLN   NE2  N  N N 137 
GLN   OXT  O  N N 138 
GLN   H    H  N N 139 
GLN   H2   H  N N 140 
GLN   HA   H  N N 141 
GLN   HB2  H  N N 142 
GLN   HB3  H  N N 143 
GLN   HG2  H  N N 144 
GLN   HG3  H  N N 145 
GLN   HE21 H  N N 146 
GLN   HE22 H  N N 147 
GLN   HXT  H  N N 148 
GLU   N    N  N N 149 
GLU   CA   C  N S 150 
GLU   C    C  N N 151 
GLU   O    O  N N 152 
GLU   CB   C  N N 153 
GLU   CG   C  N N 154 
GLU   CD   C  N N 155 
GLU   OE1  O  N N 156 
GLU   OE2  O  N N 157 
GLU   OXT  O  N N 158 
GLU   H    H  N N 159 
GLU   H2   H  N N 160 
GLU   HA   H  N N 161 
GLU   HB2  H  N N 162 
GLU   HB3  H  N N 163 
GLU   HG2  H  N N 164 
GLU   HG3  H  N N 165 
GLU   HE2  H  N N 166 
GLU   HXT  H  N N 167 
GLY   N    N  N N 168 
GLY   CA   C  N N 169 
GLY   C    C  N N 170 
GLY   O    O  N N 171 
GLY   OXT  O  N N 172 
GLY   H    H  N N 173 
GLY   H2   H  N N 174 
GLY   HA2  H  N N 175 
GLY   HA3  H  N N 176 
GLY   HXT  H  N N 177 
HIS   N    N  N N 178 
HIS   CA   C  N S 179 
HIS   C    C  N N 180 
HIS   O    O  N N 181 
HIS   CB   C  N N 182 
HIS   CG   C  Y N 183 
HIS   ND1  N  Y N 184 
HIS   CD2  C  Y N 185 
HIS   CE1  C  Y N 186 
HIS   NE2  N  Y N 187 
HIS   OXT  O  N N 188 
HIS   H    H  N N 189 
HIS   H2   H  N N 190 
HIS   HA   H  N N 191 
HIS   HB2  H  N N 192 
HIS   HB3  H  N N 193 
HIS   HD1  H  N N 194 
HIS   HD2  H  N N 195 
HIS   HE1  H  N N 196 
HIS   HE2  H  N N 197 
HIS   HXT  H  N N 198 
HOH   O    O  N N 199 
HOH   H1   H  N N 200 
HOH   H2   H  N N 201 
ILE   N    N  N N 202 
ILE   CA   C  N S 203 
ILE   C    C  N N 204 
ILE   O    O  N N 205 
ILE   CB   C  N S 206 
ILE   CG1  C  N N 207 
ILE   CG2  C  N N 208 
ILE   CD1  C  N N 209 
ILE   OXT  O  N N 210 
ILE   H    H  N N 211 
ILE   H2   H  N N 212 
ILE   HA   H  N N 213 
ILE   HB   H  N N 214 
ILE   HG12 H  N N 215 
ILE   HG13 H  N N 216 
ILE   HG21 H  N N 217 
ILE   HG22 H  N N 218 
ILE   HG23 H  N N 219 
ILE   HD11 H  N N 220 
ILE   HD12 H  N N 221 
ILE   HD13 H  N N 222 
ILE   HXT  H  N N 223 
LEU   N    N  N N 224 
LEU   CA   C  N S 225 
LEU   C    C  N N 226 
LEU   O    O  N N 227 
LEU   CB   C  N N 228 
LEU   CG   C  N N 229 
LEU   CD1  C  N N 230 
LEU   CD2  C  N N 231 
LEU   OXT  O  N N 232 
LEU   H    H  N N 233 
LEU   H2   H  N N 234 
LEU   HA   H  N N 235 
LEU   HB2  H  N N 236 
LEU   HB3  H  N N 237 
LEU   HG   H  N N 238 
LEU   HD11 H  N N 239 
LEU   HD12 H  N N 240 
LEU   HD13 H  N N 241 
LEU   HD21 H  N N 242 
LEU   HD22 H  N N 243 
LEU   HD23 H  N N 244 
LEU   HXT  H  N N 245 
LYS   N    N  N N 246 
LYS   CA   C  N S 247 
LYS   C    C  N N 248 
LYS   O    O  N N 249 
LYS   CB   C  N N 250 
LYS   CG   C  N N 251 
LYS   CD   C  N N 252 
LYS   CE   C  N N 253 
LYS   NZ   N  N N 254 
LYS   OXT  O  N N 255 
LYS   H    H  N N 256 
LYS   H2   H  N N 257 
LYS   HA   H  N N 258 
LYS   HB2  H  N N 259 
LYS   HB3  H  N N 260 
LYS   HG2  H  N N 261 
LYS   HG3  H  N N 262 
LYS   HD2  H  N N 263 
LYS   HD3  H  N N 264 
LYS   HE2  H  N N 265 
LYS   HE3  H  N N 266 
LYS   HZ1  H  N N 267 
LYS   HZ2  H  N N 268 
LYS   HZ3  H  N N 269 
LYS   HXT  H  N N 270 
MET   N    N  N N 271 
MET   CA   C  N S 272 
MET   C    C  N N 273 
MET   O    O  N N 274 
MET   CB   C  N N 275 
MET   CG   C  N N 276 
MET   SD   S  N N 277 
MET   CE   C  N N 278 
MET   OXT  O  N N 279 
MET   H    H  N N 280 
MET   H2   H  N N 281 
MET   HA   H  N N 282 
MET   HB2  H  N N 283 
MET   HB3  H  N N 284 
MET   HG2  H  N N 285 
MET   HG3  H  N N 286 
MET   HE1  H  N N 287 
MET   HE2  H  N N 288 
MET   HE3  H  N N 289 
MET   HXT  H  N N 290 
PHE   N    N  N N 291 
PHE   CA   C  N S 292 
PHE   C    C  N N 293 
PHE   O    O  N N 294 
PHE   CB   C  N N 295 
PHE   CG   C  Y N 296 
PHE   CD1  C  Y N 297 
PHE   CD2  C  Y N 298 
PHE   CE1  C  Y N 299 
PHE   CE2  C  Y N 300 
PHE   CZ   C  Y N 301 
PHE   OXT  O  N N 302 
PHE   H    H  N N 303 
PHE   H2   H  N N 304 
PHE   HA   H  N N 305 
PHE   HB2  H  N N 306 
PHE   HB3  H  N N 307 
PHE   HD1  H  N N 308 
PHE   HD2  H  N N 309 
PHE   HE1  H  N N 310 
PHE   HE2  H  N N 311 
PHE   HZ   H  N N 312 
PHE   HXT  H  N N 313 
PRO   N    N  N N 314 
PRO   CA   C  N S 315 
PRO   C    C  N N 316 
PRO   O    O  N N 317 
PRO   CB   C  N N 318 
PRO   CG   C  N N 319 
PRO   CD   C  N N 320 
PRO   OXT  O  N N 321 
PRO   H    H  N N 322 
PRO   HA   H  N N 323 
PRO   HB2  H  N N 324 
PRO   HB3  H  N N 325 
PRO   HG2  H  N N 326 
PRO   HG3  H  N N 327 
PRO   HD2  H  N N 328 
PRO   HD3  H  N N 329 
PRO   HXT  H  N N 330 
SER   N    N  N N 331 
SER   CA   C  N S 332 
SER   C    C  N N 333 
SER   O    O  N N 334 
SER   CB   C  N N 335 
SER   OG   O  N N 336 
SER   OXT  O  N N 337 
SER   H    H  N N 338 
SER   H2   H  N N 339 
SER   HA   H  N N 340 
SER   HB2  H  N N 341 
SER   HB3  H  N N 342 
SER   HG   H  N N 343 
SER   HXT  H  N N 344 
SO4   S    S  N N 345 
SO4   O1   O  N N 346 
SO4   O2   O  N N 347 
SO4   O3   O  N N 348 
SO4   O4   O  N N 349 
THR   N    N  N N 350 
THR   CA   C  N S 351 
THR   C    C  N N 352 
THR   O    O  N N 353 
THR   CB   C  N R 354 
THR   OG1  O  N N 355 
THR   CG2  C  N N 356 
THR   OXT  O  N N 357 
THR   H    H  N N 358 
THR   H2   H  N N 359 
THR   HA   H  N N 360 
THR   HB   H  N N 361 
THR   HG1  H  N N 362 
THR   HG21 H  N N 363 
THR   HG22 H  N N 364 
THR   HG23 H  N N 365 
THR   HXT  H  N N 366 
TRP   N    N  N N 367 
TRP   CA   C  N S 368 
TRP   C    C  N N 369 
TRP   O    O  N N 370 
TRP   CB   C  N N 371 
TRP   CG   C  Y N 372 
TRP   CD1  C  Y N 373 
TRP   CD2  C  Y N 374 
TRP   NE1  N  Y N 375 
TRP   CE2  C  Y N 376 
TRP   CE3  C  Y N 377 
TRP   CZ2  C  Y N 378 
TRP   CZ3  C  Y N 379 
TRP   CH2  C  Y N 380 
TRP   OXT  O  N N 381 
TRP   H    H  N N 382 
TRP   H2   H  N N 383 
TRP   HA   H  N N 384 
TRP   HB2  H  N N 385 
TRP   HB3  H  N N 386 
TRP   HD1  H  N N 387 
TRP   HE1  H  N N 388 
TRP   HE3  H  N N 389 
TRP   HZ2  H  N N 390 
TRP   HZ3  H  N N 391 
TRP   HH2  H  N N 392 
TRP   HXT  H  N N 393 
TYR   N    N  N N 394 
TYR   CA   C  N S 395 
TYR   C    C  N N 396 
TYR   O    O  N N 397 
TYR   CB   C  N N 398 
TYR   CG   C  Y N 399 
TYR   CD1  C  Y N 400 
TYR   CD2  C  Y N 401 
TYR   CE1  C  Y N 402 
TYR   CE2  C  Y N 403 
TYR   CZ   C  Y N 404 
TYR   OH   O  N N 405 
TYR   OXT  O  N N 406 
TYR   H    H  N N 407 
TYR   H2   H  N N 408 
TYR   HA   H  N N 409 
TYR   HB2  H  N N 410 
TYR   HB3  H  N N 411 
TYR   HD1  H  N N 412 
TYR   HD2  H  N N 413 
TYR   HE1  H  N N 414 
TYR   HE2  H  N N 415 
TYR   HH   H  N N 416 
TYR   HXT  H  N N 417 
VAL   N    N  N N 418 
VAL   CA   C  N S 419 
VAL   C    C  N N 420 
VAL   O    O  N N 421 
VAL   CB   C  N N 422 
VAL   CG1  C  N N 423 
VAL   CG2  C  N N 424 
VAL   OXT  O  N N 425 
VAL   H    H  N N 426 
VAL   H2   H  N N 427 
VAL   HA   H  N N 428 
VAL   HB   H  N N 429 
VAL   HG11 H  N N 430 
VAL   HG12 H  N N 431 
VAL   HG13 H  N N 432 
VAL   HG21 H  N N 433 
VAL   HG22 H  N N 434 
VAL   HG23 H  N N 435 
VAL   HXT  H  N N 436 
ZN    ZN   ZN N N 437 
# 
loop_
_chem_comp_bond.comp_id 
_chem_comp_bond.atom_id_1 
_chem_comp_bond.atom_id_2 
_chem_comp_bond.value_order 
_chem_comp_bond.pdbx_aromatic_flag 
_chem_comp_bond.pdbx_stereo_config 
_chem_comp_bond.pdbx_ordinal 
A1AMY C   F    sing N N 1   
A1AMY C   C1   doub Y N 2   
A1AMY C1  C2   sing Y N 3   
A1AMY C2  C3   doub Y N 4   
A1AMY C3  C4   sing Y N 5   
A1AMY C4  C5   doub Y N 6   
A1AMY C5  C    sing Y N 7   
A1AMY C6  C5   sing N N 8   
A1AMY N   C6   sing N N 9   
A1AMY C7  N    sing N N 10  
A1AMY C7  C8   sing N N 11  
A1AMY C8  C9   sing N N 12  
A1AMY C9  O    sing N N 13  
A1AMY O   C10  sing N N 14  
A1AMY C10 C11  sing N N 15  
A1AMY C11 C7   sing N N 16  
A1AMY C4  H3   sing N N 17  
A1AMY C6  H5   sing N N 18  
A1AMY C6  H4   sing N N 19  
A1AMY C7  H7   sing N N 20  
A1AMY C8  H8   sing N N 21  
A1AMY C8  H9   sing N N 22  
A1AMY C10 H12  sing N N 23  
A1AMY C10 H13  sing N N 24  
A1AMY N   H6   sing N N 25  
A1AMY C1  H    sing N N 26  
A1AMY C11 H14  sing N N 27  
A1AMY C11 H15  sing N N 28  
A1AMY C2  H1   sing N N 29  
A1AMY C3  H2   sing N N 30  
A1AMY C9  H10  sing N N 31  
A1AMY C9  H11  sing N N 32  
ALA   N   CA   sing N N 33  
ALA   N   H    sing N N 34  
ALA   N   H2   sing N N 35  
ALA   CA  C    sing N N 36  
ALA   CA  CB   sing N N 37  
ALA   CA  HA   sing N N 38  
ALA   C   O    doub N N 39  
ALA   C   OXT  sing N N 40  
ALA   CB  HB1  sing N N 41  
ALA   CB  HB2  sing N N 42  
ALA   CB  HB3  sing N N 43  
ALA   OXT HXT  sing N N 44  
ARG   N   CA   sing N N 45  
ARG   N   H    sing N N 46  
ARG   N   H2   sing N N 47  
ARG   CA  C    sing N N 48  
ARG   CA  CB   sing N N 49  
ARG   CA  HA   sing N N 50  
ARG   C   O    doub N N 51  
ARG   C   OXT  sing N N 52  
ARG   CB  CG   sing N N 53  
ARG   CB  HB2  sing N N 54  
ARG   CB  HB3  sing N N 55  
ARG   CG  CD   sing N N 56  
ARG   CG  HG2  sing N N 57  
ARG   CG  HG3  sing N N 58  
ARG   CD  NE   sing N N 59  
ARG   CD  HD2  sing N N 60  
ARG   CD  HD3  sing N N 61  
ARG   NE  CZ   sing N N 62  
ARG   NE  HE   sing N N 63  
ARG   CZ  NH1  sing N N 64  
ARG   CZ  NH2  doub N N 65  
ARG   NH1 HH11 sing N N 66  
ARG   NH1 HH12 sing N N 67  
ARG   NH2 HH21 sing N N 68  
ARG   NH2 HH22 sing N N 69  
ARG   OXT HXT  sing N N 70  
ASN   N   CA   sing N N 71  
ASN   N   H    sing N N 72  
ASN   N   H2   sing N N 73  
ASN   CA  C    sing N N 74  
ASN   CA  CB   sing N N 75  
ASN   CA  HA   sing N N 76  
ASN   C   O    doub N N 77  
ASN   C   OXT  sing N N 78  
ASN   CB  CG   sing N N 79  
ASN   CB  HB2  sing N N 80  
ASN   CB  HB3  sing N N 81  
ASN   CG  OD1  doub N N 82  
ASN   CG  ND2  sing N N 83  
ASN   ND2 HD21 sing N N 84  
ASN   ND2 HD22 sing N N 85  
ASN   OXT HXT  sing N N 86  
ASP   N   CA   sing N N 87  
ASP   N   H    sing N N 88  
ASP   N   H2   sing N N 89  
ASP   CA  C    sing N N 90  
ASP   CA  CB   sing N N 91  
ASP   CA  HA   sing N N 92  
ASP   C   O    doub N N 93  
ASP   C   OXT  sing N N 94  
ASP   CB  CG   sing N N 95  
ASP   CB  HB2  sing N N 96  
ASP   CB  HB3  sing N N 97  
ASP   CG  OD1  doub N N 98  
ASP   CG  OD2  sing N N 99  
ASP   OD2 HD2  sing N N 100 
ASP   OXT HXT  sing N N 101 
CYS   N   CA   sing N N 102 
CYS   N   H    sing N N 103 
CYS   N   H2   sing N N 104 
CYS   CA  C    sing N N 105 
CYS   CA  CB   sing N N 106 
CYS   CA  HA   sing N N 107 
CYS   C   O    doub N N 108 
CYS   C   OXT  sing N N 109 
CYS   CB  SG   sing N N 110 
CYS   CB  HB2  sing N N 111 
CYS   CB  HB3  sing N N 112 
CYS   SG  HG   sing N N 113 
CYS   OXT HXT  sing N N 114 
DMS   S   O    doub N N 115 
DMS   S   C1   sing N N 116 
DMS   S   C2   sing N N 117 
DMS   C1  H11  sing N N 118 
DMS   C1  H12  sing N N 119 
DMS   C1  H13  sing N N 120 
DMS   C2  H21  sing N N 121 
DMS   C2  H22  sing N N 122 
DMS   C2  H23  sing N N 123 
GLN   N   CA   sing N N 124 
GLN   N   H    sing N N 125 
GLN   N   H2   sing N N 126 
GLN   CA  C    sing N N 127 
GLN   CA  CB   sing N N 128 
GLN   CA  HA   sing N N 129 
GLN   C   O    doub N N 130 
GLN   C   OXT  sing N N 131 
GLN   CB  CG   sing N N 132 
GLN   CB  HB2  sing N N 133 
GLN   CB  HB3  sing N N 134 
GLN   CG  CD   sing N N 135 
GLN   CG  HG2  sing N N 136 
GLN   CG  HG3  sing N N 137 
GLN   CD  OE1  doub N N 138 
GLN   CD  NE2  sing N N 139 
GLN   NE2 HE21 sing N N 140 
GLN   NE2 HE22 sing N N 141 
GLN   OXT HXT  sing N N 142 
GLU   N   CA   sing N N 143 
GLU   N   H    sing N N 144 
GLU   N   H2   sing N N 145 
GLU   CA  C    sing N N 146 
GLU   CA  CB   sing N N 147 
GLU   CA  HA   sing N N 148 
GLU   C   O    doub N N 149 
GLU   C   OXT  sing N N 150 
GLU   CB  CG   sing N N 151 
GLU   CB  HB2  sing N N 152 
GLU   CB  HB3  sing N N 153 
GLU   CG  CD   sing N N 154 
GLU   CG  HG2  sing N N 155 
GLU   CG  HG3  sing N N 156 
GLU   CD  OE1  doub N N 157 
GLU   CD  OE2  sing N N 158 
GLU   OE2 HE2  sing N N 159 
GLU   OXT HXT  sing N N 160 
GLY   N   CA   sing N N 161 
GLY   N   H    sing N N 162 
GLY   N   H2   sing N N 163 
GLY   CA  C    sing N N 164 
GLY   CA  HA2  sing N N 165 
GLY   CA  HA3  sing N N 166 
GLY   C   O    doub N N 167 
GLY   C   OXT  sing N N 168 
GLY   OXT HXT  sing N N 169 
HIS   N   CA   sing N N 170 
HIS   N   H    sing N N 171 
HIS   N   H2   sing N N 172 
HIS   CA  C    sing N N 173 
HIS   CA  CB   sing N N 174 
HIS   CA  HA   sing N N 175 
HIS   C   O    doub N N 176 
HIS   C   OXT  sing N N 177 
HIS   CB  CG   sing N N 178 
HIS   CB  HB2  sing N N 179 
HIS   CB  HB3  sing N N 180 
HIS   CG  ND1  sing Y N 181 
HIS   CG  CD2  doub Y N 182 
HIS   ND1 CE1  doub Y N 183 
HIS   ND1 HD1  sing N N 184 
HIS   CD2 NE2  sing Y N 185 
HIS   CD2 HD2  sing N N 186 
HIS   CE1 NE2  sing Y N 187 
HIS   CE1 HE1  sing N N 188 
HIS   NE2 HE2  sing N N 189 
HIS   OXT HXT  sing N N 190 
HOH   O   H1   sing N N 191 
HOH   O   H2   sing N N 192 
ILE   N   CA   sing N N 193 
ILE   N   H    sing N N 194 
ILE   N   H2   sing N N 195 
ILE   CA  C    sing N N 196 
ILE   CA  CB   sing N N 197 
ILE   CA  HA   sing N N 198 
ILE   C   O    doub N N 199 
ILE   C   OXT  sing N N 200 
ILE   CB  CG1  sing N N 201 
ILE   CB  CG2  sing N N 202 
ILE   CB  HB   sing N N 203 
ILE   CG1 CD1  sing N N 204 
ILE   CG1 HG12 sing N N 205 
ILE   CG1 HG13 sing N N 206 
ILE   CG2 HG21 sing N N 207 
ILE   CG2 HG22 sing N N 208 
ILE   CG2 HG23 sing N N 209 
ILE   CD1 HD11 sing N N 210 
ILE   CD1 HD12 sing N N 211 
ILE   CD1 HD13 sing N N 212 
ILE   OXT HXT  sing N N 213 
LEU   N   CA   sing N N 214 
LEU   N   H    sing N N 215 
LEU   N   H2   sing N N 216 
LEU   CA  C    sing N N 217 
LEU   CA  CB   sing N N 218 
LEU   CA  HA   sing N N 219 
LEU   C   O    doub N N 220 
LEU   C   OXT  sing N N 221 
LEU   CB  CG   sing N N 222 
LEU   CB  HB2  sing N N 223 
LEU   CB  HB3  sing N N 224 
LEU   CG  CD1  sing N N 225 
LEU   CG  CD2  sing N N 226 
LEU   CG  HG   sing N N 227 
LEU   CD1 HD11 sing N N 228 
LEU   CD1 HD12 sing N N 229 
LEU   CD1 HD13 sing N N 230 
LEU   CD2 HD21 sing N N 231 
LEU   CD2 HD22 sing N N 232 
LEU   CD2 HD23 sing N N 233 
LEU   OXT HXT  sing N N 234 
LYS   N   CA   sing N N 235 
LYS   N   H    sing N N 236 
LYS   N   H2   sing N N 237 
LYS   CA  C    sing N N 238 
LYS   CA  CB   sing N N 239 
LYS   CA  HA   sing N N 240 
LYS   C   O    doub N N 241 
LYS   C   OXT  sing N N 242 
LYS   CB  CG   sing N N 243 
LYS   CB  HB2  sing N N 244 
LYS   CB  HB3  sing N N 245 
LYS   CG  CD   sing N N 246 
LYS   CG  HG2  sing N N 247 
LYS   CG  HG3  sing N N 248 
LYS   CD  CE   sing N N 249 
LYS   CD  HD2  sing N N 250 
LYS   CD  HD3  sing N N 251 
LYS   CE  NZ   sing N N 252 
LYS   CE  HE2  sing N N 253 
LYS   CE  HE3  sing N N 254 
LYS   NZ  HZ1  sing N N 255 
LYS   NZ  HZ2  sing N N 256 
LYS   NZ  HZ3  sing N N 257 
LYS   OXT HXT  sing N N 258 
MET   N   CA   sing N N 259 
MET   N   H    sing N N 260 
MET   N   H2   sing N N 261 
MET   CA  C    sing N N 262 
MET   CA  CB   sing N N 263 
MET   CA  HA   sing N N 264 
MET   C   O    doub N N 265 
MET   C   OXT  sing N N 266 
MET   CB  CG   sing N N 267 
MET   CB  HB2  sing N N 268 
MET   CB  HB3  sing N N 269 
MET   CG  SD   sing N N 270 
MET   CG  HG2  sing N N 271 
MET   CG  HG3  sing N N 272 
MET   SD  CE   sing N N 273 
MET   CE  HE1  sing N N 274 
MET   CE  HE2  sing N N 275 
MET   CE  HE3  sing N N 276 
MET   OXT HXT  sing N N 277 
PHE   N   CA   sing N N 278 
PHE   N   H    sing N N 279 
PHE   N   H2   sing N N 280 
PHE   CA  C    sing N N 281 
PHE   CA  CB   sing N N 282 
PHE   CA  HA   sing N N 283 
PHE   C   O    doub N N 284 
PHE   C   OXT  sing N N 285 
PHE   CB  CG   sing N N 286 
PHE   CB  HB2  sing N N 287 
PHE   CB  HB3  sing N N 288 
PHE   CG  CD1  doub Y N 289 
PHE   CG  CD2  sing Y N 290 
PHE   CD1 CE1  sing Y N 291 
PHE   CD1 HD1  sing N N 292 
PHE   CD2 CE2  doub Y N 293 
PHE   CD2 HD2  sing N N 294 
PHE   CE1 CZ   doub Y N 295 
PHE   CE1 HE1  sing N N 296 
PHE   CE2 CZ   sing Y N 297 
PHE   CE2 HE2  sing N N 298 
PHE   CZ  HZ   sing N N 299 
PHE   OXT HXT  sing N N 300 
PRO   N   CA   sing N N 301 
PRO   N   CD   sing N N 302 
PRO   N   H    sing N N 303 
PRO   CA  C    sing N N 304 
PRO   CA  CB   sing N N 305 
PRO   CA  HA   sing N N 306 
PRO   C   O    doub N N 307 
PRO   C   OXT  sing N N 308 
PRO   CB  CG   sing N N 309 
PRO   CB  HB2  sing N N 310 
PRO   CB  HB3  sing N N 311 
PRO   CG  CD   sing N N 312 
PRO   CG  HG2  sing N N 313 
PRO   CG  HG3  sing N N 314 
PRO   CD  HD2  sing N N 315 
PRO   CD  HD3  sing N N 316 
PRO   OXT HXT  sing N N 317 
SER   N   CA   sing N N 318 
SER   N   H    sing N N 319 
SER   N   H2   sing N N 320 
SER   CA  C    sing N N 321 
SER   CA  CB   sing N N 322 
SER   CA  HA   sing N N 323 
SER   C   O    doub N N 324 
SER   C   OXT  sing N N 325 
SER   CB  OG   sing N N 326 
SER   CB  HB2  sing N N 327 
SER   CB  HB3  sing N N 328 
SER   OG  HG   sing N N 329 
SER   OXT HXT  sing N N 330 
SO4   S   O1   doub N N 331 
SO4   S   O2   doub N N 332 
SO4   S   O3   sing N N 333 
SO4   S   O4   sing N N 334 
THR   N   CA   sing N N 335 
THR   N   H    sing N N 336 
THR   N   H2   sing N N 337 
THR   CA  C    sing N N 338 
THR   CA  CB   sing N N 339 
THR   CA  HA   sing N N 340 
THR   C   O    doub N N 341 
THR   C   OXT  sing N N 342 
THR   CB  OG1  sing N N 343 
THR   CB  CG2  sing N N 344 
THR   CB  HB   sing N N 345 
THR   OG1 HG1  sing N N 346 
THR   CG2 HG21 sing N N 347 
THR   CG2 HG22 sing N N 348 
THR   CG2 HG23 sing N N 349 
THR   OXT HXT  sing N N 350 
TRP   N   CA   sing N N 351 
TRP   N   H    sing N N 352 
TRP   N   H2   sing N N 353 
TRP   CA  C    sing N N 354 
TRP   CA  CB   sing N N 355 
TRP   CA  HA   sing N N 356 
TRP   C   O    doub N N 357 
TRP   C   OXT  sing N N 358 
TRP   CB  CG   sing N N 359 
TRP   CB  HB2  sing N N 360 
TRP   CB  HB3  sing N N 361 
TRP   CG  CD1  doub Y N 362 
TRP   CG  CD2  sing Y N 363 
TRP   CD1 NE1  sing Y N 364 
TRP   CD1 HD1  sing N N 365 
TRP   CD2 CE2  doub Y N 366 
TRP   CD2 CE3  sing Y N 367 
TRP   NE1 CE2  sing Y N 368 
TRP   NE1 HE1  sing N N 369 
TRP   CE2 CZ2  sing Y N 370 
TRP   CE3 CZ3  doub Y N 371 
TRP   CE3 HE3  sing N N 372 
TRP   CZ2 CH2  doub Y N 373 
TRP   CZ2 HZ2  sing N N 374 
TRP   CZ3 CH2  sing Y N 375 
TRP   CZ3 HZ3  sing N N 376 
TRP   CH2 HH2  sing N N 377 
TRP   OXT HXT  sing N N 378 
TYR   N   CA   sing N N 379 
TYR   N   H    sing N N 380 
TYR   N   H2   sing N N 381 
TYR   CA  C    sing N N 382 
TYR   CA  CB   sing N N 383 
TYR   CA  HA   sing N N 384 
TYR   C   O    doub N N 385 
TYR   C   OXT  sing N N 386 
TYR   CB  CG   sing N N 387 
TYR   CB  HB2  sing N N 388 
TYR   CB  HB3  sing N N 389 
TYR   CG  CD1  doub Y N 390 
TYR   CG  CD2  sing Y N 391 
TYR   CD1 CE1  sing Y N 392 
TYR   CD1 HD1  sing N N 393 
TYR   CD2 CE2  doub Y N 394 
TYR   CD2 HD2  sing N N 395 
TYR   CE1 CZ   doub Y N 396 
TYR   CE1 HE1  sing N N 397 
TYR   CE2 CZ   sing Y N 398 
TYR   CE2 HE2  sing N N 399 
TYR   CZ  OH   sing N N 400 
TYR   OH  HH   sing N N 401 
TYR   OXT HXT  sing N N 402 
VAL   N   CA   sing N N 403 
VAL   N   H    sing N N 404 
VAL   N   H2   sing N N 405 
VAL   CA  C    sing N N 406 
VAL   CA  CB   sing N N 407 
VAL   CA  HA   sing N N 408 
VAL   C   O    doub N N 409 
VAL   C   OXT  sing N N 410 
VAL   CB  CG1  sing N N 411 
VAL   CB  CG2  sing N N 412 
VAL   CB  HB   sing N N 413 
VAL   CG1 HG11 sing N N 414 
VAL   CG1 HG12 sing N N 415 
VAL   CG1 HG13 sing N N 416 
VAL   CG2 HG21 sing N N 417 
VAL   CG2 HG22 sing N N 418 
VAL   CG2 HG23 sing N N 419 
VAL   OXT HXT  sing N N 420 
# 
_pdbx_audit_support.funding_organization   
'National Institutes of Health/National Institute Of Allergy and Infectious Diseases (NIH/NIAID)' 
_pdbx_audit_support.country                'United States' 
_pdbx_audit_support.grant_number           U19AI171399 
_pdbx_audit_support.ordinal                1 
# 
_pdbx_deposit_group.group_id            G_1002288 
_pdbx_deposit_group.group_description   'Crystallographic fragment screening of Coxsackievirus A16 (G-10) 2A protease' 
_pdbx_deposit_group.group_title         
'Group deposition for crystallographic fragment screening of Coxsackievirus A16 (G-10) 2A protease' 
_pdbx_deposit_group.group_type          'changed state' 
# 
_atom_sites.entry_id                    7H2V 
_atom_sites.fract_transf_matrix[1][1]   0.00689126 
_atom_sites.fract_transf_matrix[1][2]   -0.00821109 
_atom_sites.fract_transf_matrix[1][3]   0.00454518 
_atom_sites.fract_transf_matrix[2][1]   -0.00804836 
_atom_sites.fract_transf_matrix[2][2]   0.00190917 
_atom_sites.fract_transf_matrix[2][3]   0.01565168 
_atom_sites.fract_transf_matrix[3][1]   -0.01877834 
_atom_sites.fract_transf_matrix[3][2]   -0.02366987 
_atom_sites.fract_transf_matrix[3][3]   -0.00676893 
_atom_sites.fract_transf_vector[1]      0.184702 
_atom_sites.fract_transf_vector[2]      0.124747 
_atom_sites.fract_transf_vector[3]      0.447607 
# 
loop_
_atom_type.symbol 
C  
F  
N  
O  
S  
ZN 
# 
loop_
_atom_site.group_PDB 
_atom_site.id 
_atom_site.type_symbol 
_atom_site.label_atom_id 
_atom_site.label_alt_id 
_atom_site.label_comp_id 
_atom_site.label_asym_id 
_atom_site.label_entity_id 
_atom_site.label_seq_id 
_atom_site.pdbx_PDB_ins_code 
_atom_site.Cartn_x 
_atom_site.Cartn_y 
_atom_site.Cartn_z 
_atom_site.occupancy 
_atom_site.B_iso_or_equiv 
_atom_site.pdbx_formal_charge 
_atom_site.auth_seq_id 
_atom_site.auth_comp_id 
_atom_site.auth_asym_id 
_atom_site.auth_atom_id 
_atom_site.pdbx_PDB_model_num 
ATOM   1    N  N   . SER   A 1 7   ? -3.667  -10.092 -1.272  1.00 12.32  ? 7   SER   A N   1 
ATOM   2    C  CA  . SER   A 1 7   ? -2.460  -10.219 -0.508  1.00 12.73  ? 7   SER   A CA  1 
ATOM   3    C  C   . SER   A 1 7   ? -1.293  -9.623  -1.276  1.00 11.96  ? 7   SER   A C   1 
ATOM   4    O  O   . SER   A 1 7   ? -1.395  -9.389  -2.477  1.00 14.00  ? 7   SER   A O   1 
ATOM   5    C  CB  . SER   A 1 7   ? -2.173  -11.660 -0.153  1.00 15.81  ? 7   SER   A CB  1 
ATOM   6    O  OG  . SER   A 1 7   ? -2.034  -12.368 -1.355  1.00 20.03  ? 7   SER   A OG  1 
ATOM   7    N  N   . GLY   A 1 8   ? -0.241  -9.352  -0.552  1.00 11.70  ? 8   GLY   A N   1 
ATOM   8    C  CA  . GLY   A 1 8   ? 1.017   -8.910  -1.121  1.00 11.79  ? 8   GLY   A CA  1 
ATOM   9    C  C   . GLY   A 1 8   ? 1.775   -8.016  -0.179  1.00 11.29  ? 8   GLY   A C   1 
ATOM   10   O  O   . GLY   A 1 8   ? 1.210   -7.439  0.728   1.00 13.88  ? 8   GLY   A O   1 
ATOM   11   N  N   . ALA   A 1 9   ? 3.064   -7.888  -0.419  1.00 11.22  ? 9   ALA   A N   1 
ATOM   12   C  CA  . ALA   A 1 9   ? 3.951   -7.084  0.405   1.00 11.21  ? 9   ALA   A CA  1 
ATOM   13   C  C   . ALA   A 1 9   ? 4.972   -6.358  -0.464  1.00 10.80  ? 9   ALA   A C   1 
ATOM   14   O  O   . ALA   A 1 9   ? 5.209   -6.732  -1.623  1.00 11.71  ? 9   ALA   A O   1 
ATOM   15   C  CB  . ALA   A 1 9   ? 4.649   -7.922  1.452   1.00 12.85  ? 9   ALA   A CB  1 
ATOM   16   N  N   . ILE   A 1 10  ? 5.608   -5.402  0.146   1.00 10.96  ? 10  ILE   A N   1 
ATOM   17   C  CA  . ILE   A 1 10  ? 6.820   -4.760  -0.391  1.00 11.87  ? 10  ILE   A CA  1 
ATOM   18   C  C   . ILE   A 1 10  ? 7.969   -5.288  0.438   1.00 12.90  ? 10  ILE   A C   1 
ATOM   19   O  O   . ILE   A 1 10  ? 7.897   -5.241  1.663   1.00 12.62  ? 10  ILE   A O   1 
ATOM   20   C  CB  . ILE   A 1 10  ? 6.768   -3.218  -0.310  1.00 10.87  ? 10  ILE   A CB  1 
ATOM   21   C  CG1 . ILE   A 1 10  ? 5.462   -2.637  -0.850  1.00 11.54  ? 10  ILE   A CG1 1 
ATOM   22   C  CG2 . ILE   A 1 10  ? 7.961   -2.604  -1.053  1.00 11.70  ? 10  ILE   A CG2 1 
ATOM   23   C  CD1 . ILE   A 1 10  ? 5.235   -1.183  -0.482  1.00 11.56  ? 10  ILE   A CD1 1 
ATOM   24   N  N   . TYR   A 1 11  ? 9.068   -5.627  -0.242  1.00 14.23  ? 11  TYR   A N   1 
ATOM   25   C  CA  . TYR   A 1 11  ? 10.316  -6.122  0.397   1.00 15.25  ? 11  TYR   A CA  1 
ATOM   26   C  C   . TYR   A 1 11  ? 11.442  -5.157  0.031   1.00 14.06  ? 11  TYR   A C   1 
ATOM   27   O  O   . TYR   A 1 11  ? 11.927  -5.302  -1.102  1.00 15.83  ? 11  TYR   A O   1 
ATOM   28   C  CB  . TYR   A 1 11  ? 10.618  -7.573  -0.005  1.00 16.16  ? 11  TYR   A CB  1 
ATOM   29   C  CG  . TYR   A 1 11  ? 9.562   -8.520  0.505   1.00 15.40  ? 11  TYR   A CG  1 
ATOM   30   C  CD1 . TYR   A 1 11  ? 9.572   -9.011  1.798   1.00 14.77  ? 11  TYR   A CD1 1 
ATOM   31   C  CD2 . TYR   A 1 11  ? 8.551   -8.938  -0.312  1.00 16.60  ? 11  TYR   A CD2 1 
ATOM   32   C  CE1 . TYR   A 1 11  ? 8.577   -9.846  2.260   1.00 14.50  ? 11  TYR   A CE1 1 
ATOM   33   C  CE2 . TYR   A 1 11  ? 7.532   -9.777  0.122   1.00 16.82  ? 11  TYR   A CE2 1 
ATOM   34   C  CZ  . TYR   A 1 11  ? 7.558   -10.240 1.423   1.00 15.30  ? 11  TYR   A CZ  1 
ATOM   35   O  OH  . TYR   A 1 11  ? 6.555   -11.090 1.842   1.00 16.16  ? 11  TYR   A OH  1 
ATOM   36   N  N   . VAL   A 1 12  ? 11.783  -4.301  0.945   1.00 14.23  ? 12  VAL   A N   1 
ATOM   37   C  CA  . VAL   A 1 12  ? 12.839  -3.287  0.752   1.00 15.33  ? 12  VAL   A CA  1 
ATOM   38   C  C   . VAL   A 1 12  ? 13.834  -3.458  1.879   1.00 15.56  ? 12  VAL   A C   1 
ATOM   39   O  O   . VAL   A 1 12  ? 13.492  -3.394  3.054   1.00 16.12  ? 12  VAL   A O   1 
ATOM   40   C  CB  . VAL   A 1 12  ? 12.256  -1.858  0.625   1.00 14.43  ? 12  VAL   A CB  1 
ATOM   41   C  CG1 . VAL   A 1 12  ? 11.410  -1.395  1.792   1.00 14.06  ? 12  VAL   A CG1 1 
ATOM   42   C  CG2 . VAL   A 1 12  ? 13.392  -0.903  0.387   1.00 14.81  ? 12  VAL   A CG2 1 
ATOM   43   N  N   . GLY   A 1 13  ? 15.123  -3.565  1.519   1.00 18.34  ? 13  GLY   A N   1 
ATOM   44   C  CA  . GLY   A 1 13  ? 16.121  -3.848  2.547   1.00 18.96  ? 13  GLY   A CA  1 
ATOM   45   C  C   . GLY   A 1 13  ? 15.737  -5.090  3.363   1.00 14.83  ? 13  GLY   A C   1 
ATOM   46   O  O   . GLY   A 1 13  ? 15.359  -6.077  2.749   1.00 18.64  ? 13  GLY   A O   1 
ATOM   47   N  N   . ASN   A 1 14  ? 15.769  -4.883  4.659   1.00 19.43  ? 14  ASN   A N   1 
ATOM   48   C  CA  . ASN   A 1 14  ? 15.351  -5.923  5.628   1.00 20.38  ? 14  ASN   A CA  1 
ATOM   49   C  C   . ASN   A 1 14  ? 14.004  -5.529  6.256   1.00 19.62  ? 14  ASN   A C   1 
ATOM   50   O  O   . ASN   A 1 14  ? 13.800  -5.686  7.485   1.00 19.77  ? 14  ASN   A O   1 
ATOM   51   C  CB  . ASN   A 1 14  ? 16.476  -6.235  6.612   1.00 23.39  ? 14  ASN   A CB  1 
ATOM   52   C  CG  . ASN   A 1 14  ? 17.591  -7.045  5.966   1.00 22.91  ? 14  ASN   A CG  1 
ATOM   53   O  OD1 . ASN   A 1 14  ? 17.589  -8.274  6.011   1.00 29.10  ? 14  ASN   A OD1 1 
ATOM   54   N  ND2 . ASN   A 1 14  ? 18.496  -6.382  5.268   1.00 20.31  ? 14  ASN   A ND2 1 
ATOM   55   N  N   . TYR   A 1 15  ? 13.135  -4.934  5.427   1.00 17.52  ? 15  TYR   A N   1 
ATOM   56   C  CA  . TYR   A 1 15  ? 11.764  -4.573  5.857   1.00 15.11  ? 15  TYR   A CA  1 
ATOM   57   C  C   . TYR   A 1 15  ? 10.769  -5.286  4.959   1.00 14.65  ? 15  TYR   A C   1 
ATOM   58   O  O   . TYR   A 1 15  ? 10.955  -5.486  3.757   1.00 14.03  ? 15  TYR   A O   1 
ATOM   59   C  CB  . TYR   A 1 15  ? 11.531  -3.065  5.782   1.00 15.29  ? 15  TYR   A CB  1 
ATOM   60   C  CG  . TYR   A 1 15  ? 12.439  -2.243  6.632   1.00 16.03  ? 15  TYR   A CG  1 
ATOM   61   C  CD1 . TYR   A 1 15  ? 12.448  -2.362  8.012   1.00 17.76  ? 15  TYR   A CD1 1 
ATOM   62   C  CD2 . TYR   A 1 15  ? 13.287  -1.317  6.050   1.00 17.14  ? 15  TYR   A CD2 1 
ATOM   63   C  CE1 . TYR   A 1 15  ? 13.281  -1.589  8.805   1.00 20.24  ? 15  TYR   A CE1 1 
ATOM   64   C  CE2 . TYR   A 1 15  ? 14.096  -0.520  6.835   1.00 18.61  ? 15  TYR   A CE2 1 
ATOM   65   C  CZ  . TYR   A 1 15  ? 14.096  -0.647  8.210   1.00 21.64  ? 15  TYR   A CZ  1 
ATOM   66   O  OH  . TYR   A 1 15  ? 14.934  0.122   8.960   1.00 27.26  ? 15  TYR   A OH  1 
ATOM   67   N  N   . ARG   A 1 16  ? 9.619   -5.637  5.552   1.00 12.89  ? 16  ARG   A N   1 
ATOM   68   C  CA  . ARG   A 1 16  ? 8.449   -6.198  4.877   1.00 12.68  ? 16  ARG   A CA  1 
ATOM   69   C  C   . ARG   A 1 16  ? 7.296   -5.257  5.174   1.00 11.90  ? 16  ARG   A C   1 
ATOM   70   O  O   . ARG   A 1 16  ? 7.021   -4.989  6.359   1.00 12.82  ? 16  ARG   A O   1 
ATOM   71   C  CB  . ARG   A 1 16  ? 8.127   -7.601  5.395   1.00 12.96  ? 16  ARG   A CB  1 
ATOM   72   C  CG  . ARG   A 1 16  ? 6.751   -8.123  5.025   1.00 13.40  ? 16  ARG   A CG  1 
ATOM   73   C  CD  . ARG   A 1 16  ? 6.606   -9.587  5.459   1.00 13.84  ? 16  ARG   A CD  1 
ATOM   74   N  NE  . ARG   A 1 16  ? 5.277   -9.946  5.933   1.00 13.20  ? 16  ARG   A NE  1 
ATOM   75   C  CZ  . ARG   A 1 16  ? 4.298   -10.431 5.232   1.00 13.76  ? 16  ARG   A CZ  1 
ATOM   76   N  NH1 . ARG   A 1 16  ? 4.366   -10.568 3.926   1.00 15.32  ? 16  ARG   A NH1 1 
ATOM   77   N  NH2 . ARG   A 1 16  ? 3.141   -10.678 5.845   1.00 14.33  ? 16  ARG   A NH2 1 
ATOM   78   N  N   . VAL   A 1 17  ? 6.714   -4.686  4.111   1.00 10.95  ? 17  VAL   A N   1 
ATOM   79   C  CA  . VAL   A 1 17  ? 5.621   -3.696  4.263   1.00 10.20  ? 17  VAL   A CA  1 
ATOM   80   C  C   . VAL   A 1 17  ? 4.354   -4.387  3.830   1.00 10.37  ? 17  VAL   A C   1 
ATOM   81   O  O   . VAL   A 1 17  ? 4.281   -4.851  2.682   1.00 10.92  ? 17  VAL   A O   1 
ATOM   82   C  CB  . VAL   A 1 17  ? 5.844   -2.428  3.404   1.00 10.29  ? 17  VAL   A CB  1 
ATOM   83   C  CG1 . VAL   A 1 17  ? 4.744   -1.424  3.763   1.00 10.68  ? 17  VAL   A CG1 1 
ATOM   84   C  CG2 . VAL   A 1 17  ? 7.257   -1.874  3.572   1.00 11.50  ? 17  VAL   A CG2 1 
ATOM   85   N  N   . VAL   A 1 18  ? 3.384   -4.452  4.729   1.00 9.68   ? 18  VAL   A N   1 
ATOM   86   C  CA  . VAL   A 1 18  ? 2.134   -5.170  4.484   1.00 10.01  ? 18  VAL   A CA  1 
ATOM   87   C  C   . VAL   A 1 18  ? 0.978   -4.283  4.886   1.00 9.18   ? 18  VAL   A C   1 
ATOM   88   O  O   . VAL   A 1 18  ? 1.128   -3.356  5.657   1.00 9.73   ? 18  VAL   A O   1 
ATOM   89   C  CB  . VAL   A 1 18  ? 2.047   -6.522  5.211   1.00 11.18  ? 18  VAL   A CB  1 
ATOM   90   C  CG1 . VAL   A 1 18  ? 2.922   -7.505  4.470   1.00 13.84  ? 18  VAL   A CG1 1 
ATOM   91   C  CG2 . VAL   A 1 18  ? 2.199   -6.455  6.724   1.00 11.48  ? 18  VAL   A CG2 1 
ATOM   92   N  N   . ASN   A 1 19  ? -0.189  -4.613  4.347   1.00 8.98   ? 19  ASN   A N   1 
ATOM   93   C  CA  . ASN   A 1 19  ? -1.394  -3.973  4.906   1.00 9.28   ? 19  ASN   A CA  1 
ATOM   94   C  C   . ASN   A 1 19  ? -1.506  -4.350  6.372   1.00 9.32   ? 19  ASN   A C   1 
ATOM   95   O  O   . ASN   A 1 19  ? -1.404  -5.547  6.703   1.00 9.59   ? 19  ASN   A O   1 
ATOM   96   C  CB  . ASN   A 1 19  ? -2.654  -4.459  4.215   1.00 9.44   ? 19  ASN   A CB  1 
ATOM   97   C  CG  . ASN   A 1 19  ? -2.729  -4.102  2.744   1.00 9.06   ? 19  ASN   A CG  1 
ATOM   98   O  OD1 . ASN   A 1 19  ? -2.319  -4.876  1.871   1.00 10.23  ? 19  ASN   A OD1 1 
ATOM   99   N  ND2 . ASN   A 1 19  ? -3.245  -2.920  2.427   1.00 10.21  ? 19  ASN   A ND2 1 
ATOM   100  N  N   . ARG   A 1 20  ? -1.780  -3.403  7.242   1.00 9.07   ? 20  ARG   A N   1 
ATOM   101  C  CA  . ARG   A 1 20  ? -1.869  -3.701  8.688   1.00 9.33   ? 20  ARG   A CA  1 
ATOM   102  C  C   . ARG   A 1 20  ? -2.906  -4.784  8.931   1.00 9.99   ? 20  ARG   A C   1 
ATOM   103  O  O   . ARG   A 1 20  ? -2.675  -5.683  9.778   1.00 10.17  ? 20  ARG   A O   1 
ATOM   104  C  CB  . ARG   A 1 20  ? -2.201  -2.442  9.484   1.00 9.57   ? 20  ARG   A CB  1 
ATOM   105  C  CG  . ARG   A 1 20  ? -2.052  -2.633  10.990  1.00 10.62  ? 20  ARG   A CG  1 
ATOM   106  C  CD  . ARG   A 1 20  ? -2.441  -1.368  11.681  1.00 11.46  ? 20  ARG   A CD  1 
ATOM   107  N  NE  . ARG   A 1 20  ? -2.318  -1.370  13.151  1.00 12.67  ? 20  ARG   A NE  1 
ATOM   108  C  CZ  . ARG   A 1 20  ? -3.235  -1.802  13.957  1.00 12.78  ? 20  ARG   A CZ  1 
ATOM   109  N  NH1 . ARG   A 1 20  ? -4.310  -2.400  13.507  1.00 14.82  ? 20  ARG   A NH1 1 
ATOM   110  N  NH2 . ARG   A 1 20  ? -3.087  -1.675  15.276  1.00 15.35  ? 20  ARG   A NH2 1 
ATOM   111  N  N   . HIS   A 1 21  ? -4.036  -4.740  8.210   1.00 9.90   ? 21  HIS   A N   1 
ATOM   112  C  CA  . HIS   A 1 21  ? -5.136  -5.687  8.458   1.00 10.13  ? 21  HIS   A CA  1 
ATOM   113  C  C   . HIS   A 1 21  ? -4.757  -7.082  8.022   1.00 9.91   ? 21  HIS   A C   1 
ATOM   114  O  O   . HIS   A 1 21  ? -5.499  -8.002  8.385   1.00 11.79  ? 21  HIS   A O   1 
ATOM   115  C  CB  . HIS   A 1 21  ? -6.468  -5.195  7.885   1.00 10.60  ? 21  HIS   A CB  1 
ATOM   116  C  CG  . HIS   A 1 21  ? -6.560  -5.284  6.397   1.00 9.89   ? 21  HIS   A CG  1 
ATOM   117  N  ND1 . HIS   A 1 21  ? -6.111  -4.255  5.557   1.00 10.39  ? 21  HIS   A ND1 1 
ATOM   118  C  CD2 . HIS   A 1 21  ? -7.073  -6.251  5.607   1.00 10.38  ? 21  HIS   A CD2 1 
ATOM   119  C  CE1 . HIS   A 1 21  ? -6.342  -4.630  4.313   1.00 10.07  ? 21  HIS   A CE1 1 
ATOM   120  N  NE2 . HIS   A 1 21  ? -6.952  -5.817  4.298   1.00 10.86  ? 21  HIS   A NE2 1 
ATOM   121  N  N   . LEU   A 1 22  ? -3.708  -7.282  7.254   1.00 9.56   ? 22  LEU   A N   1 
ATOM   122  C  CA  . LEU   A 1 22  ? -3.261  -8.615  6.783   1.00 10.31  ? 22  LEU   A CA  1 
ATOM   123  C  C   . LEU   A 1 22  ? -1.972  -9.041  7.495   1.00 10.61  ? 22  LEU   A C   1 
ATOM   124  O  O   . LEU   A 1 22  ? -1.445  -10.118 7.187   1.00 11.60  ? 22  LEU   A O   1 
ATOM   125  C  CB  . LEU   A 1 22  ? -3.071  -8.581  5.272   1.00 10.62  ? 22  LEU   A CB  1 
ATOM   126  C  CG  . LEU   A 1 22  ? -4.346  -8.310  4.476   1.00 10.50  ? 22  LEU   A CG  1 
ATOM   127  C  CD1 . LEU   A 1 22  ? -4.051  -8.354  3.000   1.00 10.82  ? 22  LEU   A CD1 1 
ATOM   128  C  CD2 . LEU   A 1 22  ? -5.458  -9.328  4.806   1.00 11.04  ? 22  LEU   A CD2 1 
ATOM   129  N  N   . ALA   A 1 23  ? -1.485  -8.250  8.430   1.00 10.20  ? 23  ALA   A N   1 
ATOM   130  C  CA  . ALA   A 1 23  ? -0.240  -8.603  9.140   1.00 11.19  ? 23  ALA   A CA  1 
ATOM   131  C  C   . ALA   A 1 23  ? -0.408  -9.916  9.906   1.00 10.99  ? 23  ALA   A C   1 
ATOM   132  O  O   . ALA   A 1 23  ? -1.493  -10.117 10.499  1.00 11.88  ? 23  ALA   A O   1 
ATOM   133  C  CB  . ALA   A 1 23  ? 0.181   -7.473  10.052  1.00 11.29  ? 23  ALA   A CB  1 
ATOM   134  N  N   . THR   A 1 24  ? 0.608   -10.709 9.938   1.00 11.36  ? 24  THR   A N   1 
ATOM   135  C  CA  . THR   A 1 24  ? 0.540   -12.003 10.649  1.00 12.34  ? 24  THR   A CA  1 
ATOM   136  C  C   . THR   A 1 24  ? 1.031   -11.865 12.084  1.00 11.35  ? 24  THR   A C   1 
ATOM   137  O  O   . THR   A 1 24  ? 1.578   -10.846 12.473  1.00 11.06  ? 24  THR   A O   1 
ATOM   138  C  CB  . THR   A 1 24  ? 1.388   -13.025 9.890   1.00 11.92  ? 24  THR   A CB  1 
ATOM   139  O  OG1 . THR   A 1 24  ? 2.746   -12.633 9.993   1.00 13.49  ? 24  THR   A OG1 1 
ATOM   140  C  CG2 . THR   A 1 24  ? 0.993   -13.196 8.435   1.00 13.94  ? 24  THR   A CG2 1 
ATOM   141  N  N   . HIS   A 1 25  ? 0.907   -12.966 12.865  1.00 12.54  ? 25  HIS   A N   1 
ATOM   142  C  CA  . HIS   A 1 25  ? 1.534   -12.963 14.204  1.00 13.29  ? 25  HIS   A CA  1 
ATOM   143  C  C   . HIS   A 1 25  ? 3.040   -12.717 14.065  1.00 12.23  ? 25  HIS   A C   1 
ATOM   144  O  O   . HIS   A 1 25  ? 3.602   -11.961 14.831  1.00 12.65  ? 25  HIS   A O   1 
ATOM   145  C  CB  . HIS   A 1 25  ? 1.243   -14.292 14.939  1.00 15.42  ? 25  HIS   A CB  1 
ATOM   146  C  CG  . HIS   A 1 25  ? 2.187   -14.503 16.097  1.00 17.00  ? 25  HIS   A CG  1 
ATOM   147  N  ND1 . HIS   A 1 25  ? 2.030   -13.891 17.311  1.00 16.84  ? 25  HIS   A ND1 1 
ATOM   148  C  CD2 . HIS   A 1 25  ? 3.388   -15.155 16.173  1.00 18.49  ? 25  HIS   A CD2 1 
ATOM   149  C  CE1 . HIS   A 1 25  ? 2.989   -14.245 18.136  1.00 17.80  ? 25  HIS   A CE1 1 
ATOM   150  N  NE2 . HIS   A 1 25  ? 3.892   -14.967 17.442  1.00 20.21  ? 25  HIS   A NE2 1 
ATOM   151  N  N   . ASN   A 1 26  ? 3.681   -13.361 13.091  1.00 13.29  ? 26  ASN   A N   1 
ATOM   152  C  CA  . ASN   A 1 26  ? 5.138   -13.195 12.918  1.00 14.67  ? 26  ASN   A CA  1 
ATOM   153  C  C   . ASN   A 1 26  ? 5.479   -11.723 12.617  1.00 12.41  ? 26  ASN   A C   1 
ATOM   154  O  O   . ASN   A 1 26  ? 6.445   -11.174 13.117  1.00 13.81  ? 26  ASN   A O   1 
ATOM   155  C  CB  . ASN   A 1 26  ? 5.686   -14.078 11.799  1.00 16.94  ? 26  ASN   A CB  1 
ATOM   156  C  CG  . ASN   A 1 26  ? 7.196   -14.012 11.758  1.00 21.45  ? 26  ASN   A CG  1 
ATOM   157  O  OD1 . ASN   A 1 26  ? 7.857   -14.576 12.635  1.00 24.58  ? 26  ASN   A OD1 1 
ATOM   158  N  ND2 . ASN   A 1 26  ? 7.752   -13.261 10.823  1.00 23.55  ? 26  ASN   A ND2 1 
ATOM   159  N  N   . ASP   A 1 27  ? 4.637   -11.048 11.821  1.00 12.78  ? 27  ASP   A N   1 
ATOM   160  C  CA  . ASP   A 1 27  ? 4.851   -9.607  11.584  1.00 11.75  ? 27  ASP   A CA  1 
ATOM   161  C  C   . ASP   A 1 27  ? 4.824   -8.866  12.903  1.00 10.84  ? 27  ASP   A C   1 
ATOM   162  O  O   . ASP   A 1 27  ? 5.671   -8.013  13.145  1.00 11.00  ? 27  ASP   A O   1 
ATOM   163  C  CB  . ASP   A 1 27  ? 3.820   -8.994  10.630  1.00 11.41  ? 27  ASP   A CB  1 
ATOM   164  C  CG  . ASP   A 1 27  ? 3.955   -9.452  9.191   1.00 11.82  ? 27  ASP   A CG  1 
ATOM   165  O  OD1 . ASP   A 1 27  ? 5.133   -9.555  8.720   1.00 13.35  ? 27  ASP   A OD1 1 
ATOM   166  O  OD2 . ASP   A 1 27  ? 2.951   -9.765  8.528   1.00 11.85  ? 27  ASP   A OD2 1 
ATOM   167  N  N   . TRP   A 1 28  ? 3.774   -9.029  13.714  1.00 10.89  ? 28  TRP   A N   1 
ATOM   168  C  CA  . TRP   A 1 28  ? 3.617   -8.315  14.987  1.00 11.20  ? 28  TRP   A CA  1 
ATOM   169  C  C   . TRP   A 1 28  ? 4.758   -8.673  15.950  1.00 10.08  ? 28  TRP   A C   1 
ATOM   170  O  O   . TRP   A 1 28  ? 5.169   -7.815  16.685  1.00 12.14  ? 28  TRP   A O   1 
ATOM   171  C  CB  . TRP   A 1 28  ? 2.261   -8.650  15.608  1.00 11.12  ? 28  TRP   A CB  1 
ATOM   172  C  CG  . TRP   A 1 28  ? 1.135   -7.887  14.979  1.00 10.47  ? 28  TRP   A CG  1 
ATOM   173  C  CD1 . TRP   A 1 28  ? 0.208   -8.326  14.080  1.00 11.24  ? 28  TRP   A CD1 1 
ATOM   174  C  CD2 . TRP   A 1 28  ? 0.825   -6.528  15.267  1.00 10.48  ? 28  TRP   A CD2 1 
ATOM   175  N  NE1 . TRP   A 1 28  ? -0.670  -7.300  13.808  1.00 11.02  ? 28  TRP   A NE1 1 
ATOM   176  C  CE2 . TRP   A 1 28  ? -0.314  -6.194  14.509  1.00 10.42  ? 28  TRP   A CE2 1 
ATOM   177  C  CE3 . TRP   A 1 28  ? 1.415   -5.549  16.077  1.00 11.41  ? 28  TRP   A CE3 1 
ATOM   178  C  CZ2 . TRP   A 1 28  ? -0.889  -4.932  14.582  1.00 11.12  ? 28  TRP   A CZ2 1 
ATOM   179  C  CZ3 . TRP   A 1 28  ? 0.819   -4.322  16.174  1.00 11.39  ? 28  TRP   A CZ3 1 
ATOM   180  C  CH2 . TRP   A 1 28  ? -0.288  -3.999  15.396  1.00 11.47  ? 28  TRP   A CH2 1 
ATOM   181  N  N   . ALA   A 1 29  ? 5.263   -9.904  15.906  1.00 11.58  ? 29  ALA   A N   1 
ATOM   182  C  CA  . ALA   A 1 29  ? 6.382   -10.354 16.772  1.00 12.59  ? 29  ALA   A CA  1 
ATOM   183  C  C   . ALA   A 1 29  ? 7.708   -9.752  16.333  1.00 14.38  ? 29  ALA   A C   1 
ATOM   184  O  O   . ALA   A 1 29  ? 8.709   -9.866  17.088  1.00 14.86  ? 29  ALA   A O   1 
ATOM   185  C  CB  . ALA   A 1 29  ? 6.435   -11.871 16.797  1.00 13.38  ? 29  ALA   A CB  1 
ATOM   186  N  N   . ASN   A 1 30  ? 7.786   -9.246  15.095  1.00 13.97  ? 30  ASN   A N   1 
ATOM   187  C  CA  . ASN   A 1 30  ? 9.017   -8.654  14.516  1.00 13.63  ? 30  ASN   A CA  1 
ATOM   188  C  C   . ASN   A 1 30  ? 8.692   -7.223  14.075  1.00 14.09  ? 30  ASN   A C   1 
ATOM   189  O  O   . ASN   A 1 30  ? 9.189   -6.773  13.012  1.00 14.44  ? 30  ASN   A O   1 
ATOM   190  C  CB  . ASN   A 1 30  ? 9.502   -9.549  13.377  1.00 15.33  ? 30  ASN   A CB  1 
ATOM   191  C  CG  . ASN   A 1 30  ? 10.033  -10.862 13.919  1.00 16.54  ? 30  ASN   A CG  1 
ATOM   192  O  OD1 . ASN   A 1 30  ? 11.149  -10.928 14.430  1.00 19.73  ? 30  ASN   A OD1 1 
ATOM   193  N  ND2 . ASN   A 1 30  ? 9.227   -11.877 13.850  1.00 17.84  ? 30  ASN   A ND2 1 
ATOM   194  N  N   . LEU   A 1 31  ? 7.894   -6.504  14.839  1.00 14.41  ? 31  LEU   A N   1 
ATOM   195  C  CA  . LEU   A 1 31  ? 7.315   -5.207  14.425  1.00 13.99  ? 31  LEU   A CA  1 
ATOM   196  C  C   . LEU   A 1 31  ? 8.429   -4.175  14.337  1.00 15.16  ? 31  LEU   A C   1 
ATOM   197  O  O   . LEU   A 1 31  ? 9.274   -4.066  15.278  1.00 15.12  ? 31  LEU   A O   1 
ATOM   198  C  CB  . LEU   A 1 31  ? 6.300   -4.755  15.458  1.00 13.97  ? 31  LEU   A CB  1 
ATOM   199  C  CG  . LEU   A 1 31  ? 5.592   -3.440  15.129  1.00 13.26  ? 31  LEU   A CG  1 
ATOM   200  C  CD1 . LEU   A 1 31  ? 4.813   -3.560  13.829  1.00 14.86  ? 31  LEU   A CD1 1 
ATOM   201  C  CD2 . LEU   A 1 31  ? 4.703   -3.016  16.278  1.00 14.49  ? 31  LEU   A CD2 1 
ATOM   202  N  N   . VAL   A 1 32  ? 8.391   -3.366  13.272  1.00 13.62  ? 32  VAL   A N   1 
ATOM   203  C  CA  . VAL   A 1 32  ? 9.191   -2.117  13.196  1.00 13.50  ? 32  VAL   A CA  1 
ATOM   204  C  C   . VAL   A 1 32  ? 8.299   -0.909  13.439  1.00 13.78  ? 32  VAL   A C   1 
ATOM   205  O  O   . VAL   A 1 32  ? 8.646   -0.015  14.227  1.00 15.63  ? 32  VAL   A O   1 
ATOM   206  C  CB  . VAL   A 1 32  ? 9.933   -2.060  11.853  1.00 15.06  ? 32  VAL   A CB  1 
ATOM   207  C  CG1 . VAL   A 1 32  ? 10.679  -0.748  11.637  1.00 15.70  ? 32  VAL   A CG1 1 
ATOM   208  C  CG2 . VAL   A 1 32  ? 10.894  -3.219  11.750  1.00 15.56  ? 32  VAL   A CG2 1 
ATOM   209  N  N   . TRP   A 1 33  ? 7.172   -0.828  12.741  1.00 12.45  ? 33  TRP   A N   1 
ATOM   210  C  CA  . TRP   A 1 33  ? 6.331   0.375   12.763  1.00 12.59  ? 33  TRP   A CA  1 
ATOM   211  C  C   . TRP   A 1 33  ? 4.953   -0.048  12.272  1.00 11.57  ? 33  TRP   A C   1 
ATOM   212  O  O   . TRP   A 1 33  ? 4.851   -0.886  11.386  1.00 12.31  ? 33  TRP   A O   1 
ATOM   213  C  CB  . TRP   A 1 33  ? 6.967   1.486   11.912  1.00 13.72  ? 33  TRP   A CB  1 
ATOM   214  C  CG  . TRP   A 1 33  ? 6.094   2.652   11.630  1.00 14.28  ? 33  TRP   A CG  1 
ATOM   215  C  CD1 . TRP   A 1 33  ? 5.913   3.743   12.401  1.00 16.47  ? 33  TRP   A CD1 1 
ATOM   216  C  CD2 . TRP   A 1 33  ? 5.247   2.833   10.483  1.00 13.18  ? 33  TRP   A CD2 1 
ATOM   217  N  NE1 . TRP   A 1 33  ? 5.027   4.609   11.804  1.00 17.57  ? 33  TRP   A NE1 1 
ATOM   218  C  CE2 . TRP   A 1 33  ? 4.612   4.080   10.615  1.00 14.25  ? 33  TRP   A CE2 1 
ATOM   219  C  CE3 . TRP   A 1 33  ? 5.033   2.096   9.347   1.00 12.70  ? 33  TRP   A CE3 1 
ATOM   220  C  CZ2 . TRP   A 1 33  ? 3.774   4.607   9.636   1.00 14.44  ? 33  TRP   A CZ2 1 
ATOM   221  C  CZ3 . TRP   A 1 33  ? 4.193   2.605   8.375   1.00 13.63  ? 33  TRP   A CZ3 1 
ATOM   222  C  CH2 . TRP   A 1 33  ? 3.564   3.834   8.536   1.00 13.30  ? 33  TRP   A CH2 1 
ATOM   223  N  N   . GLU   A 1 34  ? 3.927   0.515   12.858  1.00 11.96  ? 34  GLU   A N   1 
ATOM   224  C  CA  . GLU   A 1 34  ? 2.565   0.314   12.319  1.00 11.94  ? 34  GLU   A CA  1 
ATOM   225  C  C   . GLU   A 1 34  ? 1.692   1.529   12.549  1.00 12.36  ? 34  GLU   A C   1 
ATOM   226  O  O   . GLU   A 1 34  ? 1.958   2.324   13.494  1.00 13.75  ? 34  GLU   A O   1 
ATOM   227  C  CB  . GLU   A 1 34  ? 1.913   -0.929  12.908  1.00 12.24  ? 34  GLU   A CB  1 
ATOM   228  C  CG  . GLU   A 1 34  ? 1.883   -0.902  14.435  1.00 11.92  ? 34  GLU   A CG  1 
ATOM   229  C  CD  . GLU   A 1 34  ? 0.696   -0.196  15.090  1.00 13.22  ? 34  GLU   A CD  1 
ATOM   230  O  OE1 . GLU   A 1 34  ? 0.806   0.143   16.280  1.00 14.67  ? 34  GLU   A OE1 1 
ATOM   231  O  OE2 . GLU   A 1 34  ? -0.326  0.031   14.447  1.00 13.76  ? 34  GLU   A OE2 1 
ATOM   232  N  N   . ASP   A 1 35  ? 0.727   1.740   11.661  1.00 12.46  ? 35  ASP   A N   1 
ATOM   233  C  CA  . ASP   A 1 35  ? -0.185  2.893   11.755  1.00 12.64  ? 35  ASP   A CA  1 
ATOM   234  C  C   . ASP   A 1 35  ? -1.528  2.433   11.195  1.00 12.81  ? 35  ASP   A C   1 
ATOM   235  O  O   . ASP   A 1 35  ? -1.673  2.248   9.977   1.00 11.55  ? 35  ASP   A O   1 
ATOM   236  C  CB  . ASP   A 1 35  ? 0.433   4.084   11.008  1.00 14.29  ? 35  ASP   A CB  1 
ATOM   237  C  CG  . ASP   A 1 35  ? -0.389  5.334   11.002  1.00 15.69  ? 35  ASP   A CG  1 
ATOM   238  O  OD1 . ASP   A 1 35  ? -1.597  5.233   10.948  1.00 16.77  ? 35  ASP   A OD1 1 
ATOM   239  O  OD2 . ASP   A 1 35  ? 0.235   6.419   10.984  1.00 19.33  ? 35  ASP   A OD2 1 
ATOM   240  N  N   A SER   A 1 36  ? -2.519  2.263   12.068  0.25 12.34  ? 36  SER   A N   1 
ATOM   241  N  N   B SER   A 1 36  ? -2.518  2.252   12.064  0.25 13.40  ? 36  SER   A N   1 
ATOM   242  C  CA  A SER   A 1 36  ? -3.891  1.829   11.700  0.25 12.18  ? 36  SER   A CA  1 
ATOM   243  C  CA  B SER   A 1 36  ? -3.884  1.815   11.683  0.25 13.88  ? 36  SER   A CA  1 
ATOM   244  C  C   A SER   A 1 36  ? -4.519  2.833   10.732  0.25 12.00  ? 36  SER   A C   1 
ATOM   245  C  C   B SER   A 1 36  ? -4.524  2.831   10.733  0.25 12.93  ? 36  SER   A C   1 
ATOM   246  O  O   A SER   A 1 36  ? -5.159  2.397   9.773   0.25 12.24  ? 36  SER   A O   1 
ATOM   247  O  O   B SER   A 1 36  ? -5.169  2.401   9.774   0.25 13.10  ? 36  SER   A O   1 
ATOM   248  C  CB  A SER   A 1 36  ? -4.775  1.700   12.910  0.25 12.14  ? 36  SER   A CB  1 
ATOM   249  C  CB  B SER   A 1 36  ? -4.740  1.652   12.900  0.25 15.14  ? 36  SER   A CB  1 
ATOM   250  O  OG  A SER   A 1 36  ? -6.113  1.419   12.525  0.25 12.45  ? 36  SER   A OG  1 
ATOM   251  O  OG  B SER   A 1 36  ? -4.343  2.577   13.895  0.25 18.69  ? 36  SER   A OG  1 
ATOM   252  N  N   . SER   A 1 37  ? -4.340  4.125   10.993  1.00 12.78  ? 37  SER   A N   1 
ATOM   253  C  CA  . SER   A 1 37  ? -4.948  5.177   10.153  1.00 12.81  ? 37  SER   A CA  1 
ATOM   254  C  C   . SER   A 1 37  ? -4.483  5.041   8.704   1.00 12.06  ? 37  SER   A C   1 
ATOM   255  O  O   . SER   A 1 37  ? -5.228  5.443   7.817   1.00 13.26  ? 37  SER   A O   1 
ATOM   256  C  CB  . SER   A 1 37  ? -4.735  6.551   10.651  1.00 14.49  ? 37  SER   A CB  1 
ATOM   257  O  OG  . SER   A 1 37  ? -3.451  7.010   10.387  1.00 18.79  ? 37  SER   A OG  1 
ATOM   258  N  N   . ARG   A 1 38  ? -3.291  4.490   8.469   1.00 10.82  ? 38  ARG   A N   1 
ATOM   259  C  CA  . ARG   A 1 38  ? -2.725  4.314   7.100   1.00 10.97  ? 38  ARG   A CA  1 
ATOM   260  C  C   . ARG   A 1 38  ? -2.920  2.897   6.558   1.00 10.15  ? 38  ARG   A C   1 
ATOM   261  O  O   . ARG   A 1 38  ? -2.562  2.621   5.389   1.00 10.05  ? 38  ARG   A O   1 
ATOM   262  C  CB  . ARG   A 1 38  ? -1.217  4.614   7.147   1.00 12.36  ? 38  ARG   A CB  1 
ATOM   263  C  CG  . ARG   A 1 38  ? -0.899  6.046   7.513   1.00 12.47  ? 38  ARG   A CG  1 
ATOM   264  C  CD  . ARG   A 1 38  ? 0.585   6.309   7.476   1.00 12.09  ? 38  ARG   A CD  1 
ATOM   265  N  NE  . ARG   A 1 38  ? 1.175   6.165   6.163   1.00 10.60  ? 38  ARG   A NE  1 
ATOM   266  C  CZ  . ARG   A 1 38  ? 2.216   6.867   5.725   1.00 10.51  ? 38  ARG   A CZ  1 
ATOM   267  N  NH1 . ARG   A 1 38  ? 2.847   7.705   6.542   1.00 11.71  ? 38  ARG   A NH1 1 
ATOM   268  N  NH2 . ARG   A 1 38  ? 2.640   6.748   4.474   1.00 11.09  ? 38  ARG   A NH2 1 
ATOM   269  N  N   . ASP   A 1 39  ? -3.382  1.987   7.394   1.00 10.33  ? 39  ASP   A N   1 
ATOM   270  C  CA  . ASP   A 1 39  ? -3.451  0.553   7.018   1.00 9.28   ? 39  ASP   A CA  1 
ATOM   271  C  C   . ASP   A 1 39  ? -2.082  -0.025  6.678   1.00 8.77   ? 39  ASP   A C   1 
ATOM   272  O  O   . ASP   A 1 39  ? -1.997  -0.827  5.774   1.00 9.65   ? 39  ASP   A O   1 
ATOM   273  C  CB  . ASP   A 1 39  ? -4.459  0.259   5.892   1.00 9.47   ? 39  ASP   A CB  1 
ATOM   274  C  CG  . ASP   A 1 39  ? -4.679  -1.219  5.611   1.00 9.73   ? 39  ASP   A CG  1 
ATOM   275  O  OD1 . ASP   A 1 39  ? -4.672  -2.022  6.581   1.00 10.62  ? 39  ASP   A OD1 1 
ATOM   276  O  OD2 . ASP   A 1 39  ? -4.859  -1.579  4.441   1.00 10.06  ? 39  ASP   A OD2 1 
ATOM   277  N  N   . LEU   A 1 40  ? -1.038  0.419   7.396   1.00 9.66   ? 40  LEU   A N   1 
ATOM   278  C  CA  . LEU   A 1 40  ? 0.309   -0.121  7.140   1.00 9.32   ? 40  LEU   A CA  1 
ATOM   279  C  C   . LEU   A 1 40  ? 0.925   -0.754  8.392   1.00 8.83   ? 40  LEU   A C   1 
ATOM   280  O  O   . LEU   A 1 40  ? 0.773   -0.229  9.493   1.00 10.15  ? 40  LEU   A O   1 
ATOM   281  C  CB  . LEU   A 1 40  ? 1.238   0.979   6.625   1.00 9.43   ? 40  LEU   A CB  1 
ATOM   282  C  CG  . LEU   A 1 40  ? 0.965   1.502   5.209   1.00 9.86   ? 40  LEU   A CG  1 
ATOM   283  C  CD1 . LEU   A 1 40  ? 2.002   2.583   4.857   1.00 10.78  ? 40  LEU   A CD1 1 
ATOM   284  C  CD2 . LEU   A 1 40  ? 1.070   0.386   4.182   1.00 10.37  ? 40  LEU   A CD2 1 
ATOM   285  N  N   . LEU   A 1 41  ? 1.751   -1.752  8.126   1.00 9.36   ? 41  LEU   A N   1 
ATOM   286  C  CA  . LEU   A 1 41  ? 2.611   -2.367  9.132   1.00 9.25   ? 41  LEU   A CA  1 
ATOM   287  C  C   . LEU   A 1 41  ? 3.907   -2.775  8.440   1.00 10.06  ? 41  LEU   A C   1 
ATOM   288  O  O   . LEU   A 1 41  ? 3.876   -3.313  7.330   1.00 10.05  ? 41  LEU   A O   1 
ATOM   289  C  CB  . LEU   A 1 41  ? 1.901   -3.563  9.771   1.00 10.01  ? 41  LEU   A CB  1 
ATOM   290  C  CG  . LEU   A 1 41  ? 2.685   -4.207  10.914  1.00 10.39  ? 41  LEU   A CG  1 
ATOM   291  C  CD1 . LEU   A 1 41  ? 1.781   -4.715  12.019  1.00 10.75  ? 41  LEU   A CD1 1 
ATOM   292  C  CD2 . LEU   A 1 41  ? 3.569   -5.328  10.404  1.00 11.46  ? 41  LEU   A CD2 1 
ATOM   293  N  N   . VAL   A 1 42  ? 4.990   -2.515  9.157   1.00 10.19  ? 42  VAL   A N   1 
ATOM   294  C  CA  . VAL   A 1 42  ? 6.336   -2.889  8.683   1.00 10.94  ? 42  VAL   A CA  1 
ATOM   295  C  C   . VAL   A 1 42  ? 6.946   -3.813  9.746   1.00 11.46  ? 42  VAL   A C   1 
ATOM   296  O  O   . VAL   A 1 42  ? 6.962   -3.452  10.919  1.00 12.34  ? 42  VAL   A O   1 
ATOM   297  C  CB  . VAL   A 1 42  ? 7.202   -1.660  8.435   1.00 11.01  ? 42  VAL   A CB  1 
ATOM   298  C  CG1 . VAL   A 1 42  ? 8.560   -2.119  7.944   1.00 12.35  ? 42  VAL   A CG1 1 
ATOM   299  C  CG2 . VAL   A 1 42  ? 6.546   -0.747  7.402   1.00 10.77  ? 42  VAL   A CG2 1 
ATOM   300  N  N   . SER   A 1 43  ? 7.453   -4.929  9.284   1.00 11.34  ? 43  SER   A N   1 
ATOM   301  C  CA  . SER   A 1 43  ? 8.178   -5.934  10.114  1.00 11.58  ? 43  SER   A CA  1 
ATOM   302  C  C   . SER   A 1 43  ? 9.600   -6.087  9.563   1.00 14.18  ? 43  SER   A C   1 
ATOM   303  O  O   . SER   A 1 43  ? 9.877   -5.783  8.358   1.00 14.84  ? 43  SER   A O   1 
ATOM   304  C  CB  . SER   A 1 43  ? 7.428   -7.241  10.179  1.00 12.27  ? 43  SER   A CB  1 
ATOM   305  O  OG  . SER   A 1 43  ? 7.266   -7.831  8.933   1.00 12.90  ? 43  SER   A OG  1 
ATOM   306  N  N   . SER   A 1 44  ? 10.487  -6.648  10.386  1.00 14.87  ? 44  SER   A N   1 
ATOM   307  C  CA  . SER   A 1 44  ? 11.899  -6.944  10.023  1.00 17.82  ? 44  SER   A CA  1 
ATOM   308  C  C   . SER   A 1 44  ? 12.021  -8.291  9.313   1.00 18.66  ? 44  SER   A C   1 
ATOM   309  O  O   . SER   A 1 44  ? 11.279  -9.207  9.669   1.00 20.37  ? 44  SER   A O   1 
ATOM   310  C  CB  . SER   A 1 44  ? 12.727  -6.874  11.255  1.00 20.37  ? 44  SER   A CB  1 
ATOM   311  O  OG  . SER   A 1 44  ? 12.341  -7.913  12.149  1.00 23.33  ? 44  SER   A OG  1 
ATOM   312  N  N   . THR   A 1 45  ? 12.907  -8.429  8.320   1.00 19.67  ? 45  THR   A N   1 
ATOM   313  C  CA  . THR   A 1 45  ? 13.148  -9.667  7.529   1.00 20.56  ? 45  THR   A CA  1 
ATOM   314  C  C   . THR   A 1 45  ? 14.594  -10.182 7.724   1.00 24.45  ? 45  THR   A C   1 
ATOM   315  O  O   . THR   A 1 45  ? 15.456  -9.373  8.043   1.00 24.00  ? 45  THR   A O   1 
ATOM   316  C  CB  . THR   A 1 45  ? 12.963  -9.435  6.030   1.00 20.56  ? 45  THR   A CB  1 
ATOM   317  O  OG1 . THR   A 1 45  ? 13.995  -8.505  5.682   1.00 22.67  ? 45  THR   A OG1 1 
ATOM   318  C  CG2 . THR   A 1 45  ? 11.617  -8.821  5.718   1.00 21.16  ? 45  THR   A CG2 1 
ATOM   319  N  N   . THR   A 1 46  ? 14.831  -11.463 7.473   1.00 26.83  ? 46  THR   A N   1 
ATOM   320  C  CA  . THR   A 1 46  ? 16.205  -12.028 7.521   1.00 28.28  ? 46  THR   A CA  1 
ATOM   321  C  C   . THR   A 1 46  ? 16.873  -11.779 6.161   1.00 27.82  ? 46  THR   A C   1 
ATOM   322  O  O   . THR   A 1 46  ? 18.006  -11.293 6.177   1.00 33.86  ? 46  THR   A O   1 
ATOM   323  C  CB  . THR   A 1 46  ? 16.169  -13.463 8.061   1.00 27.81  ? 46  THR   A CB  1 
ATOM   324  O  OG1 . THR   A 1 46  ? 15.305  -14.286 7.285   1.00 32.25  ? 46  THR   A OG1 1 
ATOM   325  C  CG2 . THR   A 1 46  ? 15.649  -13.517 9.481   1.00 32.56  ? 46  THR   A CG2 1 
ATOM   326  N  N   . ALA   A 1 47  ? 16.201  -12.072 5.038   1.00 27.70  ? 47  ALA   A N   1 
ATOM   327  C  CA  . ALA   A 1 47  ? 16.735  -11.892 3.660   1.00 25.40  ? 47  ALA   A CA  1 
ATOM   328  C  C   . ALA   A 1 47  ? 16.443  -10.472 3.151   1.00 24.60  ? 47  ALA   A C   1 
ATOM   329  O  O   . ALA   A 1 47  ? 15.335  -9.958  3.438   1.00 25.25  ? 47  ALA   A O   1 
ATOM   330  C  CB  . ALA   A 1 47  ? 16.164  -12.940 2.743   1.00 28.13  ? 47  ALA   A CB  1 
ATOM   331  N  N   . GLN   A 1 48  ? 17.389  -9.865  2.422   1.00 22.25  ? 48  GLN   A N   1 
ATOM   332  C  CA  . GLN   A 1 48  ? 17.182  -8.596  1.656   1.00 20.29  ? 48  GLN   A CA  1 
ATOM   333  C  C   . GLN   A 1 48  ? 16.164  -8.773  0.515   1.00 17.15  ? 48  GLN   A C   1 
ATOM   334  O  O   . GLN   A 1 48  ? 16.038  -9.830  -0.100  1.00 21.17  ? 48  GLN   A O   1 
ATOM   335  C  CB  . GLN   A 1 48  ? 18.523  -8.098  1.125   1.00 21.19  ? 48  GLN   A CB  1 
ATOM   336  C  CG  . GLN   A 1 48  ? 19.429  -7.566  2.219   1.00 28.17  ? 48  GLN   A CG  1 
ATOM   337  C  CD  . GLN   A 1 48  ? 20.533  -6.785  1.564   1.00 36.89  ? 48  GLN   A CD  1 
ATOM   338  O  OE1 . GLN   A 1 48  ? 21.561  -7.343  1.208   1.00 43.03  ? 48  GLN   A OE1 1 
ATOM   339  N  NE2 . GLN   A 1 48  ? 20.278  -5.513  1.295   1.00 42.66  ? 48  GLN   A NE2 1 
ATOM   340  N  N   . GLY   A 1 49  ? 15.333  -7.733  0.324   1.00 20.08  ? 49  GLY   A N   1 
ATOM   341  C  CA  . GLY   A 1 49  ? 14.261  -7.758  -0.677  1.00 20.09  ? 49  GLY   A CA  1 
ATOM   342  C  C   . GLY   A 1 49  ? 14.629  -7.057  -1.972  1.00 16.53  ? 49  GLY   A C   1 
ATOM   343  O  O   . GLY   A 1 49  ? 15.683  -6.373  -2.047  1.00 20.28  ? 49  GLY   A O   1 
ATOM   344  N  N   . CYS   A 1 50  ? 13.810  -7.273  -2.980  1.00 17.76  ? 50  CYS   A N   1 
ATOM   345  C  CA  . CYS   A 1 50  ? 14.065  -6.953  -4.388  1.00 17.07  ? 50  CYS   A CA  1 
ATOM   346  C  C   . CYS   A 1 50  ? 13.522  -5.543  -4.676  1.00 15.51  ? 50  CYS   A C   1 
ATOM   347  O  O   . CYS   A 1 50  ? 13.873  -5.049  -5.730  1.00 16.39  ? 50  CYS   A O   1 
ATOM   348  C  CB  . CYS   A 1 50  ? 13.409  -7.948  -5.356  1.00 18.91  ? 50  CYS   A CB  1 
ATOM   349  S  SG  . CYS   A 1 50  ? 14.154  -9.608  -5.501  1.00 22.72  ? 50  CYS   A SG  1 
ATOM   350  N  N   . ASP   A 1 51  ? 12.724  -4.916  -3.798  1.00 14.54  ? 51  ASP   A N   1 
ATOM   351  C  CA  . ASP   A 1 51  ? 11.981  -3.698  -4.213  1.00 12.96  ? 51  ASP   A CA  1 
ATOM   352  C  C   . ASP   A 1 51  ? 12.746  -2.435  -3.877  1.00 12.71  ? 51  ASP   A C   1 
ATOM   353  O  O   . ASP   A 1 51  ? 13.452  -2.348  -2.880  1.00 14.12  ? 51  ASP   A O   1 
ATOM   354  C  CB  . ASP   A 1 51  ? 10.601  -3.667  -3.563  1.00 13.90  ? 51  ASP   A CB  1 
ATOM   355  C  CG  . ASP   A 1 51  ? 9.739   -4.820  -3.978  1.00 14.45  ? 51  ASP   A CG  1 
ATOM   356  O  OD1 . ASP   A 1 51  ? 9.744   -5.206  -5.122  1.00 17.36  ? 51  ASP   A OD1 1 
ATOM   357  O  OD2 . ASP   A 1 51  ? 8.992   -5.340  -3.111  1.00 15.79  ? 51  ASP   A OD2 1 
ATOM   358  N  N   . THR   A 1 52  ? 12.503  -1.430  -4.723  1.00 11.71  ? 52  THR   A N   1 
ATOM   359  C  CA  . THR   A 1 52  ? 12.982  -0.056  -4.563  1.00 12.55  ? 52  THR   A CA  1 
ATOM   360  C  C   . THR   A 1 52  ? 11.758  0.847   -4.353  1.00 11.05  ? 52  THR   A C   1 
ATOM   361  O  O   . THR   A 1 52  ? 10.807  0.731   -5.123  1.00 12.15  ? 52  THR   A O   1 
ATOM   362  C  CB  . THR   A 1 52  ? 13.755  0.426   -5.789  1.00 12.41  ? 52  THR   A CB  1 
ATOM   363  O  OG1 . THR   A 1 52  ? 14.930  -0.401  -5.941  1.00 14.58  ? 52  THR   A OG1 1 
ATOM   364  C  CG2 . THR   A 1 52  ? 14.241  1.852   -5.674  1.00 14.46  ? 52  THR   A CG2 1 
ATOM   365  N  N   . ILE   A 1 53  ? 11.819  1.673   -3.335  1.00 11.04  ? 53  ILE   A N   1 
ATOM   366  C  CA  . ILE   A 1 53  ? 10.709  2.612   -3.074  1.00 10.06  ? 53  ILE   A CA  1 
ATOM   367  C  C   . ILE   A 1 53  ? 10.885  3.847   -3.931  1.00 9.87   ? 53  ILE   A C   1 
ATOM   368  O  O   . ILE   A 1 53  ? 11.987  4.425   -4.004  1.00 10.53  ? 53  ILE   A O   1 
ATOM   369  C  CB  . ILE   A 1 53  ? 10.610  2.978   -1.583  1.00 10.22  ? 53  ILE   A CB  1 
ATOM   370  C  CG1 . ILE   A 1 53  ? 10.607  1.753   -0.656  1.00 11.34  ? 53  ILE   A CG1 1 
ATOM   371  C  CG2 . ILE   A 1 53  ? 9.400   3.842   -1.338  1.00 9.79   ? 53  ILE   A CG2 1 
ATOM   372  C  CD1 . ILE   A 1 53  ? 9.504   0.764   -0.959  1.00 12.32  ? 53  ILE   A CD1 1 
ATOM   373  N  N   . ALA   A 1 54  ? 9.816   4.298   -4.573  1.00 9.46   ? 54  ALA   A N   1 
ATOM   374  C  CA  . ALA   A 1 54  ? 9.799   5.550   -5.330  1.00 8.81   ? 54  ALA   A CA  1 
ATOM   375  C  C   . ALA   A 1 54  ? 9.974   6.712   -4.362  1.00 8.59   ? 54  ALA   A C   1 
ATOM   376  O  O   . ALA   A 1 54  ? 9.396   6.723   -3.253  1.00 9.04   ? 54  ALA   A O   1 
ATOM   377  C  CB  . ALA   A 1 54  ? 8.492   5.686   -6.053  1.00 9.24   ? 54  ALA   A CB  1 
ATOM   378  N  N   . ARG   A 1 55  ? 10.741  7.729   -4.784  1.00 9.57   ? 55  ARG   A N   1 
ATOM   379  C  CA  . ARG   A 1 55  ? 10.896  8.994   -4.030  1.00 9.63   ? 55  ARG   A CA  1 
ATOM   380  C  C   . ARG   A 1 55  ? 10.567  10.097  -5.026  1.00 9.31   ? 55  ARG   A C   1 
ATOM   381  O  O   . ARG   A 1 55  ? 11.433  10.502  -5.787  1.00 10.56  ? 55  ARG   A O   1 
ATOM   382  C  CB  . ARG   A 1 55  ? 12.277  9.129   -3.373  1.00 10.73  ? 55  ARG   A CB  1 
ATOM   383  C  CG  . ARG   A 1 55  ? 12.639  7.980   -2.437  1.00 11.54  ? 55  ARG   A CG  1 
ATOM   384  C  CD  . ARG   A 1 55  ? 11.739  7.847   -1.197  1.00 11.36  ? 55  ARG   A CD  1 
ATOM   385  N  NE  . ARG   A 1 55  ? 12.142  6.657   -0.412  1.00 12.66  ? 55  ARG   A NE  1 
ATOM   386  C  CZ  . ARG   A 1 55  ? 11.357  6.074   0.517   1.00 12.54  ? 55  ARG   A CZ  1 
ATOM   387  N  NH1 . ARG   A 1 55  ? 10.218  6.599   0.857   1.00 11.67  ? 55  ARG   A NH1 1 
ATOM   388  N  NH2 . ARG   A 1 55  ? 11.758  4.990   1.173   1.00 13.06  ? 55  ARG   A NH2 1 
ATOM   389  N  N   . CYS   A 1 56  ? 9.330   10.547  -5.012  1.00 8.76   ? 56  CYS   A N   1 
ATOM   390  C  CA  . CYS   A 1 56  ? 8.785   11.351  -6.114  1.00 9.05   ? 56  CYS   A CA  1 
ATOM   391  C  C   . CYS   A 1 56  ? 7.384   11.795  -5.775  1.00 9.69   ? 56  CYS   A C   1 
ATOM   392  O  O   . CYS   A 1 56  ? 6.814   11.390  -4.746  1.00 9.68   ? 56  CYS   A O   1 
ATOM   393  C  CB  . CYS   A 1 56  ? 8.705   10.507  -7.390  1.00 8.47   ? 56  CYS   A CB  1 
ATOM   394  S  SG  . CYS   A 1 56  ? 7.456   9.216   -7.303  1.00 9.11   ? 56  CYS   A SG  1 
ATOM   395  N  N   A ASP   A 1 57  ? 6.798   12.664  -6.606  0.25 10.28  ? 57  ASP   A N   1 
ATOM   396  N  N   B ASP   A 1 57  ? 6.866   12.590  -6.713  0.25 10.59  ? 57  ASP   A N   1 
ATOM   397  C  CA  A ASP   A 1 57  ? 5.352   13.012  -6.509  0.25 10.67  ? 57  ASP   A CA  1 
ATOM   398  C  CA  B ASP   A 1 57  ? 5.537   13.238  -6.687  0.25 11.30  ? 57  ASP   A CA  1 
ATOM   399  C  C   A ASP   A 1 57  ? 4.646   12.634  -7.816  0.25 10.48  ? 57  ASP   A C   1 
ATOM   400  C  C   B ASP   A 1 57  ? 4.644   12.642  -7.793  0.25 10.89  ? 57  ASP   A C   1 
ATOM   401  O  O   A ASP   A 1 57  ? 3.768   13.374  -8.264  0.25 10.87  ? 57  ASP   A O   1 
ATOM   402  O  O   B ASP   A 1 57  ? 3.585   13.242  -8.043  0.25 11.38  ? 57  ASP   A O   1 
ATOM   403  C  CB  A ASP   A 1 57  ? 5.103   14.483  -6.152  0.25 11.20  ? 57  ASP   A CB  1 
ATOM   404  C  CB  B ASP   A 1 57  ? 5.733   14.759  -6.792  0.25 12.67  ? 57  ASP   A CB  1 
ATOM   405  C  CG  A ASP   A 1 57  ? 5.569   15.471  -7.198  0.25 12.21  ? 57  ASP   A CG  1 
ATOM   406  C  CG  B ASP   A 1 57  ? 4.517   15.601  -6.456  0.25 15.16  ? 57  ASP   A CG  1 
ATOM   407  O  OD1 A ASP   A 1 57  ? 6.172   15.032  -8.184  0.25 12.19  ? 57  ASP   A OD1 1 
ATOM   408  O  OD1 B ASP   A 1 57  ? 3.816   15.255  -5.484  0.25 17.48  ? 57  ASP   A OD1 1 
ATOM   409  O  OD2 A ASP   A 1 57  ? 5.344   16.691  -6.974  0.25 14.60  ? 57  ASP   A OD2 1 
ATOM   410  O  OD2 B ASP   A 1 57  ? 4.287   16.604  -7.173  0.25 17.80  ? 57  ASP   A OD2 1 
ATOM   411  N  N   . CYS   A 1 58  ? 5.024   11.528  -8.440  1.00 10.25  ? 58  CYS   A N   1 
ATOM   412  C  CA  . CYS   A 1 58  ? 4.238   11.007  -9.577  1.00 9.47   ? 58  CYS   A CA  1 
ATOM   413  C  C   . CYS   A 1 58  ? 2.768   10.836  -9.194  1.00 9.26   ? 58  CYS   A C   1 
ATOM   414  O  O   . CYS   A 1 58  ? 2.451   10.469  -8.073  1.00 9.83   ? 58  CYS   A O   1 
ATOM   415  C  CB  . CYS   A 1 58  ? 4.752   9.658   -10.039 1.00 10.06  ? 58  CYS   A CB  1 
ATOM   416  S  SG  . CYS   A 1 58  ? 6.350   9.724   -10.891 1.00 10.61  ? 58  CYS   A SG  1 
ATOM   417  N  N   . GLN   A 1 59  ? 1.916   11.036  -10.203 1.00 9.35   ? 59  GLN   A N   1 
ATOM   418  C  CA  . GLN   A 1 59  ? 0.483   10.729  -10.140 1.00 9.67   ? 59  GLN   A CA  1 
ATOM   419  C  C   . GLN   A 1 59  ? 0.082   9.822   -11.276 1.00 8.79   ? 59  GLN   A C   1 
ATOM   420  O  O   . GLN   A 1 59  ? -1.121  9.689   -11.528 1.00 10.22  ? 59  GLN   A O   1 
ATOM   421  C  CB  . GLN   A 1 59  ? -0.369  12.000  -10.169 1.00 11.14  ? 59  GLN   A CB  1 
ATOM   422  C  CG  . GLN   A 1 59  ? -0.301  12.781  -8.875  1.00 12.53  ? 59  GLN   A CG  1 
ATOM   423  C  CD  . GLN   A 1 59  ? -1.305  13.922  -8.914  1.00 13.24  ? 59  GLN   A CD  1 
ATOM   424  O  OE1 . GLN   A 1 59  ? -0.940  15.070  -9.147  1.00 14.50  ? 59  GLN   A OE1 1 
ATOM   425  N  NE2 . GLN   A 1 59  ? -2.592  13.632  -8.805  1.00 13.37  ? 59  GLN   A NE2 1 
ATOM   426  N  N   . THR   A 1 60  ? 1.018   9.165   -11.912 1.00 9.29   ? 60  THR   A N   1 
ATOM   427  C  CA  . THR   A 1 60  ? 0.710   8.091   -12.856 1.00 10.14  ? 60  THR   A CA  1 
ATOM   428  C  C   . THR   A 1 60  ? 1.569   6.865   -12.567 1.00 9.70   ? 60  THR   A C   1 
ATOM   429  O  O   . THR   A 1 60  ? 2.738   7.007   -12.179 1.00 11.06  ? 60  THR   A O   1 
ATOM   430  C  CB  . THR   A 1 60  ? 0.820   8.511   -14.308 1.00 12.50  ? 60  THR   A CB  1 
ATOM   431  O  OG1 . THR   A 1 60  ? 2.173   8.741   -14.578 1.00 17.15  ? 60  THR   A OG1 1 
ATOM   432  C  CG2 . THR   A 1 60  ? -0.035  9.696   -14.635 1.00 13.38  ? 60  THR   A CG2 1 
ATOM   433  N  N   . GLY   A 1 61  ? 1.001   5.690   -12.726 1.00 8.84   ? 61  GLY   A N   1 
ATOM   434  C  CA  . GLY   A 1 61  ? 1.713   4.456   -12.456 1.00 8.61   ? 61  GLY   A CA  1 
ATOM   435  C  C   . GLY   A 1 61  ? 0.898   3.288   -12.954 1.00 8.79   ? 61  GLY   A C   1 
ATOM   436  O  O   . GLY   A 1 61  ? -0.009  3.439   -13.779 1.00 9.79   ? 61  GLY   A O   1 
ATOM   437  N  N   . VAL   A 1 62  ? 1.295   2.114   -12.489 1.00 8.04   ? 62  VAL   A N   1 
ATOM   438  C  CA  . VAL   A 1 62  ? 0.654   0.847   -12.878 1.00 8.40   ? 62  VAL   A CA  1 
ATOM   439  C  C   . VAL   A 1 62  ? 0.441   0.068   -11.613 1.00 9.00   ? 62  VAL   A C   1 
ATOM   440  O  O   . VAL   A 1 62  ? 1.369   -0.034  -10.796 1.00 9.44   ? 62  VAL   A O   1 
ATOM   441  C  CB  . VAL   A 1 62  ? 1.564   0.087   -13.846 1.00 8.72   ? 62  VAL   A CB  1 
ATOM   442  C  CG1 . VAL   A 1 62  ? 0.978   -1.275  -14.128 1.00 9.98   ? 62  VAL   A CG1 1 
ATOM   443  C  CG2 . VAL   A 1 62  ? 1.687   0.836   -15.154 1.00 9.19   ? 62  VAL   A CG2 1 
ATOM   444  N  N   . TYR   A 1 63  ? -0.732  -0.558  -11.435 1.00 8.60   ? 63  TYR   A N   1 
ATOM   445  C  CA  . TYR   A 1 63  ? -0.947  -1.395  -10.226 1.00 8.01   ? 63  TYR   A CA  1 
ATOM   446  C  C   . TYR   A 1 63  ? -1.409  -2.793  -10.599 1.00 9.05   ? 63  TYR   A C   1 
ATOM   447  O  O   . TYR   A 1 63  ? -1.997  -3.020  -11.683 1.00 9.59   ? 63  TYR   A O   1 
ATOM   448  C  CB  . TYR   A 1 63  ? -1.971  -0.760  -9.285  1.00 9.02   ? 63  TYR   A CB  1 
ATOM   449  C  CG  . TYR   A 1 63  ? -3.435  -1.039  -9.568  1.00 9.28   ? 63  TYR   A CG  1 
ATOM   450  C  CD1 . TYR   A 1 63  ? -4.081  -0.345  -10.583 1.00 9.70   ? 63  TYR   A CD1 1 
ATOM   451  C  CD2 . TYR   A 1 63  ? -4.175  -1.979  -8.850  1.00 9.49   ? 63  TYR   A CD2 1 
ATOM   452  C  CE1 . TYR   A 1 63  ? -5.434  -0.575  -10.848 1.00 10.90  ? 63  TYR   A CE1 1 
ATOM   453  C  CE2 . TYR   A 1 63  ? -5.519  -2.232  -9.127  1.00 9.44   ? 63  TYR   A CE2 1 
ATOM   454  C  CZ  . TYR   A 1 63  ? -6.142  -1.518  -10.138 1.00 9.94   ? 63  TYR   A CZ  1 
ATOM   455  O  OH  . TYR   A 1 63  ? -7.474  -1.746  -10.416 1.00 11.07  ? 63  TYR   A OH  1 
ATOM   456  N  N   . TYR   A 1 64  ? -1.111  -3.722  -9.749  1.00 8.95   ? 64  TYR   A N   1 
ATOM   457  C  CA  . TYR   A 1 64  ? -1.548  -5.114  -9.908  1.00 8.89   ? 64  TYR   A CA  1 
ATOM   458  C  C   . TYR   A 1 64  ? -2.876  -5.336  -9.196  1.00 8.13   ? 64  TYR   A C   1 
ATOM   459  O  O   . TYR   A 1 64  ? -3.045  -5.100  -7.998  1.00 9.05   ? 64  TYR   A O   1 
ATOM   460  C  CB  . TYR   A 1 64  ? -0.512  -6.085  -9.343  1.00 9.55   ? 64  TYR   A CB  1 
ATOM   461  C  CG  . TYR   A 1 64  ? -0.977  -7.496  -9.554  1.00 10.65  ? 64  TYR   A CG  1 
ATOM   462  C  CD1 . TYR   A 1 64  ? -1.174  -7.975  -10.834 1.00 11.30  ? 64  TYR   A CD1 1 
ATOM   463  C  CD2 . TYR   A 1 64  ? -1.191  -8.331  -8.485  1.00 10.47  ? 64  TYR   A CD2 1 
ATOM   464  C  CE1 . TYR   A 1 64  ? -1.705  -9.248  -11.047 1.00 12.36  ? 64  TYR   A CE1 1 
ATOM   465  C  CE2 . TYR   A 1 64  ? -1.700  -9.617  -8.665  1.00 12.58  ? 64  TYR   A CE2 1 
ATOM   466  C  CZ  . TYR   A 1 64  ? -1.934  -10.062 -9.944  1.00 12.20  ? 64  TYR   A CZ  1 
ATOM   467  O  OH  . TYR   A 1 64  ? -2.428  -11.338 -10.158 1.00 14.07  ? 64  TYR   A OH  1 
ATOM   468  N  N   . CYS   A 1 65  ? -3.804  -5.893  -9.940  1.00 8.82   ? 65  CYS   A N   1 
ATOM   469  C  CA  . CYS   A 1 65  ? -5.165  -6.289  -9.531  1.00 9.15   ? 65  CYS   A CA  1 
ATOM   470  C  C   . CYS   A 1 65  ? -5.315  -7.809  -9.552  1.00 8.82   ? 65  CYS   A C   1 
ATOM   471  O  O   . CYS   A 1 65  ? -5.575  -8.397  -10.635 1.00 9.67   ? 65  CYS   A O   1 
ATOM   472  C  CB  . CYS   A 1 65  ? -6.179  -5.645  -10.442 1.00 9.19   ? 65  CYS   A CB  1 
ATOM   473  S  SG  . CYS   A 1 65  ? -7.884  -6.063  -10.043 1.00 9.97   ? 65  CYS   A SG  1 
ATOM   474  N  N   . SER   A 1 66  ? -5.208  -8.435  -8.405  1.00 8.97   ? 66  SER   A N   1 
ATOM   475  C  CA  . SER   A 1 66  ? -5.290  -9.917  -8.310  1.00 10.11  ? 66  SER   A CA  1 
ATOM   476  C  C   . SER   A 1 66  ? -6.634  -10.457 -8.781  1.00 9.08   ? 66  SER   A C   1 
ATOM   477  O  O   . SER   A 1 66  ? -6.659  -11.546 -9.413  1.00 10.27  ? 66  SER   A O   1 
ATOM   478  C  CB  . SER   A 1 66  ? -4.939  -10.376 -6.930  1.00 11.29  ? 66  SER   A CB  1 
ATOM   479  O  OG  . SER   A 1 66  ? -5.936  -10.193 -5.966  1.00 15.89  ? 66  SER   A OG  1 
ATOM   480  N  N   . SER   A 1 67  ? -7.706  -9.713  -8.604  1.00 8.36   ? 67  SER   A N   1 
ATOM   481  C  CA  . SER   A 1 67  ? -9.073  -10.183 -8.931  1.00 8.98   ? 67  SER   A CA  1 
ATOM   482  C  C   . SER   A 1 67  ? -9.302  -10.047 -10.449 1.00 9.01   ? 67  SER   A C   1 
ATOM   483  O  O   . SER   A 1 67  ? -10.378 -10.530 -10.925 1.00 10.21  ? 67  SER   A O   1 
ATOM   484  C  CB  . SER   A 1 67  ? -10.103 -9.451  -8.175  1.00 9.64   ? 67  SER   A CB  1 
ATOM   485  O  OG  . SER   A 1 67  ? -10.148 -8.059  -8.504  1.00 10.21  ? 67  SER   A OG  1 
ATOM   486  N  N   . ARG   A 1 68  ? -8.304  -9.620  -11.207 1.00 9.25   ? 68  ARG   A N   1 
ATOM   487  C  CA  . ARG   A 1 68  ? -8.342  -9.583  -12.679 1.00 9.22   ? 68  ARG   A CA  1 
ATOM   488  C  C   . ARG   A 1 68  ? -7.129  -10.289 -13.246 1.00 9.75   ? 68  ARG   A C   1 
ATOM   489  O  O   . ARG   A 1 68  ? -7.013  -10.388 -14.485 1.00 11.43  ? 68  ARG   A O   1 
ATOM   490  C  CB  . ARG   A 1 68  ? -8.440  -8.154  -13.193 1.00 9.77   ? 68  ARG   A CB  1 
ATOM   491  C  CG  . ARG   A 1 68  ? -9.732  -7.491  -12.800 1.00 9.97   ? 68  ARG   A CG  1 
ATOM   492  C  CD  . ARG   A 1 68  ? -10.916 -8.006  -13.619 1.00 10.99  ? 68  ARG   A CD  1 
ATOM   493  N  NE  . ARG   A 1 68  ? -12.147 -7.364  -13.254 1.00 11.74  ? 68  ARG   A NE  1 
ATOM   494  C  CZ  . ARG   A 1 68  ? -12.993 -7.762  -12.320 1.00 11.36  ? 68  ARG   A CZ  1 
ATOM   495  N  NH1 . ARG   A 1 68  ? -12.757 -8.888  -11.667 1.00 11.64  ? 68  ARG   A NH1 1 
ATOM   496  N  NH2 . ARG   A 1 68  ? -14.099 -7.073  -12.102 1.00 12.93  ? 68  ARG   A NH2 1 
ATOM   497  N  N   . ARG   A 1 69  ? -6.190  -10.704 -12.434 1.00 10.19  ? 69  ARG   A N   1 
ATOM   498  C  CA  . ARG   A 1 69  ? -4.883  -11.210 -12.893 1.00 10.84  ? 69  ARG   A CA  1 
ATOM   499  C  C   . ARG   A 1 69  ? -4.295  -10.227 -13.901 1.00 11.48  ? 69  ARG   A C   1 
ATOM   500  O  O   . ARG   A 1 69  ? -3.757  -10.662 -14.951 1.00 13.39  ? 69  ARG   A O   1 
ATOM   501  C  CB  . ARG   A 1 69  ? -5.004  -12.625 -13.476 1.00 11.46  ? 69  ARG   A CB  1 
ATOM   502  C  CG  . ARG   A 1 69  ? -5.305  -13.670 -12.427 1.00 12.77  ? 69  ARG   A CG  1 
ATOM   503  C  CD  . ARG   A 1 69  ? -5.315  -15.051 -13.056 1.00 14.37  ? 69  ARG   A CD  1 
ATOM   504  N  NE  . ARG   A 1 69  ? -5.716  -16.116 -12.117 1.00 14.75  ? 69  ARG   A NE  1 
ATOM   505  C  CZ  . ARG   A 1 69  ? -6.750  -16.954 -12.294 1.00 14.68  ? 69  ARG   A CZ  1 
ATOM   506  N  NH1 . ARG   A 1 69  ? -7.559  -16.805 -13.327 1.00 16.61  ? 69  ARG   A NH1 1 
ATOM   507  N  NH2 . ARG   A 1 69  ? -7.001  -17.875 -11.376 1.00 15.93  ? 69  ARG   A NH2 1 
ATOM   508  N  N   . LYS   A 1 70  ? -4.313  -8.910  -13.616 1.00 11.84  ? 70  LYS   A N   1 
ATOM   509  C  CA  . LYS   A 1 70  ? -3.890  -7.896  -14.608 1.00 12.90  ? 70  LYS   A CA  1 
ATOM   510  C  C   . LYS   A 1 70  ? -3.234  -6.735  -13.892 1.00 11.40  ? 70  LYS   A C   1 
ATOM   511  O  O   . LYS   A 1 70  ? -3.664  -6.431  -12.759 1.00 11.22  ? 70  LYS   A O   1 
ATOM   512  C  CB  . LYS   A 1 70  ? -5.051  -7.361  -15.448 1.00 14.72  ? 70  LYS   A CB  1 
ATOM   513  C  CG  . LYS   A 1 70  ? -5.523  -8.323  -16.531 1.00 20.44  ? 70  LYS   A CG  1 
ATOM   514  C  CD  . LYS   A 1 70  ? -6.330  -7.648  -17.607 1.00 25.16  ? 70  LYS   A CD  1 
ATOM   515  C  CE  . LYS   A 1 70  ? -6.827  -8.626  -18.654 1.00 30.46  ? 70  LYS   A CE  1 
ATOM   516  N  NZ  . LYS   A 1 70  ? -7.675  -9.680  -18.043 1.00 37.27  ? 70  LYS   A NZ  1 
ATOM   517  N  N   . HIS   A 1 71  ? -2.313  -6.129  -14.596 1.00 10.55  ? 71  HIS   A N   1 
ATOM   518  C  CA  . HIS   A 1 71  ? -1.731  -4.835  -14.230 1.00 11.15  ? 71  HIS   A CA  1 
ATOM   519  C  C   . HIS   A 1 71  ? -2.428  -3.767  -15.029 1.00 10.69  ? 71  HIS   A C   1 
ATOM   520  O  O   . HIS   A 1 71  ? -2.568  -3.929  -16.254 1.00 14.09  ? 71  HIS   A O   1 
ATOM   521  C  CB  . HIS   A 1 71  ? -0.235  -4.800  -14.458 1.00 11.42  ? 71  HIS   A CB  1 
ATOM   522  C  CG  . HIS   A 1 71  ? 0.572   -5.691  -13.593 1.00 12.18  ? 71  HIS   A CG  1 
ATOM   523  N  ND1 . HIS   A 1 71  ? 1.287   -5.303  -12.474 1.00 13.91  ? 71  HIS   A ND1 1 
ATOM   524  C  CD2 . HIS   A 1 71  ? 0.723   -7.019  -13.661 1.00 13.44  ? 71  HIS   A CD2 1 
ATOM   525  C  CE1 . HIS   A 1 71  ? 1.876   -6.356  -11.927 1.00 12.50  ? 71  HIS   A CE1 1 
ATOM   526  N  NE2 . HIS   A 1 71  ? 1.567   -7.389  -12.642 1.00 17.08  ? 71  HIS   A NE2 1 
ATOM   527  N  N   . TYR   A 1 72  ? -2.840  -2.667  -14.431 1.00 9.58   ? 72  TYR   A N   1 
ATOM   528  C  CA  . TYR   A 1 72  ? -3.534  -1.568  -15.102 1.00 9.51   ? 72  TYR   A CA  1 
ATOM   529  C  C   . TYR   A 1 72  ? -2.746  -0.280  -14.924 1.00 9.05   ? 72  TYR   A C   1 
ATOM   530  O  O   . TYR   A 1 72  ? -2.389  0.086   -13.805 1.00 9.60   ? 72  TYR   A O   1 
ATOM   531  C  CB  . TYR   A 1 72  ? -4.912  -1.361  -14.473 1.00 10.07  ? 72  TYR   A CB  1 
ATOM   532  C  CG  . TYR   A 1 72  ? -5.886  -2.487  -14.692 1.00 10.99  ? 72  TYR   A CG  1 
ATOM   533  C  CD1 . TYR   A 1 72  ? -6.577  -2.599  -15.894 1.00 13.12  ? 72  TYR   A CD1 1 
ATOM   534  C  CD2 . TYR   A 1 72  ? -6.157  -3.404  -13.700 1.00 11.70  ? 72  TYR   A CD2 1 
ATOM   535  C  CE1 . TYR   A 1 72  ? -7.460  -3.646  -16.116 1.00 13.50  ? 72  TYR   A CE1 1 
ATOM   536  C  CE2 . TYR   A 1 72  ? -7.073  -4.427  -13.880 1.00 11.78  ? 72  TYR   A CE2 1 
ATOM   537  C  CZ  . TYR   A 1 72  ? -7.727  -4.524  -15.089 1.00 11.86  ? 72  TYR   A CZ  1 
ATOM   538  O  OH  . TYR   A 1 72  ? -8.630  -5.544  -15.273 1.00 13.56  ? 72  TYR   A OH  1 
ATOM   539  N  N   . PRO   A 1 73  ? -2.621  0.527   -15.979 1.00 9.37   ? 73  PRO   A N   1 
ATOM   540  C  CA  . PRO   A 1 73  ? -2.074  1.874   -15.843 1.00 9.36   ? 73  PRO   A CA  1 
ATOM   541  C  C   . PRO   A 1 73  ? -3.166  2.781   -15.294 1.00 9.62   ? 73  PRO   A C   1 
ATOM   542  O  O   . PRO   A 1 73  ? -4.315  2.805   -15.788 1.00 12.00  ? 73  PRO   A O   1 
ATOM   543  C  CB  . PRO   A 1 73  ? -1.709  2.250   -17.295 1.00 11.03  ? 73  PRO   A CB  1 
ATOM   544  C  CG  . PRO   A 1 73  ? -2.594  1.418   -18.154 1.00 12.60  ? 73  PRO   A CG  1 
ATOM   545  C  CD  . PRO   A 1 73  ? -2.882  0.145   -17.394 1.00 11.03  ? 73  PRO   A CD  1 
ATOM   546  N  N   . VAL   A 1 74  ? -2.819  3.612   -14.337 1.00 9.26   ? 74  VAL   A N   1 
ATOM   547  C  CA  . VAL   A 1 74  ? -3.772  4.515   -13.660 1.00 9.71   ? 74  VAL   A CA  1 
ATOM   548  C  C   . VAL   A 1 74  ? -3.138  5.857   -13.394 1.00 9.32   ? 74  VAL   A C   1 
ATOM   549  O  O   . VAL   A 1 74  ? -1.908  5.984   -13.179 1.00 10.05  ? 74  VAL   A O   1 
ATOM   550  C  CB  . VAL   A 1 74  ? -4.260  3.938   -12.321 1.00 10.43  ? 74  VAL   A CB  1 
ATOM   551  C  CG1 . VAL   A 1 74  ? -5.217  2.769   -12.550 1.00 11.80  ? 74  VAL   A CG1 1 
ATOM   552  C  CG2 . VAL   A 1 74  ? -3.149  3.542   -11.371 1.00 11.46  ? 74  VAL   A CG2 1 
ATOM   553  N  N   . SER   A 1 75  ? -3.990  6.859   -13.337 1.00 9.08   ? 75  SER   A N   1 
ATOM   554  C  CA  . SER   A 1 75  ? -3.690  8.162   -12.719 1.00 9.31   ? 75  SER   A CA  1 
ATOM   555  C  C   . SER   A 1 75  ? -4.257  8.098   -11.309 1.00 8.85   ? 75  SER   A C   1 
ATOM   556  O  O   . SER   A 1 75  ? -5.327  7.508   -11.097 1.00 9.33   ? 75  SER   A O   1 
ATOM   557  C  CB  . SER   A 1 75  ? -4.335  9.249   -13.499 1.00 12.23  ? 75  SER   A CB  1 
ATOM   558  O  OG  . SER   A 1 75  ? -3.848  9.361   -14.812 1.00 18.33  ? 75  SER   A OG  1 
ATOM   559  N  N   . PHE   A 1 76  ? -3.602  8.726   -10.352 1.00 8.50   ? 76  PHE   A N   1 
ATOM   560  C  CA  . PHE   A 1 76  ? -4.034  8.654   -8.955  1.00 8.73   ? 76  PHE   A CA  1 
ATOM   561  C  C   . PHE   A 1 76  ? -3.823  9.984   -8.276  1.00 8.73   ? 76  PHE   A C   1 
ATOM   562  O  O   . PHE   A 1 76  ? -2.928  10.784  -8.658  1.00 9.55   ? 76  PHE   A O   1 
ATOM   563  C  CB  . PHE   A 1 76  ? -3.319  7.525   -8.195  1.00 8.48   ? 76  PHE   A CB  1 
ATOM   564  C  CG  . PHE   A 1 76  ? -1.820  7.477   -8.266  1.00 8.36   ? 76  PHE   A CG  1 
ATOM   565  C  CD1 . PHE   A 1 76  ? -1.165  6.796   -9.286  1.00 9.10   ? 76  PHE   A CD1 1 
ATOM   566  C  CD2 . PHE   A 1 76  ? -1.035  8.160   -7.334  1.00 9.33   ? 76  PHE   A CD2 1 
ATOM   567  C  CE1 . PHE   A 1 76  ? 0.219   6.784   -9.379  1.00 9.82   ? 76  PHE   A CE1 1 
ATOM   568  C  CE2 . PHE   A 1 76  ? 0.343   8.101   -7.418  1.00 9.22   ? 76  PHE   A CE2 1 
ATOM   569  C  CZ  . PHE   A 1 76  ? 0.952   7.445   -8.444  1.00 9.55   ? 76  PHE   A CZ  1 
ATOM   570  N  N   . SER   A 1 77  ? -4.679  10.216  -7.293  1.00 8.97   ? 77  SER   A N   1 
ATOM   571  C  CA  . SER   A 1 77  ? -4.582  11.456  -6.485  1.00 9.85   ? 77  SER   A CA  1 
ATOM   572  C  C   . SER   A 1 77  ? -3.384  11.401  -5.551  1.00 9.73   ? 77  SER   A C   1 
ATOM   573  O  O   . SER   A 1 77  ? -2.904  10.329  -5.167  1.00 10.46  ? 77  SER   A O   1 
ATOM   574  C  CB  . SER   A 1 77  ? -5.846  11.665  -5.706  1.00 10.39  ? 77  SER   A CB  1 
ATOM   575  O  OG  . SER   A 1 77  ? -6.135  10.599  -4.828  1.00 12.04  ? 77  SER   A OG  1 
ATOM   576  N  N   . LYS   A 1 78  ? -2.911  12.577  -5.118  1.00 10.06  ? 78  LYS   A N   1 
ATOM   577  C  CA  . LYS   A 1 78  ? -1.815  12.674  -4.128  1.00 10.54  ? 78  LYS   A CA  1 
ATOM   578  C  C   . LYS   A 1 78  ? -2.313  12.158  -2.796  1.00 11.25  ? 78  LYS   A C   1 
ATOM   579  O  O   . LYS   A 1 78  ? -3.496  12.265  -2.454  1.00 11.54  ? 78  LYS   A O   1 
ATOM   580  C  CB  . LYS   A 1 78  ? -1.289  14.097  -4.040  1.00 11.66  ? 78  LYS   A CB  1 
ATOM   581  C  CG  . LYS   A 1 78  ? -0.640  14.569  -5.324  1.00 12.87  ? 78  LYS   A CG  1 
ATOM   582  C  CD  . LYS   A 1 78  ? -0.045  15.977  -5.188  1.00 15.50  ? 78  LYS   A CD  1 
ATOM   583  C  CE  . LYS   A 1 78  ? 0.705   16.370  -6.442  1.00 18.94  ? 78  LYS   A CE  1 
ATOM   584  N  NZ  . LYS   A 1 78  ? 1.469   17.630  -6.289  1.00 22.66  ? 78  LYS   A NZ  1 
ATOM   585  N  N   . PRO   A 1 79  ? -1.432  11.616  -1.944  1.00 10.73  ? 79  PRO   A N   1 
ATOM   586  C  CA  . PRO   A 1 79  ? -1.863  11.029  -0.675  1.00 11.21  ? 79  PRO   A CA  1 
ATOM   587  C  C   . PRO   A 1 79  ? -2.578  12.063  0.180   1.00 11.81  ? 79  PRO   A C   1 
ATOM   588  O  O   . PRO   A 1 79  ? -2.060  13.186  0.364   1.00 13.74  ? 79  PRO   A O   1 
ATOM   589  C  CB  . PRO   A 1 79  ? -0.532  10.604  -0.030  1.00 12.81  ? 79  PRO   A CB  1 
ATOM   590  C  CG  . PRO   A 1 79  ? 0.444   10.464  -1.145  1.00 12.88  ? 79  PRO   A CG  1 
ATOM   591  C  CD  . PRO   A 1 79  ? 0.000   11.447  -2.212  1.00 11.38  ? 79  PRO   A CD  1 
ATOM   592  N  N   A SER   A 1 80  ? -3.767  11.709  0.675   0.25 12.60  ? 80  SER   A N   1 
ATOM   593  N  N   B SER   A 1 80  ? -3.691  11.676  0.785   0.25 12.14  ? 80  SER   A N   1 
ATOM   594  C  CA  A SER   A 1 80  ? -4.640  12.608  1.481   0.25 13.69  ? 80  SER   A CA  1 
ATOM   595  C  CA  B SER   A 1 80  ? -4.471  12.594  1.647   0.25 12.85  ? 80  SER   A CA  1 
ATOM   596  C  C   A SER   A 1 80  ? -5.403  11.814  2.545   0.25 13.46  ? 80  SER   A C   1 
ATOM   597  C  C   B SER   A 1 80  ? -5.331  11.808  2.626   0.25 13.03  ? 80  SER   A C   1 
ATOM   598  O  O   A SER   A 1 80  ? -5.375  10.559  2.534   0.25 12.28  ? 80  SER   A O   1 
ATOM   599  O  O   B SER   A 1 80  ? -5.266  10.560  2.654   0.25 11.93  ? 80  SER   A O   1 
ATOM   600  C  CB  A SER   A 1 80  ? -5.630  13.380  0.624   0.25 15.48  ? 80  SER   A CB  1 
ATOM   601  C  CB  B SER   A 1 80  ? -5.314  13.512  0.808   0.25 13.82  ? 80  SER   A CB  1 
ATOM   602  O  OG  A SER   A 1 80  ? -5.347  13.298  -0.762  0.25 18.32  ? 80  SER   A OG  1 
ATOM   603  O  OG  B SER   A 1 80  ? -4.603  13.945  -0.332  0.25 16.55  ? 80  SER   A OG  1 
ATOM   604  N  N   . LEU   A 1 81  ? -6.116  12.546  3.409   1.00 12.70  ? 81  LEU   A N   1 
ATOM   605  C  CA  . LEU   A 1 81  ? -7.002  12.009  4.438   1.00 13.92  ? 81  LEU   A CA  1 
ATOM   606  C  C   . LEU   A 1 81  ? -8.375  11.871  3.812   1.00 13.97  ? 81  LEU   A C   1 
ATOM   607  O  O   . LEU   A 1 81  ? -8.959  12.922  3.464   1.00 16.09  ? 81  LEU   A O   1 
ATOM   608  C  CB  . LEU   A 1 81  ? -6.965  12.977  5.618   1.00 14.92  ? 81  LEU   A CB  1 
ATOM   609  C  CG  . LEU   A 1 81  ? -7.820  12.585  6.813   1.00 16.24  ? 81  LEU   A CG  1 
ATOM   610  C  CD1 . LEU   A 1 81  ? -7.387  11.243  7.408   1.00 17.26  ? 81  LEU   A CD1 1 
ATOM   611  C  CD2 . LEU   A 1 81  ? -7.673  13.678  7.878   1.00 18.00  ? 81  LEU   A CD2 1 
ATOM   612  N  N   . ILE   A 1 82  ? -8.876  10.679  3.608   1.00 11.92  ? 82  ILE   A N   1 
ATOM   613  C  CA  . ILE   A 1 82  ? -10.057 10.353  2.786   1.00 13.48  ? 82  ILE   A CA  1 
ATOM   614  C  C   . ILE   A 1 82  ? -11.017 9.507   3.589   1.00 12.03  ? 82  ILE   A C   1 
ATOM   615  O  O   . ILE   A 1 82  ? -10.591 8.549   4.223   1.00 11.98  ? 82  ILE   A O   1 
ATOM   616  C  CB  . ILE   A 1 82  ? -9.623  9.563   1.532   1.00 15.86  ? 82  ILE   A CB  1 
ATOM   617  C  CG1 . ILE   A 1 82  ? -8.581  10.355  0.752   1.00 16.97  ? 82  ILE   A CG1 1 
ATOM   618  C  CG2 . ILE   A 1 82  ? -10.813 9.103   0.702   1.00 18.82  ? 82  ILE   A CG2 1 
ATOM   619  C  CD1 . ILE   A 1 82  ? -9.081  11.658  0.206   1.00 21.59  ? 82  ILE   A CD1 1 
ATOM   620  N  N   . PHE   A 1 83  ? -12.307 9.784   3.501   1.00 11.60  ? 83  PHE   A N   1 
ATOM   621  C  CA  . PHE   A 1 83  ? -13.328 8.918   4.068   1.00 12.24  ? 83  PHE   A CA  1 
ATOM   622  C  C   . PHE   A 1 83  ? -13.447 7.680   3.218   1.00 12.26  ? 83  PHE   A C   1 
ATOM   623  O  O   . PHE   A 1 83  ? -13.517 7.779   1.980   1.00 12.60  ? 83  PHE   A O   1 
ATOM   624  C  CB  . PHE   A 1 83  ? -14.674 9.629   4.177   1.00 11.98  ? 83  PHE   A CB  1 
ATOM   625  C  CG  . PHE   A 1 83  ? -15.645 8.813   4.973   1.00 13.18  ? 83  PHE   A CG  1 
ATOM   626  C  CD1 . PHE   A 1 83  ? -15.446 8.666   6.326   1.00 14.30  ? 83  PHE   A CD1 1 
ATOM   627  C  CD2 . PHE   A 1 83  ? -16.719 8.162   4.407   1.00 15.48  ? 83  PHE   A CD2 1 
ATOM   628  C  CE1 . PHE   A 1 83  ? -16.333 7.944   7.114   1.00 15.39  ? 83  PHE   A CE1 1 
ATOM   629  C  CE2 . PHE   A 1 83  ? -17.577 7.387   5.186   1.00 17.38  ? 83  PHE   A CE2 1 
ATOM   630  C  CZ  . PHE   A 1 83  ? -17.358 7.268   6.521   1.00 16.21  ? 83  PHE   A CZ  1 
ATOM   631  N  N   . VAL   A 1 84  ? -13.441 6.527   3.856   1.00 11.78  ? 84  VAL   A N   1 
ATOM   632  C  CA  . VAL   A 1 84  ? -13.535 5.219   3.192   1.00 11.72  ? 84  VAL   A CA  1 
ATOM   633  C  C   . VAL   A 1 84  ? -14.784 4.546   3.732   1.00 11.08  ? 84  VAL   A C   1 
ATOM   634  O  O   . VAL   A 1 84  ? -14.898 4.312   4.956   1.00 12.80  ? 84  VAL   A O   1 
ATOM   635  C  CB  . VAL   A 1 84  ? -12.253 4.382   3.378   1.00 11.73  ? 84  VAL   A CB  1 
ATOM   636  C  CG1 . VAL   A 1 84  ? -12.349 3.081   2.631   1.00 11.36  ? 84  VAL   A CG1 1 
ATOM   637  C  CG2 . VAL   A 1 84  ? -11.045 5.194   2.943   1.00 11.83  ? 84  VAL   A CG2 1 
ATOM   638  N  N   . GLU   A 1 85  ? -15.665 4.093   2.869   1.00 11.39  ? 85  GLU   A N   1 
ATOM   639  C  CA  . GLU   A 1 85  ? -16.858 3.351   3.300   1.00 12.22  ? 85  GLU   A CA  1 
ATOM   640  C  C   . GLU   A 1 85  ? -16.428 2.004   3.886   1.00 12.42  ? 85  GLU   A C   1 
ATOM   641  O  O   . GLU   A 1 85  ? -15.285 1.503   3.664   1.00 12.91  ? 85  GLU   A O   1 
ATOM   642  C  CB  . GLU   A 1 85  ? -17.801 3.153   2.131   1.00 12.51  ? 85  GLU   A CB  1 
ATOM   643  C  CG  . GLU   A 1 85  ? -18.351 4.450   1.598   1.00 14.36  ? 85  GLU   A CG  1 
ATOM   644  C  CD  . GLU   A 1 85  ? -19.237 5.258   2.528   1.00 17.14  ? 85  GLU   A CD  1 
ATOM   645  O  OE1 . GLU   A 1 85  ? -19.757 4.694   3.519   1.00 17.91  ? 85  GLU   A OE1 1 
ATOM   646  O  OE2 . GLU   A 1 85  ? -19.357 6.461   2.285   1.00 17.81  ? 85  GLU   A OE2 1 
ATOM   647  N  N   . ALA   A 1 86  ? -17.306 1.401   4.648   1.00 13.70  ? 86  ALA   A N   1 
ATOM   648  C  CA  . ALA   A 1 86  ? -17.045 0.119   5.314   1.00 13.94  ? 86  ALA   A CA  1 
ATOM   649  C  C   . ALA   A 1 86  ? -16.670 -0.916  4.269   1.00 13.98  ? 86  ALA   A C   1 
ATOM   650  O  O   . ALA   A 1 86  ? -17.273 -0.997  3.170   1.00 14.24  ? 86  ALA   A O   1 
ATOM   651  C  CB  . ALA   A 1 86  ? -18.278 -0.299  6.093   1.00 14.49  ? 86  ALA   A CB  1 
ATOM   652  N  N   . SER   A 1 87  ? -15.739 -1.792  4.645   1.00 14.28  ? 87  SER   A N   1 
ATOM   653  C  CA  . SER   A 1 87  ? -15.290 -2.929  3.825   1.00 15.16  ? 87  SER   A CA  1 
ATOM   654  C  C   . SER   A 1 87  ? -15.395 -4.185  4.680   1.00 16.19  ? 87  SER   A C   1 
ATOM   655  O  O   . SER   A 1 87  ? -15.759 -4.115  5.888   1.00 16.27  ? 87  SER   A O   1 
ATOM   656  C  CB  . SER   A 1 87  ? -13.873 -2.728  3.363   1.00 14.45  ? 87  SER   A CB  1 
ATOM   657  O  OG  . SER   A 1 87  ? -13.006 -2.797  4.480   1.00 13.67  ? 87  SER   A OG  1 
ATOM   658  N  N   . GLU   A 1 88  ? -15.016 -5.314  4.111   1.00 17.12  ? 88  GLU   A N   1 
ATOM   659  C  CA  . GLU   A 1 88  ? -15.013 -6.571  4.891   1.00 18.37  ? 88  GLU   A CA  1 
ATOM   660  C  C   . GLU   A 1 88  ? -13.973 -6.483  6.018   1.00 18.43  ? 88  GLU   A C   1 
ATOM   661  O  O   . GLU   A 1 88  ? -14.064 -7.315  6.937   1.00 20.63  ? 88  GLU   A O   1 
ATOM   662  C  CB  . GLU   A 1 88  ? -14.891 -7.758  3.929   1.00 22.42  ? 88  GLU   A CB  1 
ATOM   663  C  CG  . GLU   A 1 88  ? -13.490 -8.185  3.611   1.00 28.59  ? 88  GLU   A CG  1 
ATOM   664  C  CD  . GLU   A 1 88  ? -13.417 -9.488  2.829   1.00 29.67  ? 88  GLU   A CD  1 
ATOM   665  O  OE1 . GLU   A 1 88  ? -14.394 -9.806  2.114   1.00 31.72  ? 88  GLU   A OE1 1 
ATOM   666  O  OE2 . GLU   A 1 88  ? -12.354 -10.152 2.915   1.00 33.67  ? 88  GLU   A OE2 1 
ATOM   667  N  N   . TYR   A 1 89  ? -13.001 -5.561  5.997   1.00 14.61  ? 89  TYR   A N   1 
ATOM   668  C  CA  . TYR   A 1 89  ? -11.875 -5.586  6.958   1.00 15.10  ? 89  TYR   A CA  1 
ATOM   669  C  C   . TYR   A 1 89  ? -11.709 -4.305  7.771   1.00 16.17  ? 89  TYR   A C   1 
ATOM   670  O  O   . TYR   A 1 89  ? -10.910 -4.300  8.735   1.00 15.53  ? 89  TYR   A O   1 
ATOM   671  C  CB  . TYR   A 1 89  ? -10.570 -5.934  6.232   1.00 13.79  ? 89  TYR   A CB  1 
ATOM   672  C  CG  . TYR   A 1 89  ? -10.306 -5.107  5.005   1.00 12.88  ? 89  TYR   A CG  1 
ATOM   673  C  CD1 . TYR   A 1 89  ? -10.803 -5.497  3.783   1.00 12.33  ? 89  TYR   A CD1 1 
ATOM   674  C  CD2 . TYR   A 1 89  ? -9.586  -3.934  5.062   1.00 12.95  ? 89  TYR   A CD2 1 
ATOM   675  C  CE1 . TYR   A 1 89  ? -10.602 -4.723  2.648   1.00 12.40  ? 89  TYR   A CE1 1 
ATOM   676  C  CE2 . TYR   A 1 89  ? -9.353  -3.155  3.932   1.00 12.51  ? 89  TYR   A CE2 1 
ATOM   677  C  CZ  . TYR   A 1 89  ? -9.839  -3.570  2.707   1.00 11.78  ? 89  TYR   A CZ  1 
ATOM   678  O  OH  . TYR   A 1 89  ? -9.674  -2.858  1.547   1.00 12.92  ? 89  TYR   A OH  1 
ATOM   679  N  N   . TYR   A 1 90  ? -12.435 -3.228  7.438   1.00 14.75  ? 90  TYR   A N   1 
ATOM   680  C  CA  . TYR   A 1 90  ? -12.511 -2.035  8.298   1.00 14.64  ? 90  TYR   A CA  1 
ATOM   681  C  C   . TYR   A 1 90  ? -13.920 -1.483  8.273   1.00 13.67  ? 90  TYR   A C   1 
ATOM   682  O  O   . TYR   A 1 90  ? -14.638 -1.604  7.292   1.00 14.56  ? 90  TYR   A O   1 
ATOM   683  C  CB  . TYR   A 1 90  ? -11.620 -0.914  7.791   1.00 14.99  ? 90  TYR   A CB  1 
ATOM   684  C  CG  . TYR   A 1 90  ? -10.142 -1.111  8.050   1.00 14.19  ? 90  TYR   A CG  1 
ATOM   685  C  CD1 . TYR   A 1 90  ? -9.629  -1.202  9.350   1.00 16.46  ? 90  TYR   A CD1 1 
ATOM   686  C  CD2 . TYR   A 1 90  ? -9.228  -1.131  7.014   1.00 14.07  ? 90  TYR   A CD2 1 
ATOM   687  C  CE1 . TYR   A 1 90  ? -8.261  -1.291  9.575   1.00 15.44  ? 90  TYR   A CE1 1 
ATOM   688  C  CE2 . TYR   A 1 90  ? -7.864  -1.281  7.225   1.00 13.89  ? 90  TYR   A CE2 1 
ATOM   689  C  CZ  . TYR   A 1 90  ? -7.363  -1.375  8.519   1.00 13.57  ? 90  TYR   A CZ  1 
ATOM   690  O  OH  . TYR   A 1 90  ? -6.008  -1.464  8.780   1.00 14.04  ? 90  TYR   A OH  1 
ATOM   691  N  N   . PRO   A 1 91  ? -14.301 -0.777  9.358   1.00 13.81  ? 91  PRO   A N   1 
ATOM   692  C  CA  . PRO   A 1 91  ? -15.545 -0.024  9.364   1.00 12.76  ? 91  PRO   A CA  1 
ATOM   693  C  C   . PRO   A 1 91  ? -15.362 1.175   8.421   1.00 13.03  ? 91  PRO   A C   1 
ATOM   694  O  O   . PRO   A 1 91  ? -14.249 1.536   7.998   1.00 13.43  ? 91  PRO   A O   1 
ATOM   695  C  CB  . PRO   A 1 91  ? -15.665 0.393   10.829  1.00 13.64  ? 91  PRO   A CB  1 
ATOM   696  C  CG  . PRO   A 1 91  ? -14.247 0.530   11.278  1.00 15.24  ? 91  PRO   A CG  1 
ATOM   697  C  CD  . PRO   A 1 91  ? -13.548 -0.637  10.611  1.00 14.14  ? 91  PRO   A CD  1 
ATOM   698  N  N   . ALA   A 1 92  ? -16.437 1.918   8.207   1.00 14.34  ? 92  ALA   A N   1 
ATOM   699  C  CA  . ALA   A 1 92  ? -16.378 3.219   7.546   1.00 15.11  ? 92  ALA   A CA  1 
ATOM   700  C  C   . ALA   A 1 92  ? -15.511 4.115   8.407   1.00 14.30  ? 92  ALA   A C   1 
ATOM   701  O  O   . ALA   A 1 92  ? -15.786 4.157   9.641   1.00 17.91  ? 92  ALA   A O   1 
ATOM   702  C  CB  . ALA   A 1 92  ? -17.781 3.788   7.398   1.00 15.27  ? 92  ALA   A CB  1 
ATOM   703  N  N   . ARG   A 1 93  ? -14.510 4.796   7.876   1.00 14.65  ? 93  ARG   A N   1 
ATOM   704  C  CA  . ARG   A 1 93  ? -13.587 5.619   8.673   1.00 15.96  ? 93  ARG   A CA  1 
ATOM   705  C  C   . ARG   A 1 93  ? -12.744 6.505   7.753   1.00 14.83  ? 93  ARG   A C   1 
ATOM   706  O  O   . ARG   A 1 93  ? -12.757 6.303   6.499   1.00 13.91  ? 93  ARG   A O   1 
ATOM   707  C  CB  . ARG   A 1 93  ? -12.718 4.671   9.508   1.00 15.90  ? 93  ARG   A CB  1 
ATOM   708  C  CG  . ARG   A 1 93  ? -11.714 3.958   8.632   1.00 14.93  ? 93  ARG   A CG  1 
ATOM   709  C  CD  . ARG   A 1 93  ? -10.827 2.958   9.344   1.00 16.29  ? 93  ARG   A CD  1 
ATOM   710  N  NE  . ARG   A 1 93  ? -9.708  2.577   8.499   1.00 15.69  ? 93  ARG   A NE  1 
ATOM   711  C  CZ  . ARG   A 1 93  ? -8.451  2.398   8.880   1.00 14.95  ? 93  ARG   A CZ  1 
ATOM   712  N  NH1 . ARG   A 1 93  ? -8.119  2.456   10.166  1.00 14.54  ? 93  ARG   A NH1 1 
ATOM   713  N  NH2 . ARG   A 1 93  ? -7.547  2.210   7.940   1.00 16.67  ? 93  ARG   A NH2 1 
ATOM   714  N  N   . TYR   A 1 94  ? -12.013 7.413   8.326   1.00 14.01  ? 94  TYR   A N   1 
ATOM   715  C  CA  . TYR   A 1 94  ? -10.993 8.195   7.627   1.00 14.45  ? 94  TYR   A CA  1 
ATOM   716  C  C   . TYR   A 1 94  ? -9.726  7.372   7.594   1.00 13.05  ? 94  TYR   A C   1 
ATOM   717  O  O   . TYR   A 1 94  ? -9.356  6.697   8.603   1.00 16.52  ? 94  TYR   A O   1 
ATOM   718  C  CB  . TYR   A 1 94  ? -10.777 9.545   8.288   1.00 15.47  ? 94  TYR   A CB  1 
ATOM   719  C  CG  . TYR   A 1 94  ? -11.867 10.515  7.893   1.00 16.30  ? 94  TYR   A CG  1 
ATOM   720  C  CD1 . TYR   A 1 94  ? -11.750 11.180  6.695   1.00 17.77  ? 94  TYR   A CD1 1 
ATOM   721  C  CD2 . TYR   A 1 94  ? -13.036 10.668  8.610   1.00 18.94  ? 94  TYR   A CD2 1 
ATOM   722  C  CE1 . TYR   A 1 94  ? -12.708 12.059  6.240   1.00 19.92  ? 94  TYR   A CE1 1 
ATOM   723  C  CE2 . TYR   A 1 94  ? -14.034 11.550  8.164   1.00 19.53  ? 94  TYR   A CE2 1 
ATOM   724  C  CZ  . TYR   A 1 94  ? -13.867 12.225  6.961   1.00 18.94  ? 94  TYR   A CZ  1 
ATOM   725  O  OH  . TYR   A 1 94  ? -14.790 13.123  6.469   1.00 22.27  ? 94  TYR   A OH  1 
ATOM   726  N  N   . GLN   A 1 95  ? -9.116  7.321   6.421   1.00 11.68  ? 95  GLN   A N   1 
ATOM   727  C  CA  . GLN   A 1 95  ? -7.783  6.705   6.215   1.00 11.79  ? 95  GLN   A CA  1 
ATOM   728  C  C   . GLN   A 1 95  ? -6.857  7.793   5.721   1.00 11.66  ? 95  GLN   A C   1 
ATOM   729  O  O   . GLN   A 1 95  ? -7.242  8.560   4.794   1.00 12.64  ? 95  GLN   A O   1 
ATOM   730  C  CB  . GLN   A 1 95  ? -7.891  5.558   5.238   1.00 11.66  ? 95  GLN   A CB  1 
ATOM   731  C  CG  . GLN   A 1 95  ? -6.601  4.826   5.027   1.00 12.83  ? 95  GLN   A CG  1 
ATOM   732  C  CD  . GLN   A 1 95  ? -6.722  3.409   4.513   1.00 12.15  ? 95  GLN   A CD  1 
ATOM   733  O  OE1 . GLN   A 1 95  ? -7.637  2.700   4.874   1.00 12.93  ? 95  GLN   A OE1 1 
ATOM   734  N  NE2 . GLN   A 1 95  ? -5.756  3.034   3.712   1.00 12.21  ? 95  GLN   A NE2 1 
ATOM   735  N  N   . SER   A 1 96  ? -5.662  7.877   6.272   1.00 10.88  ? 96  SER   A N   1 
ATOM   736  C  CA  . SER   A 1 96  ? -4.655  8.866   5.913   1.00 11.32  ? 96  SER   A CA  1 
ATOM   737  C  C   . SER   A 1 96  ? -3.686  8.325   4.864   1.00 10.96  ? 96  SER   A C   1 
ATOM   738  O  O   . SER   A 1 96  ? -3.558  7.085   4.722   1.00 10.48  ? 96  SER   A O   1 
ATOM   739  C  CB  . SER   A 1 96  ? -3.911  9.369   7.129   1.00 12.35  ? 96  SER   A CB  1 
ATOM   740  O  OG  . SER   A 1 96  ? -3.145  8.294   7.672   1.00 13.57  ? 96  SER   A OG  1 
ATOM   741  N  N   . HIS   A 1 97  ? -2.964  9.239   4.254   1.00 10.60  ? 97  HIS   A N   1 
ATOM   742  C  CA  . HIS   A 1 97  ? -1.922  8.901   3.243   1.00 10.04  ? 97  HIS   A CA  1 
ATOM   743  C  C   . HIS   A 1 97  ? -2.477  7.961   2.150   1.00 9.63   ? 97  HIS   A C   1 
ATOM   744  O  O   . HIS   A 1 97  ? -1.746  7.098   1.669   1.00 10.11  ? 97  HIS   A O   1 
ATOM   745  C  CB  . HIS   A 1 97  ? -0.732  8.273   3.970   1.00 11.39  ? 97  HIS   A CB  1 
ATOM   746  C  CG  . HIS   A 1 97  ? -0.126  9.206   4.949   1.00 11.46  ? 97  HIS   A CG  1 
ATOM   747  N  ND1 . HIS   A 1 97  ? 0.963   9.976   4.641   1.00 11.93  ? 97  HIS   A ND1 1 
ATOM   748  C  CD2 . HIS   A 1 97  ? -0.426  9.451   6.243   1.00 12.29  ? 97  HIS   A CD2 1 
ATOM   749  C  CE1 . HIS   A 1 97  ? 1.315   10.676  5.732   1.00 13.14  ? 97  HIS   A CE1 1 
ATOM   750  N  NE2 . HIS   A 1 97  ? 0.474   10.401  6.663   1.00 13.77  ? 97  HIS   A NE2 1 
ATOM   751  N  N   . LEU   A 1 98  ? -3.691  8.216   1.742   1.00 9.43   ? 98  LEU   A N   1 
ATOM   752  C  CA  . LEU   A 1 98  ? -4.404  7.364   0.794   1.00 9.74   ? 98  LEU   A CA  1 
ATOM   753  C  C   . LEU   A 1 98  ? -4.496  8.065   -0.552  1.00 9.06   ? 98  LEU   A C   1 
ATOM   754  O  O   . LEU   A 1 98  ? -4.804  9.265   -0.613  1.00 9.96   ? 98  LEU   A O   1 
ATOM   755  C  CB  . LEU   A 1 98  ? -5.809  7.070   1.298   1.00 9.89   ? 98  LEU   A CB  1 
ATOM   756  C  CG  . LEU   A 1 98  ? -6.616  6.127   0.424   1.00 10.69  ? 98  LEU   A CG  1 
ATOM   757  C  CD1 . LEU   A 1 98  ? -6.061  4.742   0.463   1.00 11.08  ? 98  LEU   A CD1 1 
ATOM   758  C  CD2 . LEU   A 1 98  ? -8.073  6.114   0.840   1.00 12.37  ? 98  LEU   A CD2 1 
ATOM   759  N  N   . MET   A 1 99  ? -4.242  7.345   -1.621  1.00 8.65   ? 99  MET   A N   1 
ATOM   760  C  CA  . MET   A 1 99  ? -4.319  7.823   -3.022  1.00 8.58   ? 99  MET   A CA  1 
ATOM   761  C  C   . MET   A 1 99  ? -5.440  7.071   -3.694  1.00 8.80   ? 99  MET   A C   1 
ATOM   762  O  O   . MET   A 1 99  ? -5.559  5.871   -3.485  1.00 9.85   ? 99  MET   A O   1 
ATOM   763  C  CB  . MET   A 1 99  ? -2.992  7.503   -3.723  1.00 8.34   ? 99  MET   A CB  1 
ATOM   764  C  CG  . MET   A 1 99  ? -1.817  8.223   -3.108  1.00 9.76   ? 99  MET   A CG  1 
ATOM   765  S  SD  . MET   A 1 99  ? -0.195  7.696   -3.713  1.00 11.07  ? 99  MET   A SD  1 
ATOM   766  C  CE  . MET   A 1 99  ? -0.104  6.017   -3.090  1.00 10.76  ? 99  MET   A CE  1 
ATOM   767  N  N   . LEU   A 1 100 ? -6.212  7.738   -4.543  1.00 8.32   ? 100 LEU   A N   1 
ATOM   768  C  CA  . LEU   A 1 100 ? -7.337  7.058   -5.232  1.00 8.06   ? 100 LEU   A CA  1 
ATOM   769  C  C   . LEU   A 1 100 ? -7.104  7.079   -6.726  1.00 8.24   ? 100 LEU   A C   1 
ATOM   770  O  O   . LEU   A 1 100 ? -6.624  8.096   -7.268  1.00 9.25   ? 100 LEU   A O   1 
ATOM   771  C  CB  . LEU   A 1 100 ? -8.640  7.784   -4.917  1.00 9.66   ? 100 LEU   A CB  1 
ATOM   772  C  CG  . LEU   A 1 100 ? -9.114  7.672   -3.494  1.00 10.68  ? 100 LEU   A CG  1 
ATOM   773  C  CD1 . LEU   A 1 100 ? -10.323 8.575   -3.272  1.00 12.05  ? 100 LEU   A CD1 1 
ATOM   774  C  CD2 . LEU   A 1 100 ? -9.442  6.210   -3.147  1.00 12.16  ? 100 LEU   A CD2 1 
ATOM   775  N  N   . ALA   A 1 101 ? -7.525  6.029   -7.394  1.00 8.18   ? 101 ALA   A N   1 
ATOM   776  C  CA  . ALA   A 1 101 ? -7.617  5.940   -8.852  1.00 8.29   ? 101 ALA   A CA  1 
ATOM   777  C  C   . ALA   A 1 101 ? -8.921  5.276   -9.244  1.00 8.66   ? 101 ALA   A C   1 
ATOM   778  O  O   . ALA   A 1 101 ? -9.568  4.609   -8.420  1.00 9.22   ? 101 ALA   A O   1 
ATOM   779  C  CB  . ALA   A 1 101 ? -6.479  5.116   -9.406  1.00 8.74   ? 101 ALA   A CB  1 
ATOM   780  N  N   . VAL   A 1 102 ? -9.303  5.490   -10.477 1.00 8.72   ? 102 VAL   A N   1 
ATOM   781  C  CA  . VAL   A 1 102 ? -10.476 4.783   -11.053 1.00 9.07   ? 102 VAL   A CA  1 
ATOM   782  C  C   . VAL   A 1 102 ? -10.014 3.401   -11.502 1.00 8.88   ? 102 VAL   A C   1 
ATOM   783  O  O   . VAL   A 1 102 ? -9.098  3.289   -12.340 1.00 10.06  ? 102 VAL   A O   1 
ATOM   784  C  CB  . VAL   A 1 102 ? -11.096 5.596   -12.193 1.00 9.23   ? 102 VAL   A CB  1 
ATOM   785  C  CG1 . VAL   A 1 102 ? -12.264 4.812   -12.787 1.00 9.25   ? 102 VAL   A CG1 1 
ATOM   786  C  CG2 . VAL   A 1 102 ? -11.556 6.940   -11.698 1.00 9.53   ? 102 VAL   A CG2 1 
ATOM   787  N  N   . GLY   A 1 103 ? -10.608 2.374   -10.937 1.00 9.44   ? 103 GLY   A N   1 
ATOM   788  C  CA  . GLY   A 1 103 ? -10.165 1.023   -11.246 1.00 10.47  ? 103 GLY   A CA  1 
ATOM   789  C  C   . GLY   A 1 103 ? -10.829 0.029   -10.325 1.00 10.73  ? 103 GLY   A C   1 
ATOM   790  O  O   . GLY   A 1 103 ? -11.580 0.394   -9.428  1.00 11.28  ? 103 GLY   A O   1 
ATOM   791  N  N   . HIS   A 1 104 ? -10.555 -1.236  -10.562 1.00 10.23  ? 104 HIS   A N   1 
ATOM   792  C  CA  . HIS   A 1 104 ? -11.180 -2.354  -9.840  1.00 10.83  ? 104 HIS   A CA  1 
ATOM   793  C  C   . HIS   A 1 104 ? -10.351 -2.762  -8.624  1.00 10.05  ? 104 HIS   A C   1 
ATOM   794  O  O   . HIS   A 1 104 ? -9.148  -3.016  -8.753  1.00 9.76   ? 104 HIS   A O   1 
ATOM   795  C  CB  . HIS   A 1 104 ? -11.368 -3.535  -10.794 1.00 10.08  ? 104 HIS   A CB  1 
ATOM   796  C  CG  . HIS   A 1 104 ? -12.178 -4.605  -10.152 1.00 11.37  ? 104 HIS   A CG  1 
ATOM   797  N  ND1 . HIS   A 1 104 ? -13.504 -4.398  -9.779  1.00 12.81  ? 104 HIS   A ND1 1 
ATOM   798  C  CD2 . HIS   A 1 104 ? -11.817 -5.788  -9.624  1.00 12.38  ? 104 HIS   A CD2 1 
ATOM   799  C  CE1 . HIS   A 1 104 ? -13.927 -5.500  -9.165  1.00 13.78  ? 104 HIS   A CE1 1 
ATOM   800  N  NE2 . HIS   A 1 104 ? -12.943 -6.327  -9.075  1.00 13.42  ? 104 HIS   A NE2 1 
ATOM   801  N  N   . SER   A 1 105 ? -11.005 -2.887  -7.481  1.00 9.67   ? 105 SER   A N   1 
ATOM   802  C  CA  . SER   A 1 105 ? -10.377 -3.345  -6.243  1.00 9.41   ? 105 SER   A CA  1 
ATOM   803  C  C   . SER   A 1 105 ? -11.408 -4.045  -5.383  1.00 10.19  ? 105 SER   A C   1 
ATOM   804  O  O   . SER   A 1 105 ? -12.397 -3.393  -4.950  1.00 12.10  ? 105 SER   A O   1 
ATOM   805  C  CB  . SER   A 1 105 ? -9.703  -2.170  -5.557  1.00 9.51   ? 105 SER   A CB  1 
ATOM   806  O  OG  . SER   A 1 105 ? -9.188  -2.579  -4.302  1.00 10.89  ? 105 SER   A OG  1 
ATOM   807  N  N   . GLU   A 1 106 ? -11.120 -5.268  -5.057  1.00 10.43  ? 106 GLU   A N   1 
ATOM   808  C  CA  . GLU   A 1 106 ? -11.861 -6.082  -4.051  1.00 11.50  ? 106 GLU   A CA  1 
ATOM   809  C  C   . GLU   A 1 106 ? -10.974 -6.312  -2.844  1.00 12.21  ? 106 GLU   A C   1 
ATOM   810  O  O   . GLU   A 1 106 ? -9.750  -6.126  -2.916  1.00 12.01  ? 106 GLU   A O   1 
ATOM   811  C  CB  . GLU   A 1 106 ? -12.207 -7.449  -4.642  1.00 13.36  ? 106 GLU   A CB  1 
ATOM   812  C  CG  . GLU   A 1 106 ? -13.123 -7.334  -5.825  1.00 17.21  ? 106 GLU   A CG  1 
ATOM   813  C  CD  . GLU   A 1 106 ? -13.388 -8.637  -6.593  1.00 16.36  ? 106 GLU   A CD  1 
ATOM   814  O  OE1 . GLU   A 1 106 ? -13.180 -9.749  -6.030  1.00 21.60  ? 106 GLU   A OE1 1 
ATOM   815  O  OE2 . GLU   A 1 106 ? -13.641 -8.556  -7.754  1.00 16.17  ? 106 GLU   A OE2 1 
ATOM   816  N  N   . PRO   A 1 107 ? -11.497 -6.787  -1.695  1.00 12.96  ? 107 PRO   A N   1 
ATOM   817  C  CA  . PRO   A 1 107 ? -10.672 -6.923  -0.492  1.00 12.40  ? 107 PRO   A CA  1 
ATOM   818  C  C   . PRO   A 1 107 ? -9.376  -7.711  -0.712  1.00 12.54  ? 107 PRO   A C   1 
ATOM   819  O  O   . PRO   A 1 107 ? -8.287  -7.272  -0.222  1.00 12.93  ? 107 PRO   A O   1 
ATOM   820  C  CB  . PRO   A 1 107 ? -11.651 -7.611  0.455   1.00 13.55  ? 107 PRO   A CB  1 
ATOM   821  C  CG  . PRO   A 1 107 ? -12.957 -6.990  0.108   1.00 13.95  ? 107 PRO   A CG  1 
ATOM   822  C  CD  . PRO   A 1 107 ? -12.940 -6.986  -1.407  1.00 13.28  ? 107 PRO   A CD  1 
ATOM   823  N  N   . GLY   A 1 108 ? -9.457  -8.831  -1.431  1.00 12.96  ? 108 GLY   A N   1 
ATOM   824  C  CA  . GLY   A 1 108 ? -8.287  -9.666  -1.628  1.00 12.74  ? 108 GLY   A CA  1 
ATOM   825  C  C   . GLY   A 1 108 ? -7.230  -9.019  -2.532  1.00 11.12  ? 108 GLY   A C   1 
ATOM   826  O  O   . GLY   A 1 108 ? -6.127  -9.580  -2.652  1.00 11.40  ? 108 GLY   A O   1 
ATOM   827  N  N   . ASP   A 1 109 ? -7.587  -7.916  -3.205  1.00 11.10  ? 109 ASP   A N   1 
ATOM   828  C  CA  . ASP   A 1 109 ? -6.580  -7.183  -3.996  1.00 9.53   ? 109 ASP   A CA  1 
ATOM   829  C  C   . ASP   A 1 109 ? -5.604  -6.396  -3.128  1.00 8.78   ? 109 ASP   A C   1 
ATOM   830  O  O   . ASP   A 1 109 ? -4.570  -5.938  -3.638  1.00 9.35   ? 109 ASP   A O   1 
ATOM   831  C  CB  . ASP   A 1 109 ? -7.268  -6.226  -4.975  1.00 9.93   ? 109 ASP   A CB  1 
ATOM   832  C  CG  . ASP   A 1 109 ? -8.013  -7.010  -6.055  1.00 9.68   ? 109 ASP   A CG  1 
ATOM   833  O  OD1 . ASP   A 1 109 ? -7.429  -8.015  -6.495  1.00 11.16  ? 109 ASP   A OD1 1 
ATOM   834  O  OD2 . ASP   A 1 109 ? -9.090  -6.577  -6.480  1.00 10.06  ? 109 ASP   A OD2 1 
ATOM   835  N  N   . CYS   A 1 110 ? -5.882  -6.244  -1.842  1.00 8.95   ? 110 CYS   A N   1 
ATOM   836  C  CA  . CYS   A 1 110 ? -4.986  -5.487  -0.958  1.00 8.66   ? 110 CYS   A CA  1 
ATOM   837  C  C   . CYS   A 1 110 ? -3.615  -6.128  -1.002  1.00 9.67   ? 110 CYS   A C   1 
ATOM   838  O  O   . CYS   A 1 110 ? -3.462  -7.371  -0.967  1.00 10.42  ? 110 CYS   A O   1 
ATOM   839  C  CB  . CYS   A 1 110 ? -5.518  -5.506  0.470   1.00 9.50   ? 110 CYS   A CB  1 
ATOM   840  S  SG  . CYS   A 1 110 ? -6.882  -4.368  0.728   1.00 10.60  ? 110 CYS   A SG  1 
ATOM   841  N  N   . GLY   A 1 111 ? -2.603  -5.268  -1.062  1.00 8.68   ? 111 GLY   A N   1 
ATOM   842  C  CA  . GLY   A 1 111 ? -1.217  -5.711  -1.124  1.00 8.85   ? 111 GLY   A CA  1 
ATOM   843  C  C   . GLY   A 1 111 ? -0.616  -5.674  -2.518  1.00 9.01   ? 111 GLY   A C   1 
ATOM   844  O  O   . GLY   A 1 111 ? 0.597   -5.751  -2.655  1.00 9.58   ? 111 GLY   A O   1 
ATOM   845  N  N   . GLY   A 1 112 ? -1.425  -5.568  -3.564  1.00 9.44   ? 112 GLY   A N   1 
ATOM   846  C  CA  . GLY   A 1 112 ? -0.917  -5.364  -4.916  1.00 8.51   ? 112 GLY   A CA  1 
ATOM   847  C  C   . GLY   A 1 112 ? -0.100  -4.093  -4.992  1.00 8.66   ? 112 GLY   A C   1 
ATOM   848  O  O   . GLY   A 1 112 ? -0.514  -3.079  -4.424  1.00 8.80   ? 112 GLY   A O   1 
ATOM   849  N  N   . ILE   A 1 113 ? 0.983   -4.123  -5.729  1.00 8.45   ? 113 ILE   A N   1 
ATOM   850  C  CA  . ILE   A 1 113 ? 1.887   -2.955  -5.826  1.00 8.47   ? 113 ILE   A CA  1 
ATOM   851  C  C   . ILE   A 1 113 ? 1.340   -1.991  -6.862  1.00 8.35   ? 113 ILE   A C   1 
ATOM   852  O  O   . ILE   A 1 113 ? 1.005   -2.373  -7.988  1.00 8.75   ? 113 ILE   A O   1 
ATOM   853  C  CB  . ILE   A 1 113 ? 3.301   -3.438  -6.191  1.00 10.12  ? 113 ILE   A CB  1 
ATOM   854  C  CG1 . ILE   A 1 113 ? 3.911   -4.010  -4.900  1.00 13.50  ? 113 ILE   A CG1 1 
ATOM   855  C  CG2 . ILE   A 1 113 ? 4.186   -2.348  -6.792  1.00 10.07  ? 113 ILE   A CG2 1 
ATOM   856  C  CD1 . ILE   A 1 113 ? 5.261   -4.621  -5.094  1.00 15.40  ? 113 ILE   A CD1 1 
ATOM   857  N  N   . LEU   A 1 114 ? 1.444   -0.711  -6.521  1.00 7.96   ? 114 LEU   A N   1 
ATOM   858  C  CA  . LEU   A 1 114 ? 1.399   0.451   -7.463  1.00 8.19   ? 114 LEU   A CA  1 
ATOM   859  C  C   . LEU   A 1 114 ? 2.847   0.904   -7.663  1.00 7.90   ? 114 LEU   A C   1 
ATOM   860  O  O   . LEU   A 1 114 ? 3.544   1.137   -6.634  1.00 8.52   ? 114 LEU   A O   1 
ATOM   861  C  CB  . LEU   A 1 114 ? 0.544   1.552   -6.832  1.00 8.75   ? 114 LEU   A CB  1 
ATOM   862  C  CG  . LEU   A 1 114 ? 0.549   2.866   -7.591  1.00 8.64   ? 114 LEU   A CG  1 
ATOM   863  C  CD1 . LEU   A 1 114 ? -0.121  2.769   -8.951  1.00 9.25   ? 114 LEU   A CD1 1 
ATOM   864  C  CD2 . LEU   A 1 114 ? -0.138  3.931   -6.748  1.00 9.36   ? 114 LEU   A CD2 1 
ATOM   865  N  N   . ARG   A 1 115 ? 3.266   1.032   -8.909  1.00 8.00   ? 115 ARG   A N   1 
ATOM   866  C  CA  . ARG   A 1 115 ? 4.639   1.445   -9.243  1.00 8.55   ? 115 ARG   A CA  1 
ATOM   867  C  C   . ARG   A 1 115 ? 4.614   2.540   -10.275 1.00 9.02   ? 115 ARG   A C   1 
ATOM   868  O  O   . ARG   A 1 115 ? 3.741   2.599   -11.138 1.00 9.26   ? 115 ARG   A O   1 
ATOM   869  C  CB  . ARG   A 1 115 ? 5.507   0.290   -9.731  1.00 10.24  ? 115 ARG   A CB  1 
ATOM   870  C  CG  . ARG   A 1 115 ? 5.026   -0.327  -11.026 1.00 11.57  ? 115 ARG   A CG  1 
ATOM   871  C  CD  . ARG   A 1 115 ? 5.782   -1.585  -11.413 1.00 13.30  ? 115 ARG   A CD  1 
ATOM   872  N  NE  . ARG   A 1 115 ? 5.412   -2.725  -10.584 1.00 16.30  ? 115 ARG   A NE  1 
ATOM   873  C  CZ  . ARG   A 1 115 ? 6.259   -3.444  -9.825  1.00 16.56  ? 115 ARG   A CZ  1 
ATOM   874  N  NH1 . ARG   A 1 115 ? 7.530   -3.079  -9.723  1.00 22.00  ? 115 ARG   A NH1 1 
ATOM   875  N  NH2 . ARG   A 1 115 ? 5.845   -4.521  -9.186  1.00 20.19  ? 115 ARG   A NH2 1 
ATOM   876  N  N   . CYS   A 1 116 ? 5.622   3.393   -10.179 1.00 8.60   ? 116 CYS   A N   1 
ATOM   877  C  CA  . CYS   A 1 116 ? 5.883   4.434   -11.193 1.00 9.55   ? 116 CYS   A CA  1 
ATOM   878  C  C   . CYS   A 1 116 ? 7.274   4.195   -11.753 1.00 9.28   ? 116 CYS   A C   1 
ATOM   879  O  O   . CYS   A 1 116 ? 7.961   3.269   -11.384 1.00 10.25  ? 116 CYS   A O   1 
ATOM   880  C  CB  . CYS   A 1 116 ? 5.724   5.823   -10.572 1.00 9.19   ? 116 CYS   A CB  1 
ATOM   881  S  SG  . CYS   A 1 116 ? 7.015   6.147   -9.328  1.00 9.41   ? 116 CYS   A SG  1 
ATOM   882  N  N   . GLN   A 1 117 ? 7.727   5.136   -12.571 1.00 10.87  ? 117 GLN   A N   1 
ATOM   883  C  CA  . GLN   A 1 117 ? 9.089   5.079   -13.115 1.00 12.24  ? 117 GLN   A CA  1 
ATOM   884  C  C   . GLN   A 1 117 ? 10.157  5.106   -12.035 1.00 11.96  ? 117 GLN   A C   1 
ATOM   885  O  O   . GLN   A 1 117 ? 11.263  4.639   -12.304 1.00 14.72  ? 117 GLN   A O   1 
ATOM   886  C  CB  . GLN   A 1 117 ? 9.289   6.221   -14.104 1.00 14.15  ? 117 GLN   A CB  1 
ATOM   887  C  CG  . GLN   A 1 117 ? 9.365   7.587   -13.439 1.00 15.83  ? 117 GLN   A CG  1 
ATOM   888  C  CD  . GLN   A 1 117 ? 9.620   8.760   -14.353 1.00 20.94  ? 117 GLN   A CD  1 
ATOM   889  O  OE1 . GLN   A 1 117 ? 8.693   9.474   -14.758 1.00 26.58  ? 117 GLN   A OE1 1 
ATOM   890  N  NE2 . GLN   A 1 117 ? 10.888  8.947   -14.655 1.00 23.33  ? 117 GLN   A NE2 1 
ATOM   891  N  N   . HIS   A 1 118 ? 9.873   5.547   -10.829 1.00 10.65  ? 118 HIS   A N   1 
ATOM   892  C  CA  . HIS   A 1 118 ? 10.889  5.601   -9.758  1.00 11.35  ? 118 HIS   A CA  1 
ATOM   893  C  C   . HIS   A 1 118 ? 10.890  4.377   -8.831  1.00 11.37  ? 118 HIS   A C   1 
ATOM   894  O  O   . HIS   A 1 118 ? 11.781  4.285   -7.962  1.00 13.41  ? 118 HIS   A O   1 
ATOM   895  C  CB  . HIS   A 1 118 ? 10.675  6.860   -8.929  1.00 10.52  ? 118 HIS   A CB  1 
ATOM   896  C  CG  . HIS   A 1 118 ? 10.648  8.101   -9.742  1.00 10.62  ? 118 HIS   A CG  1 
ATOM   897  N  ND1 . HIS   A 1 118 ? 9.498   8.758   -10.119 1.00 10.47  ? 118 HIS   A ND1 1 
ATOM   898  C  CD2 . HIS   A 1 118 ? 11.693  8.806   -10.252 1.00 11.88  ? 118 HIS   A CD2 1 
ATOM   899  C  CE1 . HIS   A 1 118 ? 9.849   9.815   -10.871 1.00 11.91  ? 118 HIS   A CE1 1 
ATOM   900  N  NE2 . HIS   A 1 118 ? 11.176  9.847   -10.929 1.00 13.35  ? 118 HIS   A NE2 1 
ATOM   901  N  N   . GLY   A 1 119 ? 9.917   3.477   -8.949  1.00 10.10  ? 119 GLY   A N   1 
ATOM   902  C  CA  . GLY   A 1 119 ? 9.793   2.261   -8.126  1.00 9.87   ? 119 GLY   A CA  1 
ATOM   903  C  C   . GLY   A 1 119 ? 8.429   2.169   -7.487  1.00 9.39   ? 119 GLY   A C   1 
ATOM   904  O  O   . GLY   A 1 119 ? 7.443   2.624   -8.037  1.00 9.60   ? 119 GLY   A O   1 
ATOM   905  N  N   . VAL   A 1 120 ? 8.392   1.553   -6.320  1.00 9.11   ? 120 VAL   A N   1 
ATOM   906  C  CA  . VAL   A 1 120 ? 7.116   1.199   -5.646  1.00 9.33   ? 120 VAL   A CA  1 
ATOM   907  C  C   . VAL   A 1 120 ? 6.554   2.439   -4.971  1.00 8.85   ? 120 VAL   A C   1 
ATOM   908  O  O   . VAL   A 1 120 ? 7.276   3.104   -4.151  1.00 9.45   ? 120 VAL   A O   1 
ATOM   909  C  CB  . VAL   A 1 120 ? 7.319   0.056   -4.656  1.00 9.79   ? 120 VAL   A CB  1 
ATOM   910  C  CG1 . VAL   A 1 120 ? 6.032   -0.158  -3.881  1.00 9.69   ? 120 VAL   A CG1 1 
ATOM   911  C  CG2 . VAL   A 1 120 ? 7.797   -1.205  -5.339  1.00 10.12  ? 120 VAL   A CG2 1 
ATOM   912  N  N   . VAL   A 1 121 ? 5.340   2.793   -5.286  1.00 8.54   ? 121 VAL   A N   1 
ATOM   913  C  CA  . VAL   A 1 121 ? 4.616   3.962   -4.739  1.00 8.97   ? 121 VAL   A CA  1 
ATOM   914  C  C   . VAL   A 1 121 ? 3.838   3.589   -3.508  1.00 8.40   ? 121 VAL   A C   1 
ATOM   915  O  O   . VAL   A 1 121 ? 3.746   4.360   -2.546  1.00 9.17   ? 121 VAL   A O   1 
ATOM   916  C  CB  . VAL   A 1 121 ? 3.711   4.524   -5.834  1.00 9.06   ? 121 VAL   A CB  1 
ATOM   917  C  CG1 . VAL   A 1 121 ? 2.834   5.657   -5.317  1.00 8.83   ? 121 VAL   A CG1 1 
ATOM   918  C  CG2 . VAL   A 1 121 ? 4.518   4.972   -7.034  1.00 10.69  ? 121 VAL   A CG2 1 
ATOM   919  N  N   . GLY   A 1 122 ? 3.207   2.416   -3.529  1.00 8.81   ? 122 GLY   A N   1 
ATOM   920  C  CA  . GLY   A 1 122 ? 2.309   1.997   -2.454  1.00 9.31   ? 122 GLY   A CA  1 
ATOM   921  C  C   . GLY   A 1 122 ? 1.654   0.690   -2.735  1.00 8.05   ? 122 GLY   A C   1 
ATOM   922  O  O   . GLY   A 1 122 ? 2.058   -0.004  -3.699  1.00 8.83   ? 122 GLY   A O   1 
ATOM   923  N  N   . ILE   A 1 123 ? 0.718   0.301   -1.877  1.00 8.65   ? 123 ILE   A N   1 
ATOM   924  C  CA  . ILE   A 1 123 ? 0.035   -1.001  -2.054  1.00 8.46   ? 123 ILE   A CA  1 
ATOM   925  C  C   . ILE   A 1 123 ? -1.473  -0.748  -2.023  1.00 8.13   ? 123 ILE   A C   1 
ATOM   926  O  O   . ILE   A 1 123 ? -1.958  0.152   -1.309  1.00 7.92   ? 123 ILE   A O   1 
ATOM   927  C  CB  . ILE   A 1 123 ? 0.440   -2.044  -0.996  1.00 8.94   ? 123 ILE   A CB  1 
ATOM   928  C  CG1 . ILE   A 1 123 ? 0.378   -1.516  0.445   1.00 9.28   ? 123 ILE   A CG1 1 
ATOM   929  C  CG2 . ILE   A 1 123 ? 1.800   -2.636  -1.341  1.00 9.00   ? 123 ILE   A CG2 1 
ATOM   930  C  CD1 . ILE   A 1 123 ? 0.613   -2.596  1.469   1.00 10.20  ? 123 ILE   A CD1 1 
ATOM   931  N  N   . VAL   A 1 124 ? -2.220  -1.614  -2.693  1.00 7.70   ? 124 VAL   A N   1 
ATOM   932  C  CA  . VAL   A 1 124 ? -3.689  -1.524  -2.667  1.00 7.64   ? 124 VAL   A CA  1 
ATOM   933  C  C   . VAL   A 1 124 ? -4.148  -1.648  -1.227  1.00 7.99   ? 124 VAL   A C   1 
ATOM   934  O  O   . VAL   A 1 124 ? -3.684  -2.557  -0.489  1.00 7.93   ? 124 VAL   A O   1 
ATOM   935  C  CB  . VAL   A 1 124 ? -4.319  -2.602  -3.533  1.00 7.60   ? 124 VAL   A CB  1 
ATOM   936  C  CG1 . VAL   A 1 124 ? -5.831  -2.633  -3.375  1.00 8.24   ? 124 VAL   A CG1 1 
ATOM   937  C  CG2 . VAL   A 1 124 ? -3.958  -2.469  -4.996  1.00 7.82   ? 124 VAL   A CG2 1 
ATOM   938  N  N   . SER   A 1 125 ? -5.055  -0.772  -0.818  1.00 8.12   ? 125 SER   A N   1 
ATOM   939  C  CA  . SER   A 1 125 ? -5.634  -0.774  0.534   1.00 8.60   ? 125 SER   A CA  1 
ATOM   940  C  C   . SER   A 1 125 ? -7.148  -0.609  0.585   1.00 9.25   ? 125 SER   A C   1 
ATOM   941  O  O   . SER   A 1 125 ? -7.757  -1.054  1.585   1.00 10.29  ? 125 SER   A O   1 
ATOM   942  C  CB  . SER   A 1 125 ? -4.960  0.309   1.345   1.00 8.70   ? 125 SER   A CB  1 
ATOM   943  O  OG  . SER   A 1 125 ? -5.465  0.417   2.680   1.00 10.24  ? 125 SER   A OG  1 
ATOM   944  N  N   . THR   A 1 126 ? -7.745  0.028   -0.425  1.00 9.44   ? 126 THR   A N   1 
ATOM   945  C  CA  . THR   A 1 126 ? -9.212  0.220   -0.412  1.00 9.47   ? 126 THR   A CA  1 
ATOM   946  C  C   . THR   A 1 126 ? -9.796  -0.095  -1.793  1.00 8.87   ? 126 THR   A C   1 
ATOM   947  O  O   . THR   A 1 126 ? -9.055  -0.210  -2.774  1.00 9.17   ? 126 THR   A O   1 
ATOM   948  C  CB  . THR   A 1 126 ? -9.646  1.648   -0.001  1.00 10.23  ? 126 THR   A CB  1 
ATOM   949  O  OG1 . THR   A 1 126 ? -9.423  2.553   -1.084  1.00 9.93   ? 126 THR   A OG1 1 
ATOM   950  C  CG2 . THR   A 1 126 ? -8.932  2.198   1.214   1.00 10.43  ? 126 THR   A CG2 1 
ATOM   951  N  N   . GLY   A 1 127 ? -11.108 -0.288  -1.822  1.00 9.90   ? 127 GLY   A N   1 
ATOM   952  C  CA  . GLY   A 1 127 ? -11.798 -0.479  -3.089  1.00 10.28  ? 127 GLY   A CA  1 
ATOM   953  C  C   . GLY   A 1 127 ? -13.271 -0.207  -2.924  1.00 11.40  ? 127 GLY   A C   1 
ATOM   954  O  O   . GLY   A 1 127 ? -13.675 0.455   -1.985  1.00 13.72  ? 127 GLY   A O   1 
ATOM   955  N  N   . GLY   A 1 128 ? -14.039 -0.636  -3.920  1.00 12.67  ? 128 GLY   A N   1 
ATOM   956  C  CA  . GLY   A 1 128 ? -15.485 -0.347  -4.000  1.00 13.11  ? 128 GLY   A CA  1 
ATOM   957  C  C   . GLY   A 1 128 ? -15.809 0.886   -4.813  1.00 13.72  ? 128 GLY   A C   1 
ATOM   958  O  O   . GLY   A 1 128 ? -14.999 1.816   -4.981  1.00 12.79  ? 128 GLY   A O   1 
ATOM   959  N  N   . ASN   A 1 129 ? -17.033 0.923   -5.324  1.00 14.83  ? 129 ASN   A N   1 
ATOM   960  C  CA  . ASN   A 1 129 ? -17.585 2.085   -6.083  1.00 15.13  ? 129 ASN   A CA  1 
ATOM   961  C  C   . ASN   A 1 129 ? -16.651 2.519   -7.204  1.00 12.93  ? 129 ASN   A C   1 
ATOM   962  O  O   . ASN   A 1 129 ? -16.553 3.741   -7.480  1.00 13.48  ? 129 ASN   A O   1 
ATOM   963  C  CB  . ASN   A 1 129 ? -17.873 3.291   -5.198  1.00 17.84  ? 129 ASN   A CB  1 
ATOM   964  C  CG  . ASN   A 1 129 ? -19.134 3.165   -4.374  1.00 23.80  ? 129 ASN   A CG  1 
ATOM   965  O  OD1 . ASN   A 1 129 ? -20.099 2.546   -4.811  1.00 24.46  ? 129 ASN   A OD1 1 
ATOM   966  N  ND2 . ASN   A 1 129 ? -19.120 3.753   -3.186  1.00 25.27  ? 129 ASN   A ND2 1 
ATOM   967  N  N   . GLY   A 1 130 ? -16.020 1.562   -7.861  1.00 11.98  ? 130 GLY   A N   1 
ATOM   968  C  CA  . GLY   A 1 130 ? -15.227 1.811   -9.070  1.00 10.61  ? 130 GLY   A CA  1 
ATOM   969  C  C   . GLY   A 1 130 ? -13.899 2.528   -8.829  1.00 9.76   ? 130 GLY   A C   1 
ATOM   970  O  O   . GLY   A 1 130 ? -13.315 2.932   -9.783  1.00 9.61   ? 130 GLY   A O   1 
ATOM   971  N  N   . LEU   A 1 131 ? -13.462 2.622   -7.570  1.00 9.95   ? 131 LEU   A N   1 
ATOM   972  C  CA  . LEU   A 1 131 ? -12.151 3.183   -7.240  1.00 9.31   ? 131 LEU   A CA  1 
ATOM   973  C  C   . LEU   A 1 131 ? -11.252 2.114   -6.636  1.00 9.25   ? 131 LEU   A C   1 
ATOM   974  O  O   . LEU   A 1 131 ? -11.735 1.131   -6.021  1.00 11.09  ? 131 LEU   A O   1 
ATOM   975  C  CB  . LEU   A 1 131 ? -12.223 4.349   -6.272  1.00 10.78  ? 131 LEU   A CB  1 
ATOM   976  C  CG  . LEU   A 1 131 ? -13.143 5.496   -6.638  1.00 11.69  ? 131 LEU   A CG  1 
ATOM   977  C  CD1 . LEU   A 1 131 ? -12.937 6.639   -5.656  1.00 13.29  ? 131 LEU   A CD1 1 
ATOM   978  C  CD2 . LEU   A 1 131 ? -12.887 5.989   -8.043  1.00 12.13  ? 131 LEU   A CD2 1 
ATOM   979  N  N   . VAL   A 1 132 ? -9.959  2.367   -6.762  1.00 9.09   ? 132 VAL   A N   1 
ATOM   980  C  CA  . VAL   A 1 132 ? -8.949  1.596   -6.012  1.00 8.87   ? 132 VAL   A CA  1 
ATOM   981  C  C   . VAL   A 1 132 ? -8.168  2.616   -5.221  1.00 9.00   ? 132 VAL   A C   1 
ATOM   982  O  O   . VAL   A 1 132 ? -7.751  3.672   -5.764  1.00 9.72   ? 132 VAL   A O   1 
ATOM   983  C  CB  . VAL   A 1 132 ? -8.060  0.777   -6.957  1.00 9.55   ? 132 VAL   A CB  1 
ATOM   984  C  CG1 . VAL   A 1 132 ? -7.497  1.528   -8.152  1.00 11.01  ? 132 VAL   A CG1 1 
ATOM   985  C  CG2 . VAL   A 1 132 ? -6.986  0.043   -6.179  1.00 9.59   ? 132 VAL   A CG2 1 
ATOM   986  N  N   . GLY   A 1 133 ? -7.937  2.328   -3.946  1.00 8.04   ? 133 GLY   A N   1 
ATOM   987  C  CA  . GLY   A 1 133 ? -7.165  3.184   -3.065  1.00 7.56   ? 133 GLY   A CA  1 
ATOM   988  C  C   . GLY   A 1 133 ? -5.871  2.505   -2.717  1.00 7.53   ? 133 GLY   A C   1 
ATOM   989  O  O   . GLY   A 1 133 ? -5.839  1.305   -2.449  1.00 8.91   ? 133 GLY   A O   1 
ATOM   990  N  N   . PHE   A 1 134 ? -4.818  3.289   -2.639  1.00 7.63   ? 134 PHE   A N   1 
ATOM   991  C  CA  . PHE   A 1 134 ? -3.445  2.814   -2.369  1.00 8.18   ? 134 PHE   A CA  1 
ATOM   992  C  C   . PHE   A 1 134 ? -2.862  3.545   -1.171  1.00 7.99   ? 134 PHE   A C   1 
ATOM   993  O  O   . PHE   A 1 134 ? -2.950  4.771   -1.057  1.00 8.71   ? 134 PHE   A O   1 
ATOM   994  C  CB  . PHE   A 1 134 ? -2.525  3.107   -3.544  1.00 8.21   ? 134 PHE   A CB  1 
ATOM   995  C  CG  . PHE   A 1 134 ? -3.031  2.638   -4.870  1.00 8.23   ? 134 PHE   A CG  1 
ATOM   996  C  CD1 . PHE   A 1 134 ? -2.839  1.326   -5.289  1.00 8.38   ? 134 PHE   A CD1 1 
ATOM   997  C  CD2 . PHE   A 1 134 ? -3.697  3.513   -5.716  1.00 8.47   ? 134 PHE   A CD2 1 
ATOM   998  C  CE1 . PHE   A 1 134 ? -3.312  0.913   -6.525  1.00 9.07   ? 134 PHE   A CE1 1 
ATOM   999  C  CE2 . PHE   A 1 134 ? -4.154  3.079   -6.961  1.00 9.41   ? 134 PHE   A CE2 1 
ATOM   1000 C  CZ  . PHE   A 1 134 ? -3.946  1.775   -7.367  1.00 8.68   ? 134 PHE   A CZ  1 
ATOM   1001 N  N   . ALA   A 1 135 ? -2.305  2.759   -0.256  1.00 7.76   ? 135 ALA   A N   1 
ATOM   1002 C  CA  . ALA   A 1 135 ? -1.545  3.313   0.876   1.00 7.87   ? 135 ALA   A CA  1 
ATOM   1003 C  C   . ALA   A 1 135 ? -0.183  3.733   0.354   1.00 8.08   ? 135 ALA   A C   1 
ATOM   1004 O  O   . ALA   A 1 135 ? 0.615   2.889   -0.039  1.00 8.40   ? 135 ALA   A O   1 
ATOM   1005 C  CB  . ALA   A 1 135 ? -1.468  2.292   1.957   1.00 7.96   ? 135 ALA   A CB  1 
ATOM   1006 N  N   . ASP   A 1 136 ? 0.127   5.034   0.445   1.00 8.34   ? 136 ASP   A N   1 
ATOM   1007 C  CA  . ASP   A 1 136 ? 1.422   5.547   0.001   1.00 8.76   ? 136 ASP   A CA  1 
ATOM   1008 C  C   . ASP   A 1 136 ? 2.507   5.065   0.950   1.00 8.15   ? 136 ASP   A C   1 
ATOM   1009 O  O   . ASP   A 1 136 ? 2.282   4.984   2.175   1.00 9.18   ? 136 ASP   A O   1 
ATOM   1010 C  CB  . ASP   A 1 136 ? 1.416   7.073   0.012   1.00 9.30   ? 136 ASP   A CB  1 
ATOM   1011 C  CG  . ASP   A 1 136 ? 2.661   7.711   -0.510  1.00 9.39   ? 136 ASP   A CG  1 
ATOM   1012 O  OD1 . ASP   A 1 136 ? 3.099   7.374   -1.595  1.00 9.87   ? 136 ASP   A OD1 1 
ATOM   1013 O  OD2 . ASP   A 1 136 ? 3.253   8.533   0.258   1.00 11.72  ? 136 ASP   A OD2 1 
ATOM   1014 N  N   . VAL   A 1 137 ? 3.688   4.849   0.407   1.00 8.42   ? 137 VAL   A N   1 
ATOM   1015 C  CA  . VAL   A 1 137 ? 4.901   4.577   1.235   1.00 8.95   ? 137 VAL   A CA  1 
ATOM   1016 C  C   . VAL   A 1 137 ? 6.043   5.521   0.864   1.00 9.07   ? 137 VAL   A C   1 
ATOM   1017 O  O   . VAL   A 1 137 ? 7.111   5.393   1.449   1.00 9.72   ? 137 VAL   A O   1 
ATOM   1018 C  CB  . VAL   A 1 137 ? 5.359   3.109   1.091   1.00 9.31   ? 137 VAL   A CB  1 
ATOM   1019 C  CG1 . VAL   A 1 137 ? 4.286   2.160   1.612   1.00 9.97   ? 137 VAL   A CG1 1 
ATOM   1020 C  CG2 . VAL   A 1 137 ? 5.758   2.733   -0.310  1.00 9.64   ? 137 VAL   A CG2 1 
ATOM   1021 N  N   . ARG   A 1 138 ? 5.850   6.441   -0.073  1.00 9.01   ? 138 ARG   A N   1 
ATOM   1022 C  CA  . ARG   A 1 138 ? 6.996   7.242   -0.566  1.00 9.00   ? 138 ARG   A CA  1 
ATOM   1023 C  C   . ARG   A 1 138 ? 7.477   8.243   0.471   1.00 9.01   ? 138 ARG   A C   1 
ATOM   1024 O  O   . ARG   A 1 138 ? 8.616   8.724   0.337   1.00 10.54  ? 138 ARG   A O   1 
ATOM   1025 C  CB  . ARG   A 1 138 ? 6.590   7.987   -1.822  1.00 9.01   ? 138 ARG   A CB  1 
ATOM   1026 C  CG  . ARG   A 1 138 ? 6.228   7.091   -2.987  1.00 8.68   ? 138 ARG   A CG  1 
ATOM   1027 C  CD  . ARG   A 1 138 ? 5.758   7.913   -4.162  1.00 9.11   ? 138 ARG   A CD  1 
ATOM   1028 N  NE  . ARG   A 1 138 ? 4.462   8.474   -3.845  1.00 8.94   ? 138 ARG   A NE  1 
ATOM   1029 C  CZ  . ARG   A 1 138 ? 3.728   9.176   -4.675  1.00 8.79   ? 138 ARG   A CZ  1 
ATOM   1030 N  NH1 . ARG   A 1 138 ? 4.231   9.591   -5.827  1.00 8.61   ? 138 ARG   A NH1 1 
ATOM   1031 N  NH2 . ARG   A 1 138 ? 2.469   9.451   -4.337  1.00 9.28   ? 138 ARG   A NH2 1 
ATOM   1032 N  N   . ASP   A 1 139 ? 6.674   8.556   1.450   1.00 8.70   ? 139 ASP   A N   1 
ATOM   1033 C  CA  . ASP   A 1 139 ? 7.115   9.449   2.555   1.00 9.67   ? 139 ASP   A CA  1 
ATOM   1034 C  C   . ASP   A 1 139 ? 7.892   8.685   3.622   1.00 10.95  ? 139 ASP   A C   1 
ATOM   1035 O  O   . ASP   A 1 139 ? 8.433   9.393   4.530   1.00 13.18  ? 139 ASP   A O   1 
ATOM   1036 C  CB  . ASP   A 1 139 ? 5.916   10.139  3.202   1.00 11.43  ? 139 ASP   A CB  1 
ATOM   1037 C  CG  . ASP   A 1 139 ? 4.980   9.203   3.920   1.00 12.24  ? 139 ASP   A CG  1 
ATOM   1038 O  OD1 . ASP   A 1 139 ? 4.747   8.090   3.416   1.00 11.93  ? 139 ASP   A OD1 1 
ATOM   1039 O  OD2 . ASP   A 1 139 ? 4.478   9.567   4.999   1.00 15.46  ? 139 ASP   A OD2 1 
ATOM   1040 N  N   . LEU   A 1 140 ? 7.965   7.363   3.572   1.00 10.25  ? 140 LEU   A N   1 
ATOM   1041 C  CA  . LEU   A 1 140 ? 8.631   6.590   4.638   1.00 10.75  ? 140 LEU   A CA  1 
ATOM   1042 C  C   . LEU   A 1 140 ? 10.085  6.449   4.235   1.00 10.58  ? 140 LEU   A C   1 
ATOM   1043 O  O   . LEU   A 1 140 ? 10.573  5.421   3.782   1.00 11.27  ? 140 LEU   A O   1 
ATOM   1044 C  CB  . LEU   A 1 140 ? 7.922   5.247   4.813   1.00 10.64  ? 140 LEU   A CB  1 
ATOM   1045 C  CG  . LEU   A 1 140 ? 6.432   5.346   5.147   1.00 12.00  ? 140 LEU   A CG  1 
ATOM   1046 C  CD1 . LEU   A 1 140 ? 5.824   3.948   5.183   1.00 11.77  ? 140 LEU   A CD1 1 
ATOM   1047 C  CD2 . LEU   A 1 140 ? 6.167   6.092   6.442   1.00 12.76  ? 140 LEU   A CD2 1 
ATOM   1048 N  N   . LEU   A 1 141 ? 10.854  7.533   4.432   1.00 10.56  ? 141 LEU   A N   1 
ATOM   1049 C  CA  . LEU   A 1 141 ? 12.234  7.575   3.898   1.00 11.95  ? 141 LEU   A CA  1 
ATOM   1050 C  C   . LEU   A 1 141 ? 13.146  6.597   4.605   1.00 12.25  ? 141 LEU   A C   1 
ATOM   1051 O  O   . LEU   A 1 141 ? 14.075  6.134   4.014   1.00 13.95  ? 141 LEU   A O   1 
ATOM   1052 C  CB  . LEU   A 1 141 ? 12.815  8.989   4.020   1.00 13.12  ? 141 LEU   A CB  1 
ATOM   1053 C  CG  . LEU   A 1 141 ? 11.946  10.085  3.433   1.00 14.64  ? 141 LEU   A CG  1 
ATOM   1054 C  CD1 . LEU   A 1 141 ? 12.722  11.385  3.477   1.00 16.47  ? 141 LEU   A CD1 1 
ATOM   1055 C  CD2 . LEU   A 1 141 ? 11.528  9.839   1.998   1.00 13.73  ? 141 LEU   A CD2 1 
ATOM   1056 N  N   . TRP   A 1 142 ? 12.841  6.279   5.870   1.00 11.59  ? 142 TRP   A N   1 
ATOM   1057 C  CA  . TRP   A 1 142 ? 13.651  5.369   6.683   1.00 12.95  ? 142 TRP   A CA  1 
ATOM   1058 C  C   . TRP   A 1 142 ? 13.603  3.954   6.107   1.00 13.03  ? 142 TRP   A C   1 
ATOM   1059 O  O   . TRP   A 1 142 ? 14.475  3.125   6.481   1.00 14.51  ? 142 TRP   A O   1 
ATOM   1060 C  CB  . TRP   A 1 142 ? 13.148  5.452   8.114   1.00 12.11  ? 142 TRP   A CB  1 
ATOM   1061 C  CG  . TRP   A 1 142 ? 11.691  5.147   8.316   1.00 12.10  ? 142 TRP   A CG  1 
ATOM   1062 C  CD1 . TRP   A 1 142 ? 10.702  6.065   8.446   1.00 13.17  ? 142 TRP   A CD1 1 
ATOM   1063 C  CD2 . TRP   A 1 142 ? 11.069  3.845   8.334   1.00 12.97  ? 142 TRP   A CD2 1 
ATOM   1064 N  NE1 . TRP   A 1 142 ? 9.497   5.428   8.612   1.00 13.70  ? 142 TRP   A NE1 1 
ATOM   1065 C  CE2 . TRP   A 1 142 ? 9.696   4.085   8.589   1.00 13.20  ? 142 TRP   A CE2 1 
ATOM   1066 C  CE3 . TRP   A 1 142 ? 11.554  2.536   8.386   1.00 13.31  ? 142 TRP   A CE3 1 
ATOM   1067 C  CZ2 . TRP   A 1 142 ? 8.784   3.039   8.735   1.00 14.07  ? 142 TRP   A CZ2 1 
ATOM   1068 C  CZ3 . TRP   A 1 142 ? 10.635  1.507   8.478   1.00 13.91  ? 142 TRP   A CZ3 1 
ATOM   1069 C  CH2 . TRP   A 1 142 ? 9.280   1.764   8.671   1.00 13.46  ? 142 TRP   A CH2 1 
ATOM   1070 N  N   . LEU   A 1 143 ? 12.674  3.597   5.214   1.00 13.67  ? 143 LEU   A N   1 
ATOM   1071 C  CA  . LEU   A 1 143 ? 12.668  2.261   4.574   1.00 14.17  ? 143 LEU   A CA  1 
ATOM   1072 C  C   . LEU   A 1 143 ? 13.962  2.048   3.760   1.00 16.64  ? 143 LEU   A C   1 
ATOM   1073 O  O   . LEU   A 1 143 ? 14.293  0.887   3.499   1.00 16.86  ? 143 LEU   A O   1 
ATOM   1074 C  CB  . LEU   A 1 143 ? 11.456  2.111   3.658   1.00 13.22  ? 143 LEU   A CB  1 
ATOM   1075 C  CG  . LEU   A 1 143 ? 10.099  1.931   4.324   1.00 12.62  ? 143 LEU   A CG  1 
ATOM   1076 C  CD1 . LEU   A 1 143 ? 9.003   1.942   3.288   1.00 13.53  ? 143 LEU   A CD1 1 
ATOM   1077 C  CD2 . LEU   A 1 143 ? 10.024  0.599   5.077   1.00 13.23  ? 143 LEU   A CD2 1 
ATOM   1078 N  N   . ASP   A 1 144 ? 14.629  3.136   3.337   1.00 17.58  ? 144 ASP   A N   1 
ATOM   1079 C  CA  . ASP   A 1 144 ? 15.823  3.079   2.439   1.00 20.04  ? 144 ASP   A CA  1 
ATOM   1080 C  C   . ASP   A 1 144 ? 17.120  2.894   3.220   1.00 23.09  ? 144 ASP   A C   1 
ATOM   1081 O  O   . ASP   A 1 144 ? 18.151  2.712   2.521   1.00 25.83  ? 144 ASP   A O   1 
ATOM   1082 C  CB  . ASP   A 1 144 ? 15.973  4.331   1.579   1.00 21.88  ? 144 ASP   A CB  1 
ATOM   1083 C  CG  . ASP   A 1 144 ? 14.862  4.548   0.572   1.00 19.32  ? 144 ASP   A CG  1 
ATOM   1084 O  OD1 . ASP   A 1 144 ? 14.032  3.630   0.412   1.00 21.54  ? 144 ASP   A OD1 1 
ATOM   1085 O  OD2 . ASP   A 1 144 ? 14.780  5.688   0.049   1.00 22.86  ? 144 ASP   A OD2 1 
ATOM   1086 N  N   . GLU   A 1 145 ? 17.099  2.871   4.555   1.00 27.91  ? 145 GLU   A N   1 
ATOM   1087 C  CA  . GLU   A 1 145 ? 18.353  2.737   5.351   1.00 35.81  ? 145 GLU   A CA  1 
ATOM   1088 C  C   . GLU   A 1 145 ? 18.181  1.733   6.501   1.00 37.78  ? 145 GLU   A C   1 
ATOM   1089 O  O   . GLU   A 1 145 ? 17.040  1.291   6.759   1.00 32.93  ? 145 GLU   A O   1 
ATOM   1090 C  CB  . GLU   A 1 145 ? 18.755  4.117   5.855   1.00 40.22  ? 145 GLU   A CB  1 
ATOM   1091 C  CG  . GLU   A 1 145 ? 17.751  4.721   6.825   1.00 43.99  ? 145 GLU   A CG  1 
ATOM   1092 C  CD  . GLU   A 1 145 ? 17.569  6.231   6.741   1.00 52.63  ? 145 GLU   A CD  1 
ATOM   1093 O  OE1 . GLU   A 1 145 ? 16.718  6.773   7.490   1.00 54.62  ? 145 GLU   A OE1 1 
ATOM   1094 O  OE2 . GLU   A 1 145 ? 18.275  6.868   5.936   1.00 63.28  ? 145 GLU   A OE2 1 
ATOM   1095 N  N   . GLU   A 1 146 ? 19.302  1.368   7.133   1.00 47.00  ? 146 GLU   A N   1 
ATOM   1096 C  CA  . GLU   A 1 146 ? 19.367  0.766   8.495   1.00 52.49  ? 146 GLU   A CA  1 
ATOM   1097 C  C   . GLU   A 1 146 ? 18.325  -0.352  8.609   1.00 56.98  ? 146 GLU   A C   1 
ATOM   1098 O  O   . GLU   A 1 146 ? 18.367  -1.173  9.527   1.00 64.15  ? 146 GLU   A O   1 
ATOM   1099 C  CB  . GLU   A 1 146 ? 19.204  1.887   9.526   1.00 50.39  ? 146 GLU   A CB  1 
ATOM   1100 C  CG  . GLU   A 1 146 ? 18.146  1.647   10.590  1.00 56.13  ? 146 GLU   A CG  1 
ATOM   1101 C  CD  . GLU   A 1 146 ? 18.511  0.697   11.722  1.00 58.54  ? 146 GLU   A CD  1 
ATOM   1102 O  OE1 . GLU   A 1 146 ? 17.570  0.166   12.352  1.00 55.01  ? 146 GLU   A OE1 1 
ATOM   1103 O  OE2 . GLU   A 1 146 ? 19.725  0.496   11.982  1.00 53.68  ? 146 GLU   A OE2 1 
HETATM 1104 C  C4  . A1AMY B 2 .   ? -0.998  -14.726 -12.520 0.54 25.88  ? 201 A1AMY A C4  1 
HETATM 1105 C  C5  . A1AMY B 2 .   ? -0.709  -13.379 -12.732 0.54 24.98  ? 201 A1AMY A C5  1 
HETATM 1106 C  C6  . A1AMY B 2 .   ? -0.154  -12.501 -11.637 0.54 22.28  ? 201 A1AMY A C6  1 
HETATM 1107 C  C7  . A1AMY B 2 .   ? 1.782   -11.886 -10.278 0.54 20.18  ? 201 A1AMY A C7  1 
HETATM 1108 C  C8  . A1AMY B 2 .   ? 3.197   -12.369 -10.011 0.54 20.04  ? 201 A1AMY A C8  1 
HETATM 1109 C  C10 . A1AMY B 2 .   ? 2.198   -9.998  -8.753  0.54 19.68  ? 201 A1AMY A C10 1 
HETATM 1110 N  N   . A1AMY B 2 .   ? 1.307   -12.517 -11.525 0.54 20.89  ? 201 A1AMY A N   1 
HETATM 1111 C  C   . A1AMY B 2 .   ? -0.942  -12.879 -13.997 0.54 25.78  ? 201 A1AMY A C   1 
HETATM 1112 O  O   . A1AMY B 2 .   ? 3.539   -10.462 -8.536  0.54 20.23  ? 201 A1AMY A O   1 
HETATM 1113 C  C1  . A1AMY B 2 .   ? -1.410  -13.645 -15.039 0.54 26.39  ? 201 A1AMY A C1  1 
HETATM 1114 C  C11 . A1AMY B 2 .   ? 1.704   -10.373 -10.128 0.54 19.48  ? 201 A1AMY A C11 1 
HETATM 1115 C  C2  . A1AMY B 2 .   ? -1.671  -14.984 -14.805 0.54 26.44  ? 201 A1AMY A C2  1 
HETATM 1116 C  C3  . A1AMY B 2 .   ? -1.475  -15.521 -13.551 0.54 25.74  ? 201 A1AMY A C3  1 
HETATM 1117 C  C9  . A1AMY B 2 .   ? 3.635   -11.887 -8.648  0.54 20.74  ? 201 A1AMY A C9  1 
HETATM 1118 F  F   . A1AMY B 2 .   ? -0.741  -11.555 -14.202 0.54 30.09  ? 201 A1AMY A F   1 
HETATM 1119 ZN ZN  . ZN    C 3 .   ? 7.578   8.365   -9.467  1.00 9.58   ? 202 ZN    A ZN  1 
HETATM 1120 S  S   . DMS   D 4 .   ? 12.819  0.538   -9.715  1.00 31.26  ? 203 DMS   A S   1 
HETATM 1121 O  O   . DMS   D 4 .   ? 13.997  -0.372  -10.090 1.00 38.01  ? 203 DMS   A O   1 
HETATM 1122 C  C1  . DMS   D 4 .   ? 12.438  1.460   -11.209 1.00 28.10  ? 203 DMS   A C1  1 
HETATM 1123 C  C2  . DMS   D 4 .   ? 11.438  -0.545  -9.699  1.00 27.69  ? 203 DMS   A C2  1 
HETATM 1124 S  S   . DMS   E 4 .   ? -2.220  5.509   14.054  1.00 33.76  ? 204 DMS   A S   1 
HETATM 1125 O  O   . DMS   E 4 .   ? -3.575  5.193   13.496  1.00 22.60  ? 204 DMS   A O   1 
HETATM 1126 C  C1  . DMS   E 4 .   ? -2.065  7.286   13.875  1.00 34.76  ? 204 DMS   A C1  1 
HETATM 1127 C  C2  . DMS   E 4 .   ? -2.403  5.423   15.827  1.00 31.56  ? 204 DMS   A C2  1 
HETATM 1128 S  S   . DMS   F 4 .   ? -11.331 2.075   -15.341 1.00 35.12  ? 205 DMS   A S   1 
HETATM 1129 O  O   . DMS   F 4 .   ? -12.099 1.302   -14.311 1.00 33.74  ? 205 DMS   A O   1 
HETATM 1130 C  C1  . DMS   F 4 .   ? -10.518 0.864   -16.339 1.00 33.31  ? 205 DMS   A C1  1 
HETATM 1131 C  C2  . DMS   F 4 .   ? -12.513 2.617   -16.546 1.00 34.82  ? 205 DMS   A C2  1 
HETATM 1132 S  S   . DMS   G 4 .   ? -14.028 -5.154  10.260  1.00 61.18  ? 206 DMS   A S   1 
HETATM 1133 O  O   . DMS   G 4 .   ? -13.515 -4.913  11.648  1.00 53.83  ? 206 DMS   A O   1 
HETATM 1134 C  C1  . DMS   G 4 .   ? -15.065 -6.591  10.374  1.00 59.53  ? 206 DMS   A C1  1 
HETATM 1135 C  C2  . DMS   G 4 .   ? -15.317 -3.965  10.009  1.00 57.45  ? 206 DMS   A C2  1 
HETATM 1136 S  S   . SO4   H 5 .   ? -17.843 11.642  8.210   1.00 121.06 ? 207 SO4   A S   1 
HETATM 1137 O  O1  . SO4   H 5 .   ? -17.036 12.828  8.347   1.00 121.16 ? 207 SO4   A O1  1 
HETATM 1138 O  O2  . SO4   H 5 .   ? -17.281 10.578  9.000   1.00 123.61 ? 207 SO4   A O2  1 
HETATM 1139 O  O3  . SO4   H 5 .   ? -17.874 11.243  6.829   1.00 123.40 ? 207 SO4   A O3  1 
HETATM 1140 O  O4  . SO4   H 5 .   ? -19.180 11.918  8.658   1.00 107.19 ? 207 SO4   A O4  1 
HETATM 1141 O  O   . HOH   I 6 .   ? -12.214 -10.782 -4.699  1.00 29.92  ? 301 HOH   A O   1 
HETATM 1142 O  O   . HOH   I 6 .   ? 19.316  -10.872 7.873   1.00 57.29  ? 302 HOH   A O   1 
HETATM 1143 O  O   . HOH   I 6 .   ? -15.673 15.096  7.275   1.00 41.34  ? 303 HOH   A O   1 
HETATM 1144 O  O   . HOH   I 6 .   ? -14.526 2.467   -0.999  1.00 10.72  ? 304 HOH   A O   1 
HETATM 1145 O  O   . HOH   I 6 .   ? -9.060  6.315   10.974  1.00 39.89  ? 305 HOH   A O   1 
HETATM 1146 O  O   . HOH   I 6 .   ? 17.845  -5.576  -1.186  1.00 42.28  ? 306 HOH   A O   1 
HETATM 1147 O  O   . HOH   I 6 .   ? 13.996  1.201   11.038  1.00 48.19  ? 307 HOH   A O   1 
HETATM 1148 O  O   . HOH   I 6 .   ? -2.617  -12.930 -8.199  1.00 20.75  ? 308 HOH   A O   1 
HETATM 1149 O  O   . HOH   I 6 .   ? 16.854  -2.916  8.473   1.00 36.34  ? 309 HOH   A O   1 
HETATM 1150 O  O   . HOH   I 6 .   ? 11.648  -8.057  -4.106  1.00 15.64  ? 310 HOH   A O   1 
HETATM 1151 O  O   . HOH   I 6 .   ? -7.195  -0.791  13.248  1.00 30.11  ? 311 HOH   A O   1 
HETATM 1152 O  O   . HOH   I 6 .   ? -4.940  15.046  -2.626  1.00 33.78  ? 312 HOH   A O   1 
HETATM 1153 O  O   . HOH   I 6 .   ? 15.785  7.624   9.732   1.00 45.32  ? 313 HOH   A O   1 
HETATM 1154 O  O   . HOH   I 6 .   ? 4.961   -11.939 0.001   1.00 26.24  ? 314 HOH   A O   1 
HETATM 1155 O  O   . HOH   I 6 .   ? -9.192  -10.573 -16.149 1.00 21.23  ? 315 HOH   A O   1 
HETATM 1156 O  O   . HOH   I 6 .   ? 7.276   -7.303  -3.324  1.00 19.26  ? 316 HOH   A O   1 
HETATM 1157 O  O   . HOH   I 6 .   ? -6.052  11.240  -2.228  1.00 14.62  ? 317 HOH   A O   1 
HETATM 1158 O  O   . HOH   I 6 .   ? 2.957   1.218   17.335  1.00 19.52  ? 318 HOH   A O   1 
HETATM 1159 O  O   . HOH   I 6 .   ? 3.142   14.679  -10.456 1.00 41.22  ? 319 HOH   A O   1 
HETATM 1160 O  O   . HOH   I 6 .   ? -1.969  2.126   14.943  1.00 16.73  ? 320 HOH   A O   1 
HETATM 1161 O  O   . HOH   I 6 .   ? 2.588   13.307  -4.181  1.00 16.05  ? 321 HOH   A O   1 
HETATM 1162 O  O   . HOH   I 6 .   ? 18.993  -3.594  0.000   1.00 47.69  ? 322 HOH   A O   1 
HETATM 1163 O  O   . HOH   I 6 .   ? 0.041   -11.014 5.183   1.00 30.06  ? 323 HOH   A O   1 
HETATM 1164 O  O   . HOH   I 6 .   ? 15.403  -3.718  -1.720  1.00 21.65  ? 324 HOH   A O   1 
HETATM 1165 O  O   . HOH   I 6 .   ? -20.012 2.428   4.873   1.00 17.15  ? 325 HOH   A O   1 
HETATM 1166 O  O   . HOH   I 6 .   ? -0.708  -6.882  2.554   1.00 11.52  ? 326 HOH   A O   1 
HETATM 1167 O  O   . HOH   I 6 .   ? 2.130   10.003  2.188   1.00 15.41  ? 327 HOH   A O   1 
HETATM 1168 O  O   . HOH   I 6 .   ? -9.734  -6.028  -17.663 1.00 22.25  ? 328 HOH   A O   1 
HETATM 1169 O  O   . HOH   I 6 .   ? -16.446 -8.431  7.453   1.00 44.08  ? 329 HOH   A O   1 
HETATM 1170 O  O   . HOH   I 6 .   ? -4.038  -9.272  10.589  1.00 30.54  ? 330 HOH   A O   1 
HETATM 1171 O  O   . HOH   I 6 .   ? -5.340  -13.720 -8.553  1.00 24.83  ? 331 HOH   A O   1 
HETATM 1172 O  O   . HOH   I 6 .   ? 14.962  -4.672  9.690   1.00 29.49  ? 332 HOH   A O   1 
HETATM 1173 O  O   . HOH   I 6 .   ? -4.521  -12.347 -16.907 1.00 27.58  ? 333 HOH   A O   1 
HETATM 1174 O  O   . HOH   I 6 .   ? -19.737 -0.128  2.507   1.00 31.43  ? 334 HOH   A O   1 
HETATM 1175 O  O   . HOH   I 6 .   ? -9.433  -6.161  10.011  1.00 17.08  ? 335 HOH   A O   1 
HETATM 1176 O  O   . HOH   I 6 .   ? 14.389  4.632   -8.563  1.00 27.44  ? 336 HOH   A O   1 
HETATM 1177 O  O   . HOH   I 6 .   ? 14.301  -2.792  -7.153  1.00 16.59  ? 337 HOH   A O   1 
HETATM 1178 O  O   . HOH   I 6 .   ? 16.916  6.678   -1.278  1.00 23.37  ? 338 HOH   A O   1 
HETATM 1179 O  O   . HOH   I 6 .   ? -14.769 -2.035  -10.136 1.00 30.69  ? 339 HOH   A O   1 
HETATM 1180 O  O   . HOH   I 6 .   ? 8.975   -9.985  8.467   1.00 28.32  ? 340 HOH   A O   1 
HETATM 1181 O  O   . HOH   I 6 .   ? 12.990  -9.860  2.075   1.00 20.10  ? 341 HOH   A O   1 
HETATM 1182 O  O   . HOH   I 6 .   ? -8.541  4.211   -14.835 1.00 18.54  ? 342 HOH   A O   1 
HETATM 1183 O  O   . HOH   I 6 .   ? -1.500  -12.360 5.652   1.00 26.36  ? 343 HOH   A O   1 
HETATM 1184 O  O   . HOH   I 6 .   ? 7.328   -7.162  18.210  1.00 19.70  ? 344 HOH   A O   1 
HETATM 1185 O  O   . HOH   I 6 .   ? 4.433   -13.684 8.132   1.00 23.17  ? 345 HOH   A O   1 
HETATM 1186 O  O   . HOH   I 6 .   ? -6.771  1.641   -15.996 1.00 22.07  ? 346 HOH   A O   1 
HETATM 1187 O  O   . HOH   I 6 .   ? -0.493  15.196  -0.619  1.00 27.22  ? 347 HOH   A O   1 
HETATM 1188 O  O   . HOH   I 6 .   ? -15.533 8.506   0.284   1.00 16.11  ? 348 HOH   A O   1 
HETATM 1189 O  O   . HOH   I 6 .   ? 3.937   12.245  5.022   1.00 25.62  ? 349 HOH   A O   1 
HETATM 1190 O  O   . HOH   I 6 .   ? -1.321  8.720   10.333  1.00 40.44  ? 350 HOH   A O   1 
HETATM 1191 O  O   . HOH   I 6 .   ? 4.424   10.825  -0.676  1.00 12.00  ? 351 HOH   A O   1 
HETATM 1192 O  O   . HOH   I 6 .   ? -2.215  -11.109 12.949  1.00 20.81  ? 352 HOH   A O   1 
HETATM 1193 O  O   . HOH   I 6 .   ? 6.589   -11.963 8.709   1.00 24.45  ? 353 HOH   A O   1 
HETATM 1194 O  O   . HOH   I 6 .   ? -7.891  -7.640  2.477   1.00 15.01  ? 354 HOH   A O   1 
HETATM 1195 O  O   . HOH   I 6 .   ? 16.698  -0.248  4.208   1.00 33.83  ? 355 HOH   A O   1 
HETATM 1196 O  O   . HOH   I 6 .   ? 7.272   -6.401  -7.766  1.00 29.03  ? 356 HOH   A O   1 
HETATM 1197 O  O   . HOH   I 6 .   ? 11.690  3.027   -14.497 1.00 20.98  ? 357 HOH   A O   1 
HETATM 1198 O  O   . HOH   I 6 .   ? 4.943   -8.691  -10.112 1.00 17.36  ? 358 HOH   A O   1 
HETATM 1199 O  O   . HOH   I 6 .   ? -7.808  7.221   -12.266 1.00 9.63   ? 359 HOH   A O   1 
HETATM 1200 O  O   . HOH   I 6 .   ? -18.183 7.660   0.096   1.00 15.67  ? 360 HOH   A O   1 
HETATM 1201 O  O   . HOH   I 6 .   ? -17.729 -3.561  7.745   1.00 25.24  ? 361 HOH   A O   1 
HETATM 1202 O  O   . HOH   I 6 .   ? -2.066  -8.795  -5.091  1.00 14.53  ? 362 HOH   A O   1 
HETATM 1203 O  O   . HOH   I 6 .   ? -13.200 -0.921  -7.161  1.00 14.61  ? 363 HOH   A O   1 
HETATM 1204 O  O   . HOH   I 6 .   ? -15.023 3.910   12.292  1.00 23.84  ? 364 HOH   A O   1 
HETATM 1205 O  O   . HOH   I 6 .   ? 14.199  1.959   -1.792  1.00 14.38  ? 365 HOH   A O   1 
HETATM 1206 O  O   . HOH   I 6 .   ? 0.268   -11.761 17.501  1.00 17.33  ? 366 HOH   A O   1 
HETATM 1207 O  O   . HOH   I 6 .   ? -3.943  -6.961  -6.148  1.00 9.62   ? 367 HOH   A O   1 
HETATM 1208 O  O   . HOH   I 6 .   ? 4.735   12.076  -3.041  1.00 12.41  ? 368 HOH   A O   1 
HETATM 1209 O  O   . HOH   I 6 .   ? -15.628 -5.195  1.406   1.00 23.73  ? 369 HOH   A O   1 
HETATM 1210 O  O   . HOH   I 6 .   ? -14.111 3.691   -3.131  1.00 14.21  ? 370 HOH   A O   1 
HETATM 1211 O  O   . HOH   I 6 .   ? -3.159  4.614   3.514   1.00 12.74  ? 371 HOH   A O   1 
HETATM 1212 O  O   . HOH   I 6 .   ? -5.048  4.786   -17.597 1.00 38.95  ? 372 HOH   A O   1 
HETATM 1213 O  O   . HOH   I 6 .   ? -14.094 1.865   -12.231 1.00 14.18  ? 373 HOH   A O   1 
HETATM 1214 O  O   . HOH   I 6 .   ? 11.167  0.198   15.398  1.00 31.52  ? 374 HOH   A O   1 
HETATM 1215 O  O   . HOH   I 6 .   ? 10.018  -7.931  18.614  1.00 22.58  ? 375 HOH   A O   1 
HETATM 1216 O  O   . HOH   I 6 .   ? -15.101 -3.545  -5.628  1.00 26.64  ? 376 HOH   A O   1 
HETATM 1217 O  O   . HOH   I 6 .   ? -8.282  -8.209  8.286   1.00 32.76  ? 377 HOH   A O   1 
HETATM 1218 O  O   . HOH   I 6 .   ? 1.096   4.729   14.626  1.00 27.46  ? 378 HOH   A O   1 
HETATM 1219 O  O   . HOH   I 6 .   ? -11.686 -10.440 -1.943  1.00 15.99  ? 379 HOH   A O   1 
HETATM 1220 O  O   . HOH   I 6 .   ? -16.264 -1.052  0.563   1.00 20.98  ? 380 HOH   A O   1 
HETATM 1221 O  O   . HOH   I 6 .   ? -3.066  -7.320  12.013  1.00 21.25  ? 381 HOH   A O   1 
HETATM 1222 O  O   . HOH   I 6 .   ? 20.600  -6.385  -1.343  1.00 34.70  ? 382 HOH   A O   1 
HETATM 1223 O  O   . HOH   I 6 .   ? -7.685  3.297   13.880  1.00 29.70  ? 383 HOH   A O   1 
HETATM 1224 O  O   . HOH   I 6 .   ? 9.851   -4.326  -7.781  1.00 33.68  ? 384 HOH   A O   1 
HETATM 1225 O  O   . HOH   I 6 .   ? 19.615  -11.319 1.521   1.00 21.66  ? 385 HOH   A O   1 
HETATM 1226 O  O   . HOH   I 6 .   ? 1.212   11.535  -5.739  1.00 13.65  ? 386 HOH   A O   1 
HETATM 1227 O  O   . HOH   I 6 .   ? -8.546  0.125   4.013   1.00 12.53  ? 387 HOH   A O   1 
HETATM 1228 O  O   . HOH   I 6 .   ? -5.636  -11.234 0.381   1.00 18.72  ? 388 HOH   A O   1 
HETATM 1229 O  O   . HOH   I 6 .   ? 2.916   -7.072  -3.543  1.00 16.14  ? 389 HOH   A O   1 
HETATM 1230 O  O   . HOH   I 6 .   ? 8.972   -4.779  17.987  1.00 31.84  ? 390 HOH   A O   1 
HETATM 1231 O  O   . HOH   I 6 .   ? -16.519 6.357   -6.433  1.00 15.06  ? 391 HOH   A O   1 
HETATM 1232 O  O   . HOH   I 6 .   ? -1.322  -7.277  -16.971 1.00 18.53  ? 392 HOH   A O   1 
HETATM 1233 O  O   . HOH   I 6 .   ? 6.676   18.125  -4.944  1.00 27.42  ? 393 HOH   A O   1 
HETATM 1234 O  O   . HOH   I 6 .   ? -14.585 0.999   0.979   1.00 15.06  ? 394 HOH   A O   1 
HETATM 1235 O  O   . HOH   I 6 .   ? 9.020   10.639  -1.698  1.00 10.72  ? 395 HOH   A O   1 
HETATM 1236 O  O   . HOH   I 6 .   ? 2.467   -3.049  -10.305 1.00 16.90  ? 396 HOH   A O   1 
HETATM 1237 O  O   . HOH   I 6 .   ? 6.097   9.990   7.273   1.00 21.11  ? 397 HOH   A O   1 
HETATM 1238 O  O   . HOH   I 6 .   ? -0.054  4.971   3.764   1.00 10.29  ? 398 HOH   A O   1 
HETATM 1239 O  O   . HOH   I 6 .   ? -5.292  -3.171  10.915  1.00 13.96  ? 399 HOH   A O   1 
HETATM 1240 O  O   . HOH   I 6 .   ? -11.962 3.787   -1.258  1.00 14.79  ? 400 HOH   A O   1 
HETATM 1241 O  O   . HOH   I 6 .   ? -5.817  15.358  3.487   1.00 29.67  ? 401 HOH   A O   1 
HETATM 1242 O  O   . HOH   I 6 .   ? -18.731 -1.304  -4.897  1.00 28.87  ? 402 HOH   A O   1 
HETATM 1243 O  O   . HOH   I 6 .   ? 8.691   13.796  -8.644  1.00 15.25  ? 403 HOH   A O   1 
HETATM 1244 O  O   . HOH   I 6 .   ? -17.418 5.477   -1.695  1.00 15.64  ? 404 HOH   A O   1 
HETATM 1245 O  O   . HOH   I 6 .   ? -13.041 1.278   5.399   1.00 12.92  ? 405 HOH   A O   1 
HETATM 1246 O  O   . HOH   I 6 .   ? -3.938  15.142  -5.825  1.00 16.77  ? 406 HOH   A O   1 
HETATM 1247 O  O   . HOH   I 6 .   ? -12.921 6.411   -0.452  1.00 13.70  ? 407 HOH   A O   1 
HETATM 1248 O  O   . HOH   I 6 .   ? 2.770   -15.741 11.808  1.00 18.14  ? 408 HOH   A O   1 
HETATM 1249 O  O   . HOH   I 6 .   ? 12.741  -7.164  2.277   1.00 18.87  ? 409 HOH   A O   1 
HETATM 1250 O  O   . HOH   I 6 .   ? -4.029  -3.210  -18.614 1.00 20.82  ? 410 HOH   A O   1 
HETATM 1251 O  O   . HOH   I 6 .   ? -12.205 -9.484  7.230   1.00 30.86  ? 411 HOH   A O   1 
HETATM 1252 O  O   . HOH   I 6 .   ? 16.993  -2.511  5.721   1.00 32.01  ? 412 HOH   A O   1 
HETATM 1253 O  O   . HOH   I 6 .   ? -15.448 -8.619  -10.089 1.00 16.90  ? 413 HOH   A O   1 
HETATM 1254 O  O   . HOH   I 6 .   ? -10.471 2.434   5.730   1.00 19.19  ? 414 HOH   A O   1 
HETATM 1255 O  O   . HOH   I 6 .   ? 0.796   -12.616 -1.801  1.00 31.82  ? 415 HOH   A O   1 
HETATM 1256 O  O   . HOH   I 6 .   ? 2.846   12.173  -12.675 1.00 22.86  ? 416 HOH   A O   1 
HETATM 1257 O  O   . HOH   I 6 .   ? -2.877  12.084  4.684   1.00 17.30  ? 417 HOH   A O   1 
HETATM 1258 O  O   . HOH   I 6 .   ? 10.037  -12.299 17.876  1.00 24.96  ? 418 HOH   A O   1 
HETATM 1259 O  O   . HOH   I 6 .   ? -3.834  -11.372 -3.851  1.00 26.75  ? 419 HOH   A O   1 
HETATM 1260 O  O   . HOH   I 6 .   ? -0.302  5.337   -15.948 1.00 25.96  ? 420 HOH   A O   1 
HETATM 1261 O  O   . HOH   I 6 .   ? -14.678 -11.199 -8.359  1.00 14.71  ? 421 HOH   A O   1 
HETATM 1262 O  O   . HOH   I 6 .   ? 7.116   -13.271 3.680   1.00 35.55  ? 422 HOH   A O   1 
HETATM 1263 O  O   . HOH   I 6 .   ? -11.332 -0.511  3.816   1.00 12.93  ? 423 HOH   A O   1 
HETATM 1264 O  O   . HOH   I 6 .   ? -10.451 -8.868  -17.673 1.00 23.15  ? 424 HOH   A O   1 
HETATM 1265 O  O   . HOH   I 6 .   ? -12.477 -4.785  -14.575 1.00 24.38  ? 425 HOH   A O   1 
HETATM 1266 O  O   . HOH   I 6 .   ? -2.675  17.079  -7.935  1.00 36.66  ? 426 HOH   A O   1 
HETATM 1267 O  O   . HOH   I 6 .   ? 11.853  12.488  -11.968 1.00 30.38  ? 427 HOH   A O   1 
HETATM 1268 O  O   . HOH   I 6 .   ? 18.298  2.397   -0.377  1.00 44.42  ? 428 HOH   A O   1 
HETATM 1269 O  O   . HOH   I 6 .   ? 11.230  -1.860  -7.314  1.00 20.17  ? 429 HOH   A O   1 
HETATM 1270 O  O   . HOH   I 6 .   ? 16.591  0.592   -8.130  1.00 32.25  ? 430 HOH   A O   1 
HETATM 1271 O  O   . HOH   I 6 .   ? -8.023  0.906   -13.656 1.00 14.65  ? 431 HOH   A O   1 
HETATM 1272 O  O   . HOH   I 6 .   ? 7.188   6.625   9.964   1.00 25.54  ? 432 HOH   A O   1 
HETATM 1273 O  O   . HOH   I 6 .   ? 7.467   1.400   -13.588 1.00 22.75  ? 433 HOH   A O   1 
HETATM 1274 O  O   . HOH   I 6 .   ? 8.928   -0.813  -10.960 1.00 34.34  ? 434 HOH   A O   1 
HETATM 1275 O  O   . HOH   I 6 .   ? 13.469  -13.123 4.782   1.00 27.67  ? 435 HOH   A O   1 
HETATM 1276 O  O   . HOH   I 6 .   ? 1.963   -10.886 2.261   1.00 20.70  ? 436 HOH   A O   1 
HETATM 1277 O  O   . HOH   I 6 .   ? 2.385   8.358   9.374   1.00 22.32  ? 437 HOH   A O   1 
HETATM 1278 O  O   . HOH   I 6 .   ? -9.031  -1.568  -13.061 1.00 11.64  ? 438 HOH   A O   1 
HETATM 1279 O  O   . HOH   I 6 .   ? 8.697   16.482  -8.631  1.00 25.64  ? 439 HOH   A O   1 
HETATM 1280 O  O   . HOH   I 6 .   ? 13.085  8.216   -6.684  1.00 15.13  ? 440 HOH   A O   1 
HETATM 1281 O  O   . HOH   I 6 .   ? -12.301 7.695   11.258  1.00 24.13  ? 441 HOH   A O   1 
HETATM 1282 O  O   . HOH   I 6 .   ? -6.629  6.230   -14.523 1.00 15.54  ? 442 HOH   A O   1 
HETATM 1283 O  O   . HOH   I 6 .   ? -9.921  -3.379  -1.546  1.00 15.68  ? 443 HOH   A O   1 
HETATM 1284 O  O   . HOH   I 6 .   ? 20.290  -9.164  5.166   1.00 36.87  ? 444 HOH   A O   1 
HETATM 1285 O  O   . HOH   I 6 .   ? -9.968  -8.818  4.067   1.00 28.65  ? 445 HOH   A O   1 
HETATM 1286 O  O   . HOH   I 6 .   ? -14.333 -10.202 -0.829  1.00 23.94  ? 446 HOH   A O   1 
HETATM 1287 O  O   . HOH   I 6 .   ? 15.816  8.008   2.492   1.00 21.53  ? 447 HOH   A O   1 
HETATM 1288 O  O   . HOH   I 6 .   ? -18.151 5.572   10.769  1.00 34.58  ? 448 HOH   A O   1 
HETATM 1289 O  O   . HOH   I 6 .   ? -19.041 1.283   9.504   1.00 17.45  ? 449 HOH   A O   1 
HETATM 1290 O  O   . HOH   I 6 .   ? -1.048  -14.883 11.678  1.00 22.41  ? 450 HOH   A O   1 
HETATM 1291 O  O   . HOH   I 6 .   ? -15.757 -1.390  -7.520  1.00 19.83  ? 451 HOH   A O   1 
HETATM 1292 O  O   . HOH   I 6 .   ? 1.311   -12.775 4.747   1.00 28.56  ? 452 HOH   A O   1 
HETATM 1293 O  O   . HOH   I 6 .   ? -15.142 4.578   -0.041  1.00 13.70  ? 453 HOH   A O   1 
HETATM 1294 O  O   . HOH   I 6 .   ? -0.629  -9.720  2.402   1.00 14.47  ? 454 HOH   A O   1 
HETATM 1295 O  O   . HOH   I 6 .   ? 1.930   -6.691  -6.972  1.00 14.39  ? 455 HOH   A O   1 
HETATM 1296 O  O   . HOH   I 6 .   ? 4.749   2.050   15.319  1.00 16.74  ? 456 HOH   A O   1 
HETATM 1297 O  O   . HOH   I 6 .   ? 7.230   1.828   16.153  1.00 25.65  ? 457 HOH   A O   1 
HETATM 1298 O  O   . HOH   I 6 .   ? 6.452   -15.206 19.083  1.00 25.18  ? 458 HOH   A O   1 
HETATM 1299 O  O   . HOH   I 6 .   ? 4.221   -10.128 -2.142  1.00 19.63  ? 459 HOH   A O   1 
HETATM 1300 O  O   . HOH   I 6 .   ? 3.404   -6.349  -9.453  1.00 16.37  ? 460 HOH   A O   1 
HETATM 1301 O  O   . HOH   I 6 .   ? -12.200 -0.479  1.035   1.00 11.53  ? 461 HOH   A O   1 
HETATM 1302 O  O   . HOH   I 6 .   ? 5.361   6.580   -13.884 1.00 22.33  ? 462 HOH   A O   1 
HETATM 1303 O  O   . HOH   I 6 .   ? 11.779  -9.582  -2.847  1.00 24.31  ? 463 HOH   A O   1 
HETATM 1304 O  O   . HOH   I 6 .   ? 12.195  -13.058 7.273   1.00 31.94  ? 464 HOH   A O   1 
HETATM 1305 O  O   . HOH   I 6 .   ? 10.588  9.617   6.747   1.00 17.48  ? 465 HOH   A O   1 
HETATM 1306 O  O   . HOH   I 6 .   ? 19.265  -3.400  4.805   1.00 40.54  ? 466 HOH   A O   1 
HETATM 1307 O  O   . HOH   I 6 .   ? -4.273  -19.067 -10.372 1.00 37.62  ? 467 HOH   A O   1 
HETATM 1308 O  O   . HOH   I 6 .   ? -2.630  7.074   -16.592 1.00 33.72  ? 468 HOH   A O   1 
HETATM 1309 O  O   . HOH   I 6 .   ? -1.072  -9.978  -16.461 1.00 25.98  ? 469 HOH   A O   1 
HETATM 1310 O  O   . HOH   I 6 .   ? -9.987  -11.105 1.042   1.00 24.42  ? 470 HOH   A O   1 
HETATM 1311 O  O   . HOH   I 6 .   ? -0.811  12.571  3.216   1.00 29.93  ? 471 HOH   A O   1 
HETATM 1312 O  O   . HOH   I 6 .   ? -20.787 2.854   -0.606  1.00 33.83  ? 472 HOH   A O   1 
HETATM 1313 O  O   . HOH   I 6 .   ? 15.193  9.542   6.901   1.00 24.10  ? 473 HOH   A O   1 
HETATM 1314 O  O   . HOH   I 6 .   ? 12.750  -11.607 11.224  1.00 46.60  ? 474 HOH   A O   1 
HETATM 1315 O  O   . HOH   I 6 .   ? -16.782 2.166   -1.529  1.00 21.01  ? 475 HOH   A O   1 
HETATM 1316 O  O   . HOH   I 6 .   ? -12.421 -2.975  -0.255  1.00 18.71  ? 476 HOH   A O   1 
HETATM 1317 O  O   . HOH   I 6 .   ? -9.988  3.897   12.484  1.00 25.69  ? 477 HOH   A O   1 
HETATM 1318 O  O   . HOH   I 6 .   ? 6.132   7.978   -16.247 1.00 36.87  ? 478 HOH   A O   1 
HETATM 1319 O  O   . HOH   I 6 .   ? -3.177  -13.060 7.356   1.00 51.03  ? 479 HOH   A O   1 
HETATM 1320 O  O   . HOH   I 6 .   ? -14.023 -0.779  -12.384 1.00 27.81  ? 480 HOH   A O   1 
HETATM 1321 O  O   . HOH   I 6 .   ? -17.832 16.249  8.421   1.00 39.02  ? 481 HOH   A O   1 
HETATM 1322 O  O   . HOH   I 6 .   ? 8.331   8.771   7.999   1.00 21.64  ? 482 HOH   A O   1 
HETATM 1323 O  O   . HOH   I 6 .   ? -4.316  -11.892 9.298   1.00 48.83  ? 483 HOH   A O   1 
HETATM 1324 O  O   . HOH   I 6 .   ? 7.261   12.839  -10.871 1.00 19.23  ? 484 HOH   A O   1 
HETATM 1325 O  O   . HOH   I 6 .   ? -7.616  9.138   10.558  1.00 41.32  ? 485 HOH   A O   1 
HETATM 1326 O  O   . HOH   I 6 .   ? 3.309   -14.291 5.663   1.00 34.41  ? 486 HOH   A O   1 
HETATM 1327 O  O   . HOH   I 6 .   ? 20.787  -11.080 3.845   1.00 35.49  ? 487 HOH   A O   1 
HETATM 1328 O  O   . HOH   I 6 .   ? -5.139  10.254  10.518  1.00 33.02  ? 488 HOH   A O   1 
HETATM 1329 O  O   . HOH   I 6 .   ? -10.887 -2.637  -14.790 1.00 21.28  ? 489 HOH   A O   1 
HETATM 1330 O  O   . HOH   I 6 .   ? 12.731  9.224   8.147   1.00 21.45  ? 490 HOH   A O   1 
HETATM 1331 O  O   . HOH   I 6 .   ? -3.798  -19.104 -13.243 1.00 50.37  ? 491 HOH   A O   1 
HETATM 1332 O  O   . HOH   I 6 .   ? -4.685  -18.149 -15.308 1.00 35.70  ? 492 HOH   A O   1 
HETATM 1333 O  O   . HOH   I 6 .   ? -15.580 -9.020  -3.241  1.00 23.61  ? 493 HOH   A O   1 
HETATM 1334 O  O   . HOH   I 6 .   ? 17.563  -1.452  -9.580  1.00 26.57  ? 494 HOH   A O   1 
HETATM 1335 O  O   . HOH   I 6 .   ? 5.115   14.329  -11.757 1.00 33.59  ? 495 HOH   A O   1 
HETATM 1336 O  O   . HOH   I 6 .   ? -7.555  -10.351 1.920   1.00 26.27  ? 496 HOH   A O   1 
HETATM 1337 O  O   . HOH   I 6 .   ? -14.559 6.435   12.467  1.00 29.95  ? 497 HOH   A O   1 
HETATM 1338 O  O   . HOH   I 6 .   ? 8.216   6.686   12.288  1.00 36.79  ? 498 HOH   A O   1 
HETATM 1339 O  O   . HOH   I 6 .   ? -19.277 0.621   -9.699  1.00 41.91  ? 499 HOH   A O   1 
HETATM 1340 O  O   . HOH   I 6 .   ? 14.966  3.641   10.609  1.00 42.14  ? 500 HOH   A O   1 
HETATM 1341 O  O   . HOH   I 6 .   ? 5.043   8.152   9.748   1.00 40.74  ? 501 HOH   A O   1 
HETATM 1342 O  O   . HOH   I 6 .   ? 19.117  -14.657 4.248   1.00 52.64  ? 502 HOH   A O   1 
HETATM 1343 O  O   . HOH   I 6 .   ? 12.252  -11.094 -0.655  1.00 27.08  ? 503 HOH   A O   1 
HETATM 1344 O  O   . HOH   I 6 .   ? 2.865   12.584  0.592   1.00 23.30  ? 504 HOH   A O   1 
HETATM 1345 O  O   . HOH   I 6 .   ? 8.947   13.157  -12.792 1.00 37.41  ? 505 HOH   A O   1 
HETATM 1346 O  O   . HOH   I 6 .   ? 11.622  -11.947 3.372   1.00 26.41  ? 506 HOH   A O   1 
HETATM 1347 O  O   . HOH   I 6 .   ? -15.606 6.103   -3.737  1.00 14.85  ? 507 HOH   A O   1 
HETATM 1348 O  O   . HOH   I 6 .   ? -16.181 -4.146  -2.766  1.00 28.61  ? 508 HOH   A O   1 
HETATM 1349 O  O   . HOH   I 6 .   ? -14.967 -3.336  -0.478  1.00 24.10  ? 509 HOH   A O   1 
HETATM 1350 O  O   . HOH   I 6 .   ? 1.754   14.715  -1.760  1.00 25.46  ? 510 HOH   A O   1 
HETATM 1351 O  O   . HOH   I 6 .   ? -11.144 -14.243 3.471   1.00 39.77  ? 511 HOH   A O   1 
HETATM 1352 O  O   . HOH   I 6 .   ? -14.274 8.114   -2.252  1.00 12.81  ? 512 HOH   A O   1 
HETATM 1353 O  O   . HOH   I 6 .   ? -6.985  -5.210  11.323  1.00 19.41  ? 513 HOH   A O   1 
HETATM 1354 O  O   . HOH   I 6 .   ? 9.417   -11.867 4.977   1.00 35.22  ? 514 HOH   A O   1 
HETATM 1355 O  O   . HOH   I 6 .   ? -18.229 -0.223  -0.973  1.00 31.83  ? 515 HOH   A O   1 
HETATM 1356 O  O   . HOH   I 6 .   ? -10.656 -2.475  -17.571 1.00 32.48  ? 516 HOH   A O   1 
HETATM 1357 O  O   . HOH   I 6 .   ? -2.283  -11.774 3.204   1.00 20.64  ? 517 HOH   A O   1 
HETATM 1358 O  O   . HOH   I 6 .   ? 14.313  -3.906  12.233  1.00 39.45  ? 518 HOH   A O   1 
HETATM 1359 O  O   . HOH   I 6 .   ? -6.674  -14.196 -16.856 1.00 28.80  ? 519 HOH   A O   1 
HETATM 1360 O  O   . HOH   I 6 .   ? -20.874 2.352   7.620   1.00 29.67  ? 520 HOH   A O   1 
HETATM 1361 O  O   . HOH   I 6 .   ? -21.681 0.636   3.928   1.00 37.41  ? 521 HOH   A O   1 
HETATM 1362 O  O   . HOH   I 6 .   ? -18.469 -2.503  -2.783  1.00 27.73  ? 522 HOH   A O   1 
HETATM 1363 O  O   . HOH   I 6 .   ? 14.510  6.550   11.449  1.00 38.77  ? 523 HOH   A O   1 
HETATM 1364 O  O   . HOH   I 6 .   ? -7.143  0.294   -18.319 1.00 31.59  ? 524 HOH   A O   1 
HETATM 1365 O  O   . HOH   I 6 .   ? -20.434 0.559   0.202   1.00 28.22  ? 525 HOH   A O   1 
HETATM 1366 O  O   . HOH   I 6 .   ? 14.702  6.381   -15.446 1.00 45.57  ? 526 HOH   A O   1 
HETATM 1367 O  O   . HOH   I 6 .   ? -4.914  -12.550 2.547   1.00 26.71  ? 527 HOH   A O   1 
HETATM 1368 O  O   . HOH   I 6 .   ? 9.032   -14.181 18.953  1.00 31.82  ? 528 HOH   A O   1 
HETATM 1369 O  O   . HOH   I 6 .   ? 12.745  8.441   10.705  1.00 29.35  ? 529 HOH   A O   1 
HETATM 1370 O  O   . HOH   I 6 .   ? -5.667  -1.169  -19.435 1.00 36.82  ? 530 HOH   A O   1 
HETATM 1371 O  O   . HOH   I 6 .   ? -11.061 13.410  9.721   1.00 53.61  ? 531 HOH   A O   1 
HETATM 1372 O  O   . HOH   I 6 .   ? -6.854  -3.439  -19.585 1.00 48.28  ? 532 HOH   A O   1 
HETATM 1373 O  O   . HOH   I 6 .   ? -9.590  11.459  10.906  1.00 42.81  ? 533 HOH   A O   1 
HETATM 1374 O  O   . HOH   I 6 .   ? 25.830  -10.480 1.603   1.00 55.02  ? 534 HOH   A O   1 
HETATM 1375 O  O   . HOH   I 6 .   ? -7.380  -12.239 3.742   1.00 25.95  ? 535 HOH   A O   1 
HETATM 1376 O  O   . HOH   I 6 .   ? -8.494  15.461  11.113  1.00 41.02  ? 536 HOH   A O   1 
# 
